data_3MP4
#
_entry.id   3MP4
#
_cell.length_a   196.490
_cell.length_b   116.620
_cell.length_c   86.980
_cell.angle_alpha   90.00
_cell.angle_beta   112.80
_cell.angle_gamma   90.00
#
_symmetry.space_group_name_H-M   'C 1 2 1'
#
loop_
_entity.id
_entity.type
_entity.pdbx_description
1 polymer 'Hydroxymethylglutaryl-CoA lyase'
2 water water
#
_entity_poly.entity_id   1
_entity_poly.type   'polypeptide(L)'
_entity_poly.pdbx_seq_one_letter_code
;TLPKRVKIVEVGPMDGLQNEKNIVSTPVKIKLIDMLSEAGLSVIETTSFVSPKWVPQMGDHTEVLKGIQKFPGINYPVLT
PNLKGFEAAVAAGAKEVVIFGAASELFTKKNINCSIEESFQRFDAILKAAQSANISVRGYVSCALGCPYEGKISPAKVAE
VTKKFYSMGCYEISLGDTIGVGTPGIMKDMLSAVMQEVPLAALAVHCHDTYGQALANTLMALQMGVSVVDSSVAGLGGCP
YAQGASGNLATEDLVYMLEGLGIHTGVNLQKLLEAGNFICQALNRKTSSKVAQATCKL
;
_entity_poly.pdbx_strand_id   A,B,C,D,E,F
#
# COMPACT_ATOMS: atom_id res chain seq x y z
N THR A 1 -18.87 -18.02 -9.51
CA THR A 1 -17.48 -18.55 -9.29
C THR A 1 -17.28 -18.71 -7.79
N LEU A 2 -16.01 -18.69 -7.37
CA LEU A 2 -15.68 -18.82 -5.96
C LEU A 2 -15.70 -17.48 -5.24
N PRO A 3 -16.02 -17.49 -3.94
CA PRO A 3 -16.04 -16.23 -3.21
C PRO A 3 -14.58 -15.76 -3.06
N LYS A 4 -14.39 -14.46 -2.86
CA LYS A 4 -13.04 -13.92 -2.70
C LYS A 4 -12.59 -14.15 -1.26
N ARG A 5 -13.55 -14.38 -0.38
CA ARG A 5 -13.25 -14.62 1.02
C ARG A 5 -14.22 -15.56 1.68
N VAL A 6 -13.70 -16.33 2.62
CA VAL A 6 -14.52 -17.29 3.33
C VAL A 6 -14.44 -17.06 4.82
N LYS A 7 -15.58 -17.22 5.48
CA LYS A 7 -15.66 -17.08 6.92
C LYS A 7 -15.61 -18.50 7.45
N ILE A 8 -14.49 -18.87 8.08
CA ILE A 8 -14.37 -20.19 8.64
C ILE A 8 -14.93 -20.19 10.04
N VAL A 9 -15.82 -21.12 10.32
CA VAL A 9 -16.40 -21.22 11.65
C VAL A 9 -15.73 -22.42 12.28
N GLU A 10 -14.92 -22.15 13.31
CA GLU A 10 -14.16 -23.17 14.01
C GLU A 10 -15.00 -23.86 15.08
N VAL A 11 -15.13 -25.17 14.98
CA VAL A 11 -15.95 -25.90 15.93
C VAL A 11 -15.20 -26.88 16.82
N GLY A 12 -13.88 -26.93 16.70
CA GLY A 12 -13.10 -27.86 17.52
C GLY A 12 -13.41 -27.91 19.01
N PRO A 13 -13.44 -26.77 19.72
CA PRO A 13 -13.72 -26.78 21.16
C PRO A 13 -15.15 -27.17 21.54
N MET A 14 -16.05 -27.14 20.58
CA MET A 14 -17.45 -27.49 20.84
C MET A 14 -17.83 -28.84 20.20
N ASP A 15 -18.09 -28.84 18.90
CA ASP A 15 -18.45 -30.05 18.17
C ASP A 15 -17.32 -31.08 18.26
N GLY A 16 -16.09 -30.62 18.19
CA GLY A 16 -14.97 -31.53 18.27
C GLY A 16 -14.78 -32.18 19.62
N LEU A 17 -14.63 -31.38 20.66
CA LEU A 17 -14.41 -31.90 22.01
C LEU A 17 -15.53 -32.79 22.53
N GLN A 18 -16.77 -32.44 22.19
CA GLN A 18 -17.91 -33.22 22.64
C GLN A 18 -17.84 -34.65 22.11
N ASN A 19 -17.37 -34.79 20.87
CA ASN A 19 -17.26 -36.08 20.23
C ASN A 19 -15.87 -36.71 20.31
N GLU A 20 -15.16 -36.41 21.39
CA GLU A 20 -13.82 -36.97 21.55
C GLU A 20 -13.82 -37.90 22.78
N LYS A 21 -13.15 -39.05 22.66
CA LYS A 21 -13.09 -40.05 23.74
C LYS A 21 -12.59 -39.51 25.09
N ASN A 22 -11.36 -39.00 25.10
CA ASN A 22 -10.80 -38.46 26.33
C ASN A 22 -11.31 -37.05 26.55
N ILE A 23 -11.18 -36.57 27.78
CA ILE A 23 -11.62 -35.22 28.10
C ILE A 23 -10.44 -34.40 28.59
N VAL A 24 -10.56 -33.09 28.44
CA VAL A 24 -9.52 -32.19 28.89
C VAL A 24 -10.10 -31.22 29.91
N SER A 25 -9.25 -30.79 30.82
CA SER A 25 -9.61 -29.88 31.89
C SER A 25 -10.14 -28.55 31.34
N THR A 26 -10.72 -27.74 32.23
CA THR A 26 -11.24 -26.43 31.85
C THR A 26 -10.13 -25.50 31.36
N PRO A 27 -8.98 -25.46 32.07
CA PRO A 27 -7.94 -24.56 31.57
C PRO A 27 -7.45 -24.92 30.18
N VAL A 28 -7.35 -26.21 29.88
CA VAL A 28 -6.92 -26.64 28.55
C VAL A 28 -7.90 -26.10 27.51
N LYS A 29 -9.20 -26.25 27.77
CA LYS A 29 -10.21 -25.74 26.82
C LYS A 29 -10.03 -24.24 26.62
N ILE A 30 -9.83 -23.52 27.72
CA ILE A 30 -9.65 -22.07 27.62
C ILE A 30 -8.44 -21.72 26.78
N LYS A 31 -7.33 -22.40 27.03
CA LYS A 31 -6.10 -22.14 26.29
C LYS A 31 -6.30 -22.44 24.79
N LEU A 32 -6.93 -23.57 24.49
CA LEU A 32 -7.20 -23.96 23.11
C LEU A 32 -7.96 -22.85 22.39
N ILE A 33 -9.00 -22.34 23.03
CA ILE A 33 -9.79 -21.27 22.43
C ILE A 33 -8.95 -20.01 22.25
N ASP A 34 -8.15 -19.65 23.26
CA ASP A 34 -7.29 -18.46 23.14
C ASP A 34 -6.33 -18.65 21.98
N MET A 35 -5.80 -19.86 21.85
CA MET A 35 -4.89 -20.13 20.74
C MET A 35 -5.58 -19.99 19.37
N LEU A 36 -6.87 -20.31 19.29
CA LEU A 36 -7.58 -20.19 18.02
C LEU A 36 -7.81 -18.72 17.70
N SER A 37 -8.13 -17.93 18.72
CA SER A 37 -8.34 -16.49 18.53
C SER A 37 -7.02 -15.90 18.03
N GLU A 38 -5.92 -16.32 18.65
CA GLU A 38 -4.61 -15.83 18.24
C GLU A 38 -4.30 -16.21 16.81
N ALA A 39 -4.80 -17.37 16.37
CA ALA A 39 -4.57 -17.83 15.00
C ALA A 39 -5.36 -17.00 13.95
N GLY A 40 -6.28 -16.16 14.41
CA GLY A 40 -7.03 -15.35 13.46
C GLY A 40 -8.48 -15.75 13.14
N LEU A 41 -8.95 -16.88 13.68
CA LEU A 41 -10.33 -17.29 13.39
C LEU A 41 -11.30 -16.20 13.81
N SER A 42 -12.29 -15.90 12.96
CA SER A 42 -13.28 -14.87 13.27
C SER A 42 -14.45 -15.41 14.11
N VAL A 43 -14.68 -16.70 14.07
CA VAL A 43 -15.73 -17.29 14.88
C VAL A 43 -15.26 -18.64 15.43
N ILE A 44 -15.41 -18.80 16.73
CA ILE A 44 -14.97 -20.00 17.43
C ILE A 44 -16.13 -20.49 18.29
N GLU A 45 -16.72 -21.62 17.93
CA GLU A 45 -17.81 -22.18 18.70
C GLU A 45 -17.16 -22.56 20.03
N THR A 46 -17.63 -21.96 21.11
CA THR A 46 -17.01 -22.15 22.41
C THR A 46 -17.41 -23.27 23.35
N THR A 47 -18.70 -23.50 23.52
CA THR A 47 -19.13 -24.57 24.41
C THR A 47 -20.63 -24.82 24.19
N SER A 48 -21.23 -25.65 25.03
CA SER A 48 -22.64 -25.94 24.91
C SER A 48 -23.27 -25.83 26.28
N PHE A 49 -24.33 -25.03 26.36
CA PHE A 49 -25.04 -24.85 27.61
C PHE A 49 -26.14 -25.89 27.63
N VAL A 50 -25.72 -27.12 27.93
CA VAL A 50 -26.62 -28.25 27.97
C VAL A 50 -26.41 -28.95 29.31
N SER A 51 -27.42 -29.72 29.72
CA SER A 51 -27.36 -30.44 30.97
C SER A 51 -26.05 -31.23 31.10
N PRO A 52 -25.41 -31.14 32.26
CA PRO A 52 -24.15 -31.87 32.47
C PRO A 52 -24.49 -33.35 32.54
N LYS A 53 -25.71 -33.65 32.97
CA LYS A 53 -26.18 -35.02 33.11
C LYS A 53 -26.29 -35.71 31.75
N TRP A 54 -26.43 -34.93 30.68
CA TRP A 54 -26.57 -35.50 29.35
C TRP A 54 -25.26 -35.48 28.55
N VAL A 55 -24.57 -34.35 28.55
CA VAL A 55 -23.29 -34.27 27.86
C VAL A 55 -22.28 -33.64 28.81
N PRO A 56 -21.67 -34.49 29.65
CA PRO A 56 -20.67 -34.09 30.65
C PRO A 56 -19.36 -33.47 30.12
N GLN A 57 -19.01 -33.73 28.87
CA GLN A 57 -17.77 -33.17 28.32
C GLN A 57 -17.89 -31.65 28.14
N MET A 58 -19.12 -31.13 28.25
CA MET A 58 -19.38 -29.70 28.09
C MET A 58 -19.85 -29.13 29.41
N GLY A 59 -19.68 -29.91 30.48
CA GLY A 59 -20.13 -29.48 31.79
C GLY A 59 -19.58 -28.16 32.31
N ASP A 60 -18.40 -27.77 31.83
CA ASP A 60 -17.78 -26.52 32.30
C ASP A 60 -18.10 -25.32 31.41
N HIS A 61 -19.25 -25.37 30.72
CA HIS A 61 -19.65 -24.30 29.83
C HIS A 61 -19.65 -22.86 30.38
N THR A 62 -20.08 -22.67 31.63
CA THR A 62 -20.12 -21.33 32.20
C THR A 62 -18.73 -20.76 32.42
N GLU A 63 -17.91 -21.45 33.23
CA GLU A 63 -16.56 -20.97 33.48
C GLU A 63 -15.74 -20.87 32.19
N VAL A 64 -15.94 -21.79 31.24
CA VAL A 64 -15.18 -21.73 29.97
C VAL A 64 -15.50 -20.47 29.17
N LEU A 65 -16.78 -20.17 29.03
CA LEU A 65 -17.16 -18.98 28.27
C LEU A 65 -16.67 -17.70 28.95
N LYS A 66 -16.71 -17.67 30.28
CA LYS A 66 -16.27 -16.50 31.02
C LYS A 66 -14.76 -16.33 31.08
N GLY A 67 -14.02 -17.42 30.98
CA GLY A 67 -12.56 -17.36 31.09
C GLY A 67 -11.74 -17.13 29.84
N ILE A 68 -12.33 -17.29 28.66
CA ILE A 68 -11.58 -17.10 27.42
C ILE A 68 -11.43 -15.60 27.14
N GLN A 69 -10.37 -15.26 26.42
CA GLN A 69 -10.14 -13.88 26.06
C GLN A 69 -11.12 -13.56 24.95
N LYS A 70 -11.73 -12.38 25.01
CA LYS A 70 -12.67 -11.96 24.00
C LYS A 70 -11.94 -11.04 23.02
N PHE A 71 -11.31 -11.63 22.01
CA PHE A 71 -10.58 -10.84 21.02
C PHE A 71 -11.57 -9.94 20.28
N PRO A 72 -11.16 -8.71 19.96
CA PRO A 72 -11.99 -7.73 19.25
C PRO A 72 -12.44 -8.22 17.87
N GLY A 73 -13.74 -8.07 17.59
CA GLY A 73 -14.27 -8.48 16.30
C GLY A 73 -14.47 -9.98 16.14
N ILE A 74 -14.08 -10.77 17.14
CA ILE A 74 -14.24 -12.22 17.05
C ILE A 74 -15.50 -12.70 17.77
N ASN A 75 -16.21 -13.65 17.16
CA ASN A 75 -17.44 -14.19 17.73
C ASN A 75 -17.23 -15.52 18.44
N TYR A 76 -17.89 -15.69 19.58
CA TYR A 76 -17.80 -16.90 20.37
C TYR A 76 -19.19 -17.51 20.63
N PRO A 77 -19.84 -18.01 19.57
CA PRO A 77 -21.16 -18.60 19.73
C PRO A 77 -21.15 -19.89 20.53
N VAL A 78 -22.21 -20.10 21.28
CA VAL A 78 -22.36 -21.29 22.11
C VAL A 78 -23.69 -21.97 21.84
N LEU A 79 -23.72 -23.28 22.04
CA LEU A 79 -24.94 -24.04 21.81
C LEU A 79 -25.88 -23.96 22.98
N THR A 80 -27.16 -23.83 22.66
CA THR A 80 -28.23 -23.76 23.65
C THR A 80 -29.37 -24.65 23.15
N PRO A 81 -29.37 -25.93 23.55
CA PRO A 81 -30.40 -26.87 23.11
C PRO A 81 -31.83 -26.46 23.49
N ASN A 82 -31.99 -25.86 24.66
CA ASN A 82 -33.30 -25.43 25.11
C ASN A 82 -33.27 -24.06 25.76
N LEU A 83 -34.45 -23.59 26.17
CA LEU A 83 -34.61 -22.29 26.80
C LEU A 83 -33.80 -22.10 28.09
N LYS A 84 -33.70 -23.14 28.90
CA LYS A 84 -32.95 -23.06 30.14
C LYS A 84 -31.48 -22.84 29.81
N GLY A 85 -30.99 -23.59 28.82
CA GLY A 85 -29.62 -23.46 28.41
C GLY A 85 -29.38 -22.06 27.86
N PHE A 86 -30.32 -21.60 27.05
CA PHE A 86 -30.21 -20.26 26.48
C PHE A 86 -30.16 -19.22 27.59
N GLU A 87 -30.99 -19.38 28.61
CA GLU A 87 -31.02 -18.41 29.71
C GLU A 87 -29.69 -18.44 30.49
N ALA A 88 -29.11 -19.63 30.61
CA ALA A 88 -27.85 -19.79 31.31
C ALA A 88 -26.73 -19.15 30.49
N ALA A 89 -26.80 -19.31 29.17
CA ALA A 89 -25.81 -18.75 28.27
C ALA A 89 -25.82 -17.21 28.33
N VAL A 90 -27.02 -16.64 28.25
CA VAL A 90 -27.18 -15.19 28.29
C VAL A 90 -26.62 -14.63 29.59
N ALA A 91 -26.98 -15.27 30.69
CA ALA A 91 -26.54 -14.87 32.02
C ALA A 91 -25.03 -14.96 32.14
N ALA A 92 -24.40 -15.73 31.26
CA ALA A 92 -22.96 -15.90 31.31
C ALA A 92 -22.25 -15.00 30.31
N GLY A 93 -23.01 -14.15 29.63
CA GLY A 93 -22.40 -13.23 28.67
C GLY A 93 -22.44 -13.57 27.19
N ALA A 94 -23.02 -14.71 26.84
CA ALA A 94 -23.12 -15.10 25.43
C ALA A 94 -23.78 -14.01 24.60
N LYS A 95 -23.24 -13.77 23.41
CA LYS A 95 -23.76 -12.76 22.49
C LYS A 95 -24.38 -13.43 21.27
N GLU A 96 -24.05 -14.70 21.06
CA GLU A 96 -24.58 -15.47 19.94
C GLU A 96 -24.83 -16.90 20.40
N VAL A 97 -25.98 -17.45 20.04
CA VAL A 97 -26.32 -18.82 20.40
C VAL A 97 -26.58 -19.63 19.14
N VAL A 98 -26.53 -20.94 19.27
CA VAL A 98 -26.73 -21.84 18.15
C VAL A 98 -27.80 -22.88 18.49
N ILE A 99 -28.77 -23.04 17.59
CA ILE A 99 -29.81 -24.05 17.81
C ILE A 99 -29.69 -25.08 16.68
N PHE A 100 -30.01 -26.32 17.02
CA PHE A 100 -29.89 -27.42 16.07
C PHE A 100 -31.10 -28.30 15.85
N GLY A 101 -31.39 -28.53 14.58
CA GLY A 101 -32.49 -29.39 14.18
C GLY A 101 -31.96 -30.38 13.15
N ALA A 102 -32.88 -31.00 12.42
CA ALA A 102 -32.51 -31.97 11.40
C ALA A 102 -33.53 -32.01 10.29
N ALA A 103 -33.12 -32.44 9.10
CA ALA A 103 -34.02 -32.54 7.98
C ALA A 103 -34.57 -33.95 7.93
N SER A 104 -34.39 -34.70 9.01
CA SER A 104 -34.83 -36.08 9.11
C SER A 104 -35.72 -36.36 10.30
N GLU A 105 -36.93 -36.85 10.02
CA GLU A 105 -37.89 -37.16 11.07
C GLU A 105 -37.37 -38.24 12.01
N LEU A 106 -36.85 -39.31 11.43
CA LEU A 106 -36.33 -40.41 12.25
C LEU A 106 -35.18 -39.97 13.15
N PHE A 107 -34.31 -39.11 12.61
CA PHE A 107 -33.17 -38.61 13.39
C PHE A 107 -33.67 -37.71 14.53
N THR A 108 -34.69 -36.92 14.25
CA THR A 108 -35.26 -36.03 15.26
C THR A 108 -35.97 -36.85 16.35
N LYS A 109 -36.74 -37.85 15.94
CA LYS A 109 -37.46 -38.68 16.90
C LYS A 109 -36.56 -39.47 17.85
N LYS A 110 -35.45 -39.99 17.33
CA LYS A 110 -34.53 -40.73 18.20
C LYS A 110 -33.68 -39.79 19.04
N ASN A 111 -33.72 -38.49 18.77
CA ASN A 111 -32.94 -37.56 19.57
C ASN A 111 -33.76 -36.47 20.29
N ILE A 112 -35.08 -36.64 20.38
CA ILE A 112 -35.97 -35.70 21.06
C ILE A 112 -37.46 -36.08 21.01
N ASN A 113 -37.75 -37.27 20.50
CA ASN A 113 -39.13 -37.75 20.41
C ASN A 113 -40.11 -36.76 19.80
N CYS A 114 -39.59 -35.66 19.26
CA CYS A 114 -40.45 -34.67 18.63
C CYS A 114 -40.19 -34.75 17.12
N SER A 115 -41.21 -34.45 16.32
CA SER A 115 -41.03 -34.47 14.89
C SER A 115 -40.24 -33.23 14.53
N ILE A 116 -40.03 -33.01 13.24
CA ILE A 116 -39.30 -31.86 12.78
C ILE A 116 -40.10 -30.60 13.09
N GLU A 117 -41.43 -30.70 12.98
CA GLU A 117 -42.32 -29.56 13.23
C GLU A 117 -42.31 -29.16 14.69
N GLU A 118 -42.33 -30.16 15.56
CA GLU A 118 -42.34 -29.94 17.00
C GLU A 118 -41.03 -29.34 17.48
N SER A 119 -39.91 -29.79 16.90
CA SER A 119 -38.60 -29.30 17.29
C SER A 119 -38.55 -27.79 17.09
N PHE A 120 -39.30 -27.29 16.12
CA PHE A 120 -39.33 -25.86 15.84
C PHE A 120 -40.13 -25.07 16.89
N GLN A 121 -40.96 -25.76 17.65
CA GLN A 121 -41.73 -25.07 18.68
C GLN A 121 -40.78 -24.68 19.80
N ARG A 122 -39.86 -25.58 20.11
CA ARG A 122 -38.88 -25.35 21.16
C ARG A 122 -37.91 -24.24 20.79
N PHE A 123 -37.68 -24.06 19.49
CA PHE A 123 -36.78 -23.03 18.99
C PHE A 123 -37.49 -21.69 18.93
N ASP A 124 -38.80 -21.74 18.72
CA ASP A 124 -39.60 -20.53 18.63
C ASP A 124 -39.42 -19.69 19.89
N ALA A 125 -39.52 -20.34 21.05
CA ALA A 125 -39.37 -19.66 22.33
C ALA A 125 -37.98 -19.04 22.49
N ILE A 126 -36.94 -19.79 22.12
CA ILE A 126 -35.56 -19.31 22.22
C ILE A 126 -35.38 -18.08 21.32
N LEU A 127 -35.86 -18.18 20.08
CA LEU A 127 -35.74 -17.08 19.13
C LEU A 127 -36.42 -15.81 19.59
N LYS A 128 -37.57 -15.93 20.23
CA LYS A 128 -38.29 -14.77 20.75
C LYS A 128 -37.49 -14.16 21.89
N ALA A 129 -37.03 -15.00 22.81
CA ALA A 129 -36.25 -14.53 23.94
C ALA A 129 -34.92 -13.92 23.49
N ALA A 130 -34.38 -14.45 22.39
CA ALA A 130 -33.10 -13.97 21.85
C ALA A 130 -33.29 -12.62 21.18
N GLN A 131 -34.43 -12.41 20.54
CA GLN A 131 -34.68 -11.14 19.87
C GLN A 131 -34.86 -10.06 20.94
N SER A 132 -35.62 -10.38 21.97
CA SER A 132 -35.87 -9.46 23.07
C SER A 132 -34.56 -9.09 23.76
N ALA A 133 -33.64 -10.04 23.82
CA ALA A 133 -32.35 -9.81 24.48
C ALA A 133 -31.27 -9.29 23.51
N ASN A 134 -31.63 -9.15 22.24
CA ASN A 134 -30.68 -8.66 21.25
C ASN A 134 -29.55 -9.65 20.96
N ILE A 135 -29.85 -10.95 21.06
CA ILE A 135 -28.84 -11.95 20.82
C ILE A 135 -28.98 -12.68 19.49
N SER A 136 -27.86 -12.79 18.76
CA SER A 136 -27.83 -13.48 17.47
C SER A 136 -28.02 -14.98 17.60
N VAL A 137 -28.67 -15.58 16.61
CA VAL A 137 -28.94 -17.01 16.62
C VAL A 137 -28.56 -17.68 15.32
N ARG A 138 -27.66 -18.68 15.40
CA ARG A 138 -27.30 -19.38 14.18
C ARG A 138 -28.05 -20.71 14.22
N GLY A 139 -28.52 -21.15 13.07
CA GLY A 139 -29.22 -22.42 12.99
C GLY A 139 -28.34 -23.53 12.41
N TYR A 140 -28.68 -24.78 12.72
CA TYR A 140 -27.92 -25.91 12.23
C TYR A 140 -28.84 -27.06 11.84
N VAL A 141 -28.71 -27.52 10.60
CA VAL A 141 -29.54 -28.61 10.11
C VAL A 141 -28.70 -29.86 9.87
N SER A 142 -28.81 -30.82 10.77
CA SER A 142 -28.04 -32.04 10.58
C SER A 142 -28.69 -32.99 9.58
N CYS A 143 -27.90 -33.96 9.12
CA CYS A 143 -28.30 -34.96 8.12
C CYS A 143 -28.80 -34.35 6.80
N ALA A 144 -28.17 -33.25 6.41
CA ALA A 144 -28.49 -32.52 5.18
C ALA A 144 -28.11 -33.27 3.90
N LEU A 145 -27.14 -34.18 4.00
CA LEU A 145 -26.70 -34.94 2.82
C LEU A 145 -26.99 -36.41 3.01
N GLY A 146 -27.79 -36.73 4.01
CA GLY A 146 -28.14 -38.11 4.28
C GLY A 146 -28.32 -38.32 5.76
N CYS A 147 -29.12 -39.32 6.13
CA CYS A 147 -29.36 -39.60 7.52
C CYS A 147 -29.02 -41.07 7.78
N PRO A 148 -28.43 -41.36 8.95
CA PRO A 148 -28.04 -42.72 9.35
C PRO A 148 -29.21 -43.70 9.50
N TYR A 149 -30.41 -43.16 9.66
CA TYR A 149 -31.59 -44.01 9.81
C TYR A 149 -32.49 -44.01 8.57
N GLU A 150 -32.73 -42.84 7.98
CA GLU A 150 -33.60 -42.77 6.80
C GLU A 150 -32.85 -42.92 5.49
N GLY A 151 -31.52 -42.75 5.53
CA GLY A 151 -30.76 -42.84 4.30
C GLY A 151 -30.87 -41.52 3.57
N LYS A 152 -31.01 -41.59 2.25
CA LYS A 152 -31.13 -40.39 1.44
C LYS A 152 -32.15 -39.39 2.01
N ILE A 153 -31.83 -38.11 1.87
CA ILE A 153 -32.68 -37.04 2.37
C ILE A 153 -32.99 -36.12 1.20
N SER A 154 -34.24 -35.74 1.06
CA SER A 154 -34.66 -34.88 -0.03
C SER A 154 -34.11 -33.47 0.03
N PRO A 155 -33.68 -32.94 -1.11
CA PRO A 155 -33.16 -31.58 -1.13
C PRO A 155 -34.24 -30.64 -0.63
N ALA A 156 -35.42 -30.76 -1.24
CA ALA A 156 -36.57 -29.93 -0.89
C ALA A 156 -36.83 -29.90 0.61
N LYS A 157 -36.63 -31.03 1.26
CA LYS A 157 -36.86 -31.13 2.70
C LYS A 157 -35.83 -30.29 3.46
N VAL A 158 -34.56 -30.36 3.02
CA VAL A 158 -33.51 -29.58 3.66
C VAL A 158 -33.85 -28.10 3.45
N ALA A 159 -34.28 -27.77 2.24
CA ALA A 159 -34.63 -26.39 1.91
C ALA A 159 -35.70 -25.90 2.87
N GLU A 160 -36.72 -26.74 3.05
CA GLU A 160 -37.86 -26.43 3.93
C GLU A 160 -37.46 -26.13 5.37
N VAL A 161 -36.64 -27.00 5.97
CA VAL A 161 -36.23 -26.77 7.36
C VAL A 161 -35.32 -25.56 7.46
N THR A 162 -34.43 -25.39 6.49
CA THR A 162 -33.54 -24.24 6.48
C THR A 162 -34.36 -22.94 6.37
N LYS A 163 -35.35 -22.94 5.49
CA LYS A 163 -36.20 -21.75 5.32
C LYS A 163 -36.90 -21.45 6.63
N LYS A 164 -37.30 -22.51 7.34
CA LYS A 164 -37.99 -22.36 8.62
C LYS A 164 -37.08 -21.68 9.65
N PHE A 165 -35.84 -22.15 9.77
CA PHE A 165 -34.89 -21.55 10.70
C PHE A 165 -34.66 -20.07 10.37
N TYR A 166 -34.52 -19.78 9.08
CA TYR A 166 -34.26 -18.42 8.64
C TYR A 166 -35.45 -17.46 8.87
N SER A 167 -36.64 -17.89 8.49
CA SER A 167 -37.81 -17.05 8.63
C SER A 167 -38.14 -16.90 10.11
N MET A 168 -37.63 -17.84 10.92
CA MET A 168 -37.86 -17.80 12.35
C MET A 168 -36.92 -16.79 13.03
N GLY A 169 -35.87 -16.38 12.31
CA GLY A 169 -34.95 -15.40 12.88
C GLY A 169 -33.45 -15.72 12.79
N CYS A 170 -33.08 -16.96 12.48
CA CYS A 170 -31.66 -17.31 12.38
C CYS A 170 -31.03 -16.52 11.24
N TYR A 171 -29.94 -15.80 11.52
CA TYR A 171 -29.28 -15.01 10.48
C TYR A 171 -28.44 -15.90 9.59
N GLU A 172 -28.10 -17.09 10.06
CA GLU A 172 -27.25 -18.00 9.29
C GLU A 172 -27.59 -19.44 9.65
N ILE A 173 -27.56 -20.33 8.66
CA ILE A 173 -27.83 -21.73 8.95
C ILE A 173 -26.76 -22.65 8.36
N SER A 174 -26.21 -23.49 9.20
CA SER A 174 -25.16 -24.40 8.75
C SER A 174 -25.80 -25.73 8.37
N LEU A 175 -25.51 -26.16 7.15
CA LEU A 175 -26.02 -27.40 6.60
C LEU A 175 -24.95 -28.46 6.83
N GLY A 176 -25.22 -29.40 7.73
CA GLY A 176 -24.22 -30.40 8.01
C GLY A 176 -24.42 -31.81 7.50
N ASP A 177 -23.33 -32.38 7.00
CA ASP A 177 -23.34 -33.76 6.51
C ASP A 177 -22.84 -34.47 7.75
N THR A 178 -23.80 -34.76 8.62
CA THR A 178 -23.63 -35.42 9.90
C THR A 178 -22.78 -36.68 9.88
N ILE A 179 -23.06 -37.56 8.92
CA ILE A 179 -22.37 -38.83 8.81
C ILE A 179 -21.27 -38.85 7.74
N GLY A 180 -21.20 -37.76 6.98
CA GLY A 180 -20.19 -37.66 5.93
C GLY A 180 -20.40 -38.58 4.74
N VAL A 181 -21.64 -38.99 4.49
CA VAL A 181 -21.91 -39.88 3.38
C VAL A 181 -22.05 -39.12 2.07
N GLY A 182 -22.02 -37.80 2.14
CA GLY A 182 -22.17 -36.99 0.95
C GLY A 182 -21.10 -37.00 -0.14
N THR A 183 -21.54 -36.73 -1.35
CA THR A 183 -20.67 -36.65 -2.51
C THR A 183 -21.12 -35.37 -3.22
N PRO A 184 -20.23 -34.73 -4.00
CA PRO A 184 -20.54 -33.49 -4.70
C PRO A 184 -21.89 -33.29 -5.41
N GLY A 185 -22.43 -34.35 -6.00
CA GLY A 185 -23.71 -34.23 -6.67
C GLY A 185 -24.77 -33.98 -5.60
N ILE A 186 -24.72 -34.78 -4.55
CA ILE A 186 -25.65 -34.66 -3.43
C ILE A 186 -25.57 -33.25 -2.83
N MET A 187 -24.35 -32.76 -2.62
CA MET A 187 -24.14 -31.43 -2.05
C MET A 187 -24.71 -30.36 -2.98
N LYS A 188 -24.44 -30.50 -4.27
CA LYS A 188 -24.92 -29.55 -5.25
C LYS A 188 -26.45 -29.51 -5.26
N ASP A 189 -27.08 -30.68 -5.25
CA ASP A 189 -28.54 -30.76 -5.27
C ASP A 189 -29.15 -30.13 -4.03
N MET A 190 -28.62 -30.45 -2.85
CA MET A 190 -29.15 -29.90 -1.62
C MET A 190 -29.04 -28.38 -1.60
N LEU A 191 -27.85 -27.86 -1.93
CA LEU A 191 -27.65 -26.41 -1.94
C LEU A 191 -28.54 -25.70 -2.97
N SER A 192 -28.64 -26.30 -4.14
CA SER A 192 -29.48 -25.76 -5.22
C SER A 192 -30.92 -25.51 -4.70
N ALA A 193 -31.48 -26.49 -3.99
CA ALA A 193 -32.82 -26.36 -3.45
C ALA A 193 -32.87 -25.32 -2.33
N VAL A 194 -31.91 -25.39 -1.41
CA VAL A 194 -31.88 -24.44 -0.32
C VAL A 194 -31.80 -22.99 -0.81
N MET A 195 -30.97 -22.74 -1.82
CA MET A 195 -30.78 -21.39 -2.37
C MET A 195 -32.00 -20.75 -3.02
N GLN A 196 -32.99 -21.54 -3.39
CA GLN A 196 -34.21 -21.01 -4.02
C GLN A 196 -34.94 -20.20 -2.97
N GLU A 197 -34.87 -20.70 -1.74
CA GLU A 197 -35.55 -20.13 -0.58
C GLU A 197 -34.74 -19.24 0.38
N VAL A 198 -33.43 -19.44 0.44
CA VAL A 198 -32.61 -18.65 1.36
C VAL A 198 -31.45 -17.94 0.68
N PRO A 199 -31.25 -16.65 0.97
CA PRO A 199 -30.15 -15.92 0.36
C PRO A 199 -28.79 -16.57 0.64
N LEU A 200 -27.93 -16.57 -0.37
CA LEU A 200 -26.62 -17.19 -0.29
C LEU A 200 -25.80 -16.82 0.96
N ALA A 201 -25.77 -15.54 1.31
CA ALA A 201 -25.00 -15.07 2.47
C ALA A 201 -25.38 -15.69 3.79
N ALA A 202 -26.61 -16.19 3.90
CA ALA A 202 -27.07 -16.81 5.14
C ALA A 202 -26.68 -18.29 5.27
N LEU A 203 -25.99 -18.81 4.26
CA LEU A 203 -25.64 -20.23 4.27
C LEU A 203 -24.22 -20.61 4.68
N ALA A 204 -24.12 -21.74 5.37
CA ALA A 204 -22.84 -22.31 5.77
C ALA A 204 -22.94 -23.81 5.55
N VAL A 205 -21.79 -24.45 5.43
CA VAL A 205 -21.69 -25.89 5.22
C VAL A 205 -20.75 -26.51 6.26
N HIS A 206 -21.11 -27.70 6.75
CA HIS A 206 -20.36 -28.42 7.77
C HIS A 206 -20.25 -29.90 7.36
N CYS A 207 -19.14 -30.22 6.68
CA CYS A 207 -18.91 -31.56 6.17
C CYS A 207 -17.98 -32.45 6.99
N HIS A 208 -18.46 -33.62 7.38
CA HIS A 208 -17.64 -34.58 8.12
C HIS A 208 -16.79 -35.32 7.06
N ASP A 209 -15.64 -35.83 7.47
CA ASP A 209 -14.73 -36.52 6.56
C ASP A 209 -14.69 -38.04 6.79
N THR A 210 -15.72 -38.55 7.43
CA THR A 210 -15.88 -39.96 7.73
C THR A 210 -15.60 -40.86 6.51
N TYR A 211 -15.94 -40.37 5.33
CA TYR A 211 -15.73 -41.11 4.08
C TYR A 211 -14.75 -40.43 3.14
N GLY A 212 -14.01 -39.44 3.66
CA GLY A 212 -13.03 -38.73 2.86
C GLY A 212 -13.58 -37.73 1.87
N GLN A 213 -14.86 -37.39 1.99
CA GLN A 213 -15.48 -36.46 1.04
C GLN A 213 -15.64 -35.01 1.53
N ALA A 214 -15.14 -34.73 2.73
CA ALA A 214 -15.29 -33.40 3.33
C ALA A 214 -14.83 -32.21 2.49
N LEU A 215 -13.57 -32.23 2.10
CA LEU A 215 -13.01 -31.12 1.33
C LEU A 215 -13.64 -30.99 -0.03
N ALA A 216 -13.91 -32.13 -0.67
CA ALA A 216 -14.51 -32.14 -2.00
C ALA A 216 -15.94 -31.59 -1.91
N ASN A 217 -16.69 -32.03 -0.92
CA ASN A 217 -18.06 -31.54 -0.74
C ASN A 217 -17.99 -30.04 -0.43
N THR A 218 -17.00 -29.63 0.36
CA THR A 218 -16.84 -28.23 0.69
C THR A 218 -16.51 -27.41 -0.55
N LEU A 219 -15.67 -27.96 -1.41
CA LEU A 219 -15.28 -27.26 -2.62
C LEU A 219 -16.52 -27.01 -3.50
N MET A 220 -17.38 -28.02 -3.60
CA MET A 220 -18.61 -27.90 -4.41
C MET A 220 -19.46 -26.75 -3.87
N ALA A 221 -19.58 -26.65 -2.55
CA ALA A 221 -20.35 -25.59 -1.93
C ALA A 221 -19.74 -24.23 -2.26
N LEU A 222 -18.42 -24.15 -2.29
CA LEU A 222 -17.75 -22.88 -2.61
C LEU A 222 -18.05 -22.52 -4.05
N GLN A 223 -18.08 -23.55 -4.91
CA GLN A 223 -18.36 -23.34 -6.33
C GLN A 223 -19.79 -22.88 -6.53
N MET A 224 -20.66 -23.20 -5.56
CA MET A 224 -22.06 -22.82 -5.63
C MET A 224 -22.27 -21.42 -5.06
N GLY A 225 -21.23 -20.87 -4.43
CA GLY A 225 -21.33 -19.52 -3.88
C GLY A 225 -21.35 -19.42 -2.37
N VAL A 226 -21.41 -20.56 -1.67
CA VAL A 226 -21.42 -20.50 -0.22
C VAL A 226 -20.09 -19.88 0.22
N SER A 227 -20.14 -19.01 1.22
CA SER A 227 -18.94 -18.33 1.68
C SER A 227 -18.57 -18.55 3.14
N VAL A 228 -19.22 -19.51 3.79
CA VAL A 228 -18.86 -19.83 5.16
C VAL A 228 -18.88 -21.33 5.37
N VAL A 229 -17.82 -21.85 5.98
CA VAL A 229 -17.72 -23.27 6.20
C VAL A 229 -17.18 -23.57 7.58
N ASP A 230 -17.77 -24.59 8.19
CA ASP A 230 -17.43 -25.05 9.53
C ASP A 230 -16.31 -26.11 9.42
N SER A 231 -15.36 -26.08 10.35
CA SER A 231 -14.28 -27.05 10.38
C SER A 231 -13.72 -27.12 11.81
N SER A 232 -12.97 -28.18 12.11
CA SER A 232 -12.40 -28.39 13.43
C SER A 232 -10.88 -28.49 13.39
N VAL A 233 -10.22 -27.76 14.30
CA VAL A 233 -8.75 -27.71 14.37
C VAL A 233 -7.97 -28.92 13.81
N ALA A 234 -7.82 -29.97 14.57
CA ALA A 234 -7.04 -31.07 14.01
C ALA A 234 -7.96 -32.20 13.59
N GLY A 235 -9.07 -31.84 12.96
CA GLY A 235 -10.04 -32.84 12.56
C GLY A 235 -10.62 -33.45 13.82
N LEU A 236 -10.58 -32.72 14.94
CA LEU A 236 -11.13 -33.24 16.19
C LEU A 236 -12.62 -33.60 16.05
N GLY A 237 -13.10 -34.44 16.95
CA GLY A 237 -14.50 -34.81 16.93
C GLY A 237 -14.87 -35.95 16.01
N GLY A 238 -15.03 -37.13 16.59
CA GLY A 238 -15.40 -38.28 15.79
C GLY A 238 -16.90 -38.31 15.49
N CYS A 239 -17.37 -39.43 14.95
CA CYS A 239 -18.78 -39.58 14.60
C CYS A 239 -19.42 -40.71 15.40
N PRO A 240 -20.50 -40.41 16.14
CA PRO A 240 -21.18 -41.42 16.95
C PRO A 240 -21.92 -42.45 16.10
N TYR A 241 -22.75 -41.97 15.18
CA TYR A 241 -23.53 -42.85 14.30
C TYR A 241 -22.65 -43.52 13.26
N ALA A 242 -21.35 -43.57 13.55
CA ALA A 242 -20.38 -44.20 12.65
C ALA A 242 -19.42 -45.03 13.48
N GLN A 243 -18.34 -45.47 12.83
CA GLN A 243 -17.35 -46.30 13.51
C GLN A 243 -16.12 -45.52 13.96
N GLY A 244 -15.04 -46.24 14.26
CA GLY A 244 -13.81 -45.59 14.71
C GLY A 244 -13.12 -44.70 13.67
N ALA A 245 -13.88 -44.25 12.68
CA ALA A 245 -13.35 -43.39 11.63
C ALA A 245 -13.30 -41.95 12.15
N SER A 246 -12.84 -41.03 11.31
CA SER A 246 -12.74 -39.63 11.72
C SER A 246 -14.09 -38.90 11.62
N GLY A 247 -14.10 -37.65 12.08
CA GLY A 247 -15.32 -36.85 12.06
C GLY A 247 -15.20 -35.55 11.28
N ASN A 248 -14.95 -34.44 11.97
CA ASN A 248 -14.86 -33.14 11.31
C ASN A 248 -13.70 -32.94 10.34
N LEU A 249 -13.88 -32.02 9.41
CA LEU A 249 -12.88 -31.62 8.43
C LEU A 249 -11.81 -30.82 9.18
N ALA A 250 -10.53 -31.09 8.93
CA ALA A 250 -9.47 -30.34 9.63
C ALA A 250 -9.37 -28.91 9.09
N THR A 251 -9.51 -27.93 9.95
CA THR A 251 -9.40 -26.52 9.55
C THR A 251 -8.09 -26.25 8.80
N GLU A 252 -7.00 -26.83 9.29
CA GLU A 252 -5.71 -26.62 8.63
C GLU A 252 -5.77 -27.08 7.18
N ASP A 253 -6.42 -28.21 6.92
CA ASP A 253 -6.47 -28.67 5.53
C ASP A 253 -7.40 -27.75 4.72
N LEU A 254 -8.38 -27.18 5.39
CA LEU A 254 -9.28 -26.25 4.72
C LEU A 254 -8.50 -24.98 4.41
N VAL A 255 -7.84 -24.41 5.42
CA VAL A 255 -7.08 -23.19 5.16
C VAL A 255 -6.05 -23.42 4.06
N TYR A 256 -5.40 -24.58 4.07
CA TYR A 256 -4.40 -24.87 3.05
C TYR A 256 -5.03 -24.76 1.66
N MET A 257 -6.19 -25.38 1.47
CA MET A 257 -6.83 -25.31 0.18
C MET A 257 -7.21 -23.87 -0.16
N LEU A 258 -7.79 -23.15 0.80
CA LEU A 258 -8.20 -21.77 0.54
C LEU A 258 -7.02 -20.86 0.20
N GLU A 259 -5.89 -21.05 0.87
CA GLU A 259 -4.72 -20.21 0.55
C GLU A 259 -4.31 -20.49 -0.90
N GLY A 260 -4.27 -21.76 -1.28
CA GLY A 260 -3.89 -22.12 -2.64
C GLY A 260 -4.78 -21.45 -3.68
N LEU A 261 -6.06 -21.34 -3.35
CA LEU A 261 -7.05 -20.71 -4.22
C LEU A 261 -6.92 -19.19 -4.17
N GLY A 262 -6.13 -18.69 -3.24
CA GLY A 262 -5.98 -17.25 -3.14
C GLY A 262 -7.22 -16.62 -2.53
N ILE A 263 -7.91 -17.38 -1.70
CA ILE A 263 -9.11 -16.93 -1.03
C ILE A 263 -8.81 -16.49 0.40
N HIS A 264 -9.06 -15.22 0.71
CA HIS A 264 -8.79 -14.69 2.03
C HIS A 264 -9.59 -15.35 3.15
N THR A 265 -8.90 -15.70 4.24
CA THR A 265 -9.52 -16.32 5.40
C THR A 265 -9.06 -15.58 6.66
N GLY A 266 -7.98 -14.82 6.54
CA GLY A 266 -7.46 -14.08 7.66
C GLY A 266 -6.97 -14.96 8.78
N VAL A 267 -6.67 -16.22 8.47
CA VAL A 267 -6.19 -17.16 9.47
C VAL A 267 -4.68 -17.40 9.26
N ASN A 268 -3.92 -17.48 10.34
CA ASN A 268 -2.48 -17.73 10.28
C ASN A 268 -2.30 -19.24 10.42
N LEU A 269 -1.99 -19.89 9.30
CA LEU A 269 -1.81 -21.34 9.30
C LEU A 269 -0.83 -21.89 10.34
N GLN A 270 0.33 -21.25 10.47
CA GLN A 270 1.32 -21.73 11.43
C GLN A 270 0.79 -21.67 12.86
N LYS A 271 0.06 -20.62 13.19
CA LYS A 271 -0.48 -20.51 14.53
C LYS A 271 -1.65 -21.50 14.72
N LEU A 272 -2.38 -21.77 13.64
CA LEU A 272 -3.51 -22.71 13.73
C LEU A 272 -2.91 -24.10 14.02
N LEU A 273 -1.80 -24.42 13.36
CA LEU A 273 -1.16 -25.73 13.56
C LEU A 273 -0.66 -25.86 14.99
N GLU A 274 -0.26 -24.76 15.60
CA GLU A 274 0.22 -24.77 16.98
C GLU A 274 -0.95 -25.14 17.88
N ALA A 275 -2.11 -24.54 17.60
CA ALA A 275 -3.29 -24.81 18.39
C ALA A 275 -3.62 -26.30 18.27
N GLY A 276 -3.61 -26.81 17.05
CA GLY A 276 -3.91 -28.22 16.84
C GLY A 276 -3.01 -29.16 17.63
N ASN A 277 -1.70 -28.98 17.49
CA ASN A 277 -0.73 -29.82 18.18
C ASN A 277 -0.96 -29.75 19.69
N PHE A 278 -1.26 -28.56 20.20
CA PHE A 278 -1.52 -28.39 21.63
C PHE A 278 -2.68 -29.24 22.13
N ILE A 279 -3.85 -29.11 21.50
CA ILE A 279 -5.01 -29.88 21.95
C ILE A 279 -4.80 -31.38 21.71
N CYS A 280 -4.12 -31.72 20.62
CA CYS A 280 -3.85 -33.12 20.35
C CYS A 280 -3.02 -33.77 21.47
N GLN A 281 -1.99 -33.08 21.95
CA GLN A 281 -1.17 -33.65 23.02
C GLN A 281 -2.01 -33.74 24.28
N ALA A 282 -2.84 -32.74 24.53
CA ALA A 282 -3.69 -32.79 25.72
C ALA A 282 -4.67 -33.97 25.64
N LEU A 283 -5.04 -34.37 24.42
CA LEU A 283 -5.97 -35.50 24.21
C LEU A 283 -5.22 -36.80 23.98
N ASN A 284 -3.90 -36.73 23.91
CA ASN A 284 -3.12 -37.92 23.64
C ASN A 284 -3.60 -38.57 22.34
N ARG A 285 -3.74 -37.77 21.29
CA ARG A 285 -4.17 -38.31 20.01
C ARG A 285 -3.37 -37.73 18.88
N LYS A 286 -3.38 -38.41 17.73
CA LYS A 286 -2.67 -37.93 16.57
C LYS A 286 -3.65 -37.02 15.81
N THR A 287 -3.13 -35.94 15.27
CA THR A 287 -3.94 -35.00 14.51
C THR A 287 -4.49 -35.68 13.27
N SER A 288 -5.65 -35.21 12.81
CA SER A 288 -6.25 -35.76 11.60
C SER A 288 -5.93 -34.83 10.45
N SER A 289 -5.19 -33.77 10.72
CA SER A 289 -4.82 -32.85 9.66
C SER A 289 -3.64 -33.39 8.86
N LYS A 290 -3.78 -33.38 7.53
CA LYS A 290 -2.73 -33.85 6.65
C LYS A 290 -1.64 -32.80 6.58
N VAL A 291 -2.03 -31.53 6.54
CA VAL A 291 -1.04 -30.47 6.50
C VAL A 291 -0.13 -30.60 7.71
N ALA A 292 -0.72 -30.83 8.88
CA ALA A 292 0.03 -30.98 10.11
C ALA A 292 1.01 -32.15 10.04
N GLN A 293 0.56 -33.28 9.50
CA GLN A 293 1.43 -34.45 9.40
C GLN A 293 2.61 -34.29 8.43
N ALA A 294 2.44 -33.47 7.40
CA ALA A 294 3.48 -33.26 6.40
C ALA A 294 4.37 -32.04 6.68
N THR A 295 3.93 -31.19 7.60
CA THR A 295 4.67 -29.98 7.95
C THR A 295 5.65 -30.26 9.09
N CYS A 296 5.44 -31.40 9.75
CA CYS A 296 6.29 -31.86 10.85
C CYS A 296 5.53 -32.88 11.70
N THR B 1 -18.31 -30.29 -16.94
CA THR B 1 -18.48 -31.42 -17.90
C THR B 1 -17.94 -32.74 -17.33
N LEU B 2 -18.65 -33.31 -16.36
CA LEU B 2 -18.24 -34.57 -15.75
C LEU B 2 -18.41 -35.77 -16.68
N PRO B 3 -17.37 -36.62 -16.76
CA PRO B 3 -17.45 -37.81 -17.64
C PRO B 3 -18.46 -38.83 -17.09
N LYS B 4 -19.10 -39.59 -17.97
CA LYS B 4 -20.08 -40.58 -17.53
C LYS B 4 -19.39 -41.77 -16.91
N ARG B 5 -18.16 -42.03 -17.34
CA ARG B 5 -17.40 -43.13 -16.80
C ARG B 5 -15.93 -42.76 -16.66
N VAL B 6 -15.28 -43.34 -15.67
CA VAL B 6 -13.90 -43.06 -15.40
C VAL B 6 -13.08 -44.33 -15.24
N LYS B 7 -11.90 -44.32 -15.85
CA LYS B 7 -11.01 -45.46 -15.78
C LYS B 7 -10.04 -45.20 -14.64
N ILE B 8 -10.19 -45.95 -13.56
CA ILE B 8 -9.30 -45.82 -12.43
C ILE B 8 -8.06 -46.65 -12.70
N VAL B 9 -6.90 -46.01 -12.67
CA VAL B 9 -5.64 -46.72 -12.88
C VAL B 9 -5.04 -46.94 -11.50
N GLU B 10 -5.05 -48.20 -11.07
CA GLU B 10 -4.54 -48.63 -9.75
C GLU B 10 -3.02 -48.75 -9.72
N VAL B 11 -2.39 -48.03 -8.80
CA VAL B 11 -0.94 -48.03 -8.69
C VAL B 11 -0.36 -48.60 -7.39
N GLY B 12 -1.23 -49.20 -6.57
CA GLY B 12 -0.78 -49.76 -5.31
C GLY B 12 0.37 -50.74 -5.37
N PRO B 13 0.28 -51.80 -6.19
CA PRO B 13 1.38 -52.77 -6.26
C PRO B 13 2.73 -52.21 -6.75
N MET B 14 2.70 -51.09 -7.47
CA MET B 14 3.91 -50.48 -7.99
C MET B 14 4.26 -49.20 -7.22
N ASP B 15 3.56 -48.11 -7.54
CA ASP B 15 3.79 -46.83 -6.88
C ASP B 15 3.55 -46.97 -5.38
N GLY B 16 2.53 -47.73 -5.01
CA GLY B 16 2.22 -47.91 -3.61
C GLY B 16 3.36 -48.59 -2.85
N LEU B 17 3.67 -49.81 -3.26
CA LEU B 17 4.72 -50.60 -2.60
C LEU B 17 6.12 -50.02 -2.78
N GLN B 18 6.41 -49.42 -3.93
CA GLN B 18 7.72 -48.85 -4.16
C GLN B 18 8.05 -47.87 -3.05
N ASN B 19 7.03 -47.17 -2.58
CA ASN B 19 7.19 -46.18 -1.53
C ASN B 19 6.82 -46.68 -0.15
N GLU B 20 7.27 -47.89 0.20
CA GLU B 20 7.01 -48.46 1.51
C GLU B 20 8.31 -49.00 2.11
N LYS B 21 8.48 -48.74 3.40
CA LYS B 21 9.67 -49.17 4.15
C LYS B 21 9.84 -50.68 4.09
N ASN B 22 9.00 -51.39 4.84
CA ASN B 22 9.05 -52.84 4.91
C ASN B 22 8.70 -53.38 3.52
N ILE B 23 9.48 -54.35 3.05
CA ILE B 23 9.24 -54.95 1.75
C ILE B 23 8.23 -56.09 1.87
N VAL B 24 7.77 -56.61 0.74
CA VAL B 24 6.81 -57.71 0.74
C VAL B 24 7.22 -58.83 -0.19
N SER B 25 6.96 -60.05 0.25
CA SER B 25 7.29 -61.24 -0.52
C SER B 25 6.58 -61.23 -1.87
N THR B 26 7.20 -61.89 -2.84
CA THR B 26 6.64 -61.99 -4.17
C THR B 26 5.22 -62.58 -4.15
N PRO B 27 5.01 -63.65 -3.36
CA PRO B 27 3.68 -64.24 -3.32
C PRO B 27 2.62 -63.27 -2.79
N VAL B 28 2.99 -62.37 -1.89
CA VAL B 28 2.02 -61.39 -1.37
C VAL B 28 1.67 -60.37 -2.46
N LYS B 29 2.67 -59.97 -3.25
CA LYS B 29 2.43 -59.02 -4.35
C LYS B 29 1.47 -59.61 -5.37
N ILE B 30 1.72 -60.85 -5.78
CA ILE B 30 0.86 -61.52 -6.76
C ILE B 30 -0.58 -61.64 -6.27
N LYS B 31 -0.75 -61.97 -4.99
CA LYS B 31 -2.07 -62.10 -4.41
C LYS B 31 -2.79 -60.74 -4.38
N LEU B 32 -2.06 -59.69 -4.05
CA LEU B 32 -2.63 -58.35 -4.01
C LEU B 32 -3.18 -58.01 -5.39
N ILE B 33 -2.34 -58.15 -6.42
CA ILE B 33 -2.75 -57.84 -7.77
C ILE B 33 -3.92 -58.71 -8.21
N ASP B 34 -3.90 -60.01 -7.89
CA ASP B 34 -5.02 -60.88 -8.26
C ASP B 34 -6.30 -60.37 -7.61
N MET B 35 -6.22 -60.00 -6.34
CA MET B 35 -7.40 -59.51 -5.64
C MET B 35 -7.89 -58.22 -6.29
N LEU B 36 -6.97 -57.38 -6.73
CA LEU B 36 -7.35 -56.15 -7.40
C LEU B 36 -8.07 -56.49 -8.69
N SER B 37 -7.56 -57.49 -9.41
CA SER B 37 -8.23 -57.92 -10.66
C SER B 37 -9.63 -58.35 -10.25
N GLU B 38 -9.71 -59.08 -9.14
CA GLU B 38 -10.97 -59.58 -8.61
C GLU B 38 -11.96 -58.45 -8.40
N ALA B 39 -11.48 -57.32 -7.88
CA ALA B 39 -12.32 -56.16 -7.60
C ALA B 39 -12.82 -55.43 -8.84
N GLY B 40 -12.27 -55.74 -10.00
CA GLY B 40 -12.74 -55.11 -11.22
C GLY B 40 -11.89 -54.04 -11.89
N LEU B 41 -10.79 -53.65 -11.25
CA LEU B 41 -9.91 -52.64 -11.84
C LEU B 41 -9.53 -53.05 -13.27
N SER B 42 -9.67 -52.13 -14.22
CA SER B 42 -9.35 -52.42 -15.61
C SER B 42 -7.86 -52.20 -15.93
N VAL B 43 -7.14 -51.57 -15.02
CA VAL B 43 -5.71 -51.36 -15.22
C VAL B 43 -5.04 -51.32 -13.86
N ILE B 44 -4.02 -52.16 -13.71
CA ILE B 44 -3.29 -52.26 -12.47
C ILE B 44 -1.81 -52.22 -12.75
N GLU B 45 -1.17 -51.10 -12.40
CA GLU B 45 0.26 -50.97 -12.60
C GLU B 45 0.87 -52.09 -11.77
N THR B 46 1.46 -53.06 -12.45
CA THR B 46 2.00 -54.26 -11.81
C THR B 46 3.37 -54.23 -11.13
N THR B 47 4.38 -53.68 -11.79
CA THR B 47 5.70 -53.62 -11.18
C THR B 47 6.61 -52.70 -12.00
N SER B 48 7.88 -52.63 -11.62
CA SER B 48 8.83 -51.82 -12.36
C SER B 48 10.10 -52.60 -12.69
N PHE B 49 10.47 -52.60 -13.96
CA PHE B 49 11.66 -53.31 -14.42
C PHE B 49 12.87 -52.38 -14.32
N VAL B 50 13.39 -52.24 -13.11
CA VAL B 50 14.55 -51.40 -12.83
C VAL B 50 15.44 -52.14 -11.83
N SER B 51 16.73 -51.85 -11.88
CA SER B 51 17.69 -52.50 -11.00
C SER B 51 17.28 -52.55 -9.53
N PRO B 52 17.56 -53.67 -8.86
CA PRO B 52 17.21 -53.80 -7.44
C PRO B 52 18.14 -52.89 -6.64
N LYS B 53 19.20 -52.44 -7.28
CA LYS B 53 20.16 -51.55 -6.64
C LYS B 53 19.50 -50.20 -6.39
N TRP B 54 18.80 -49.71 -7.41
CA TRP B 54 18.08 -48.44 -7.32
C TRP B 54 16.82 -48.58 -6.45
N VAL B 55 15.95 -49.51 -6.80
CA VAL B 55 14.74 -49.75 -6.03
C VAL B 55 14.55 -51.24 -5.79
N PRO B 56 14.98 -51.73 -4.62
CA PRO B 56 14.88 -53.14 -4.25
C PRO B 56 13.48 -53.71 -4.07
N GLN B 57 12.49 -52.86 -3.80
CA GLN B 57 11.12 -53.36 -3.62
C GLN B 57 10.55 -53.96 -4.89
N MET B 58 11.05 -53.51 -6.03
CA MET B 58 10.57 -53.99 -7.32
C MET B 58 11.48 -55.05 -7.94
N GLY B 59 12.42 -55.55 -7.15
CA GLY B 59 13.35 -56.55 -7.64
C GLY B 59 12.76 -57.84 -8.20
N ASP B 60 11.55 -58.18 -7.76
CA ASP B 60 10.89 -59.40 -8.23
C ASP B 60 10.02 -59.15 -9.46
N HIS B 61 10.23 -58.01 -10.11
CA HIS B 61 9.44 -57.64 -11.28
C HIS B 61 9.16 -58.72 -12.32
N THR B 62 10.20 -59.42 -12.76
CA THR B 62 10.02 -60.46 -13.78
C THR B 62 9.04 -61.54 -13.35
N GLU B 63 9.29 -62.16 -12.20
CA GLU B 63 8.41 -63.23 -11.72
C GLU B 63 7.02 -62.75 -11.29
N VAL B 64 6.90 -61.49 -10.88
CA VAL B 64 5.59 -60.96 -10.50
C VAL B 64 4.71 -60.89 -11.75
N LEU B 65 5.20 -60.22 -12.78
CA LEU B 65 4.43 -60.10 -14.01
C LEU B 65 4.07 -61.47 -14.56
N LYS B 66 4.97 -62.44 -14.41
CA LYS B 66 4.72 -63.78 -14.93
C LYS B 66 3.72 -64.58 -14.11
N GLY B 67 3.75 -64.39 -12.79
CA GLY B 67 2.86 -65.14 -11.91
C GLY B 67 1.45 -64.63 -11.64
N ILE B 68 1.13 -63.41 -12.06
CA ILE B 68 -0.21 -62.87 -11.81
C ILE B 68 -1.22 -63.40 -12.82
N GLN B 69 -2.47 -63.54 -12.39
CA GLN B 69 -3.52 -63.99 -13.29
C GLN B 69 -3.79 -62.86 -14.27
N LYS B 70 -3.93 -63.19 -15.54
CA LYS B 70 -4.20 -62.17 -16.56
C LYS B 70 -5.69 -62.20 -16.88
N PHE B 71 -6.47 -61.41 -16.15
CA PHE B 71 -7.92 -61.37 -16.37
C PHE B 71 -8.26 -60.76 -17.70
N PRO B 72 -9.31 -61.30 -18.36
CA PRO B 72 -9.75 -60.82 -19.67
C PRO B 72 -10.14 -59.34 -19.58
N GLY B 73 -9.62 -58.54 -20.49
CA GLY B 73 -9.96 -57.13 -20.49
C GLY B 73 -9.14 -56.24 -19.56
N ILE B 74 -8.44 -56.84 -18.61
CA ILE B 74 -7.64 -56.06 -17.67
C ILE B 74 -6.22 -55.83 -18.20
N ASN B 75 -5.71 -54.61 -17.98
CA ASN B 75 -4.36 -54.22 -18.41
C ASN B 75 -3.39 -54.24 -17.24
N TYR B 76 -2.15 -54.64 -17.52
CA TYR B 76 -1.15 -54.71 -16.47
C TYR B 76 0.15 -54.06 -16.92
N PRO B 77 0.17 -52.73 -17.03
CA PRO B 77 1.36 -51.99 -17.45
C PRO B 77 2.49 -52.07 -16.44
N VAL B 78 3.71 -51.85 -16.91
CA VAL B 78 4.87 -51.91 -16.05
C VAL B 78 5.80 -50.74 -16.35
N LEU B 79 6.61 -50.34 -15.38
CA LEU B 79 7.53 -49.25 -15.59
C LEU B 79 8.83 -49.72 -16.20
N THR B 80 9.32 -48.97 -17.17
CA THR B 80 10.57 -49.27 -17.86
C THR B 80 11.41 -48.00 -17.93
N PRO B 81 12.21 -47.76 -16.87
CA PRO B 81 13.08 -46.58 -16.76
C PRO B 81 14.23 -46.46 -17.76
N ASN B 82 14.57 -47.55 -18.45
CA ASN B 82 15.64 -47.53 -19.45
C ASN B 82 15.48 -48.66 -20.44
N LEU B 83 16.07 -48.49 -21.62
CA LEU B 83 16.00 -49.46 -22.70
C LEU B 83 16.16 -50.92 -22.27
N LYS B 84 17.10 -51.18 -21.37
CA LYS B 84 17.32 -52.54 -20.88
C LYS B 84 16.08 -53.03 -20.13
N GLY B 85 15.58 -52.19 -19.23
CA GLY B 85 14.40 -52.54 -18.45
C GLY B 85 13.23 -52.84 -19.36
N PHE B 86 13.07 -52.02 -20.41
CA PHE B 86 11.99 -52.25 -21.35
C PHE B 86 12.23 -53.61 -22.00
N GLU B 87 13.46 -53.82 -22.42
CA GLU B 87 13.88 -55.06 -23.06
C GLU B 87 13.39 -56.23 -22.20
N ALA B 88 13.65 -56.15 -20.90
CA ALA B 88 13.26 -57.20 -19.96
C ALA B 88 11.74 -57.33 -19.77
N ALA B 89 11.03 -56.22 -19.91
CA ALA B 89 9.58 -56.25 -19.74
C ALA B 89 8.90 -57.00 -20.87
N VAL B 90 9.35 -56.74 -22.09
CA VAL B 90 8.81 -57.39 -23.27
C VAL B 90 9.01 -58.90 -23.17
N ALA B 91 10.21 -59.29 -22.79
CA ALA B 91 10.56 -60.70 -22.64
C ALA B 91 9.68 -61.36 -21.58
N ALA B 92 9.45 -60.63 -20.49
CA ALA B 92 8.63 -61.14 -19.41
C ALA B 92 7.15 -61.16 -19.77
N GLY B 93 6.83 -60.69 -20.98
CA GLY B 93 5.45 -60.69 -21.44
C GLY B 93 4.63 -59.41 -21.26
N ALA B 94 5.29 -58.29 -20.97
CA ALA B 94 4.55 -57.04 -20.79
C ALA B 94 3.89 -56.60 -22.08
N LYS B 95 2.62 -56.19 -21.98
CA LYS B 95 1.88 -55.72 -23.14
C LYS B 95 1.78 -54.20 -23.16
N GLU B 96 2.22 -53.56 -22.09
CA GLU B 96 2.18 -52.10 -21.98
C GLU B 96 3.26 -51.67 -21.00
N VAL B 97 4.01 -50.63 -21.37
CA VAL B 97 5.06 -50.12 -20.50
C VAL B 97 4.80 -48.66 -20.10
N VAL B 98 5.60 -48.15 -19.16
CA VAL B 98 5.44 -46.79 -18.67
C VAL B 98 6.76 -46.05 -18.50
N ILE B 99 6.92 -44.94 -19.21
CA ILE B 99 8.13 -44.14 -19.06
C ILE B 99 7.76 -42.94 -18.19
N PHE B 100 8.68 -42.45 -17.38
CA PHE B 100 8.35 -41.33 -16.53
C PHE B 100 9.33 -40.17 -16.57
N GLY B 101 8.79 -38.99 -16.82
CA GLY B 101 9.59 -37.78 -16.88
C GLY B 101 9.13 -36.79 -15.83
N ALA B 102 9.44 -35.52 -16.06
CA ALA B 102 9.06 -34.47 -15.12
C ALA B 102 9.17 -33.11 -15.77
N ALA B 103 8.36 -32.17 -15.29
CA ALA B 103 8.35 -30.81 -15.82
C ALA B 103 9.37 -29.95 -15.07
N SER B 104 10.25 -30.62 -14.32
CA SER B 104 11.27 -29.92 -13.54
C SER B 104 12.69 -30.39 -13.84
N GLU B 105 13.57 -29.46 -14.20
CA GLU B 105 14.97 -29.77 -14.51
C GLU B 105 15.69 -30.32 -13.28
N LEU B 106 15.57 -29.63 -12.16
CA LEU B 106 16.23 -30.09 -10.93
C LEU B 106 15.78 -31.51 -10.60
N PHE B 107 14.47 -31.72 -10.57
CA PHE B 107 13.91 -33.03 -10.24
C PHE B 107 14.43 -34.12 -11.17
N THR B 108 14.73 -33.75 -12.40
CA THR B 108 15.26 -34.71 -13.38
C THR B 108 16.73 -35.00 -13.05
N LYS B 109 17.46 -33.96 -12.66
CA LYS B 109 18.87 -34.08 -12.33
C LYS B 109 19.08 -34.91 -11.06
N LYS B 110 18.06 -34.98 -10.22
CA LYS B 110 18.12 -35.75 -8.98
C LYS B 110 17.63 -37.17 -9.20
N ASN B 111 16.58 -37.32 -10.01
CA ASN B 111 15.98 -38.62 -10.27
C ASN B 111 16.68 -39.45 -11.36
N ILE B 112 17.41 -38.80 -12.25
CA ILE B 112 18.11 -39.52 -13.32
C ILE B 112 19.39 -38.82 -13.80
N ASN B 113 19.86 -37.86 -13.01
CA ASN B 113 21.08 -37.11 -13.30
C ASN B 113 21.13 -36.36 -14.63
N CYS B 114 20.33 -36.79 -15.60
CA CYS B 114 20.31 -36.13 -16.90
C CYS B 114 19.41 -34.89 -16.94
N SER B 115 19.35 -34.27 -18.12
CA SER B 115 18.54 -33.08 -18.32
C SER B 115 17.15 -33.50 -18.75
N ILE B 116 16.28 -32.55 -19.06
CA ILE B 116 14.93 -32.89 -19.50
C ILE B 116 14.97 -33.29 -20.97
N GLU B 117 15.71 -32.55 -21.78
CA GLU B 117 15.80 -32.87 -23.20
C GLU B 117 16.51 -34.21 -23.34
N GLU B 118 17.47 -34.45 -22.45
CA GLU B 118 18.23 -35.68 -22.48
C GLU B 118 17.34 -36.88 -22.16
N SER B 119 16.51 -36.75 -21.12
CA SER B 119 15.61 -37.84 -20.74
C SER B 119 14.73 -38.19 -21.93
N PHE B 120 14.54 -37.24 -22.83
CA PHE B 120 13.71 -37.46 -24.01
C PHE B 120 14.46 -38.25 -25.08
N GLN B 121 15.79 -38.21 -25.01
CA GLN B 121 16.60 -38.97 -25.95
C GLN B 121 16.38 -40.42 -25.54
N ARG B 122 16.50 -40.66 -24.24
CA ARG B 122 16.31 -41.98 -23.66
C ARG B 122 14.94 -42.55 -24.03
N PHE B 123 13.90 -41.73 -23.82
CA PHE B 123 12.53 -42.13 -24.10
C PHE B 123 12.25 -42.46 -25.56
N ASP B 124 12.92 -41.74 -26.46
CA ASP B 124 12.75 -41.94 -27.90
C ASP B 124 13.18 -43.36 -28.27
N ALA B 125 14.27 -43.81 -27.65
CA ALA B 125 14.81 -45.13 -27.92
C ALA B 125 13.83 -46.22 -27.49
N ILE B 126 13.17 -46.01 -26.36
CA ILE B 126 12.19 -46.97 -25.85
C ILE B 126 10.95 -46.97 -26.73
N LEU B 127 10.38 -45.79 -26.98
CA LEU B 127 9.19 -45.68 -27.80
C LEU B 127 9.43 -46.34 -29.16
N LYS B 128 10.65 -46.16 -29.68
CA LYS B 128 11.02 -46.74 -30.96
C LYS B 128 10.88 -48.27 -30.91
N ALA B 129 11.61 -48.88 -29.99
CA ALA B 129 11.58 -50.33 -29.83
C ALA B 129 10.16 -50.76 -29.50
N ALA B 130 9.53 -50.00 -28.60
CA ALA B 130 8.16 -50.28 -28.19
C ALA B 130 7.27 -50.37 -29.42
N GLN B 131 7.46 -49.44 -30.35
CA GLN B 131 6.65 -49.43 -31.56
C GLN B 131 6.93 -50.63 -32.45
N SER B 132 8.19 -51.04 -32.51
CA SER B 132 8.54 -52.21 -33.31
C SER B 132 7.95 -53.44 -32.63
N ALA B 133 8.12 -53.51 -31.32
CA ALA B 133 7.63 -54.63 -30.52
C ALA B 133 6.12 -54.62 -30.35
N ASN B 134 5.48 -53.58 -30.86
CA ASN B 134 4.02 -53.45 -30.76
C ASN B 134 3.60 -53.37 -29.29
N ILE B 135 4.24 -52.46 -28.56
CA ILE B 135 3.95 -52.26 -27.15
C ILE B 135 3.48 -50.84 -26.90
N SER B 136 2.27 -50.70 -26.36
CA SER B 136 1.73 -49.37 -26.08
C SER B 136 2.50 -48.75 -24.92
N VAL B 137 2.68 -47.44 -24.97
CA VAL B 137 3.41 -46.74 -23.93
C VAL B 137 2.58 -45.65 -23.28
N ARG B 138 2.73 -45.55 -21.97
CA ARG B 138 2.05 -44.53 -21.19
C ARG B 138 3.14 -43.65 -20.61
N GLY B 139 2.91 -42.34 -20.64
CA GLY B 139 3.88 -41.42 -20.09
C GLY B 139 3.43 -41.00 -18.70
N TYR B 140 4.33 -40.36 -17.97
CA TYR B 140 4.06 -39.89 -16.62
C TYR B 140 4.89 -38.62 -16.46
N VAL B 141 4.29 -37.55 -15.95
CA VAL B 141 5.01 -36.30 -15.76
C VAL B 141 5.00 -35.92 -14.27
N SER B 142 6.16 -35.95 -13.64
CA SER B 142 6.26 -35.60 -12.23
C SER B 142 6.27 -34.09 -12.02
N CYS B 143 5.94 -33.67 -10.80
CA CYS B 143 5.93 -32.26 -10.43
C CYS B 143 4.98 -31.39 -11.29
N ALA B 144 3.89 -31.96 -11.78
CA ALA B 144 2.95 -31.20 -12.63
C ALA B 144 2.22 -30.09 -11.87
N LEU B 145 2.19 -30.19 -10.55
CA LEU B 145 1.52 -29.18 -9.74
C LEU B 145 2.49 -28.53 -8.77
N GLY B 146 3.78 -28.65 -9.07
CA GLY B 146 4.79 -28.07 -8.19
C GLY B 146 5.92 -29.04 -7.95
N CYS B 147 7.11 -28.51 -7.70
CA CYS B 147 8.28 -29.32 -7.46
C CYS B 147 8.88 -29.06 -6.08
N PRO B 148 9.40 -30.10 -5.43
CA PRO B 148 10.02 -29.97 -4.10
C PRO B 148 11.32 -29.17 -4.18
N TYR B 149 11.93 -29.15 -5.35
CA TYR B 149 13.19 -28.43 -5.55
C TYR B 149 12.99 -27.06 -6.18
N GLU B 150 12.40 -27.03 -7.38
CA GLU B 150 12.18 -25.77 -8.08
C GLU B 150 11.00 -24.94 -7.55
N GLY B 151 10.06 -25.60 -6.87
CA GLY B 151 8.90 -24.90 -6.36
C GLY B 151 7.85 -24.80 -7.45
N LYS B 152 7.29 -23.62 -7.65
CA LYS B 152 6.24 -23.41 -8.66
C LYS B 152 6.61 -23.89 -10.06
N ILE B 153 5.73 -24.70 -10.65
CA ILE B 153 5.94 -25.22 -11.98
C ILE B 153 4.92 -24.56 -12.90
N SER B 154 5.34 -24.24 -14.12
CA SER B 154 4.51 -23.57 -15.10
C SER B 154 3.58 -24.43 -15.94
N PRO B 155 2.31 -24.01 -16.09
CA PRO B 155 1.39 -24.79 -16.89
C PRO B 155 1.93 -24.99 -18.31
N ALA B 156 2.64 -23.97 -18.81
CA ALA B 156 3.21 -24.05 -20.16
C ALA B 156 4.25 -25.16 -20.26
N LYS B 157 5.09 -25.28 -19.24
CA LYS B 157 6.11 -26.31 -19.20
C LYS B 157 5.46 -27.70 -19.12
N VAL B 158 4.51 -27.86 -18.21
CA VAL B 158 3.82 -29.13 -18.07
C VAL B 158 3.19 -29.48 -19.41
N ALA B 159 2.63 -28.48 -20.09
CA ALA B 159 2.00 -28.71 -21.38
C ALA B 159 3.04 -29.09 -22.43
N GLU B 160 4.24 -28.53 -22.29
CA GLU B 160 5.32 -28.79 -23.24
C GLU B 160 5.82 -30.24 -23.16
N VAL B 161 6.06 -30.71 -21.94
CA VAL B 161 6.53 -32.07 -21.72
C VAL B 161 5.44 -33.08 -22.11
N THR B 162 4.21 -32.80 -21.70
CA THR B 162 3.09 -33.68 -22.03
C THR B 162 2.97 -33.78 -23.55
N LYS B 163 3.19 -32.65 -24.22
CA LYS B 163 3.11 -32.58 -25.67
C LYS B 163 4.19 -33.44 -26.30
N LYS B 164 5.41 -33.33 -25.78
CA LYS B 164 6.54 -34.11 -26.27
C LYS B 164 6.22 -35.60 -26.21
N PHE B 165 5.83 -36.07 -25.01
CA PHE B 165 5.47 -37.46 -24.77
C PHE B 165 4.41 -37.97 -25.71
N TYR B 166 3.36 -37.18 -25.91
CA TYR B 166 2.26 -37.57 -26.77
C TYR B 166 2.66 -37.70 -28.25
N SER B 167 3.44 -36.75 -28.75
CA SER B 167 3.86 -36.78 -30.15
C SER B 167 4.87 -37.90 -30.45
N MET B 168 5.64 -38.31 -29.44
CA MET B 168 6.62 -39.39 -29.62
C MET B 168 5.92 -40.75 -29.67
N GLY B 169 4.63 -40.77 -29.32
CA GLY B 169 3.91 -42.04 -29.35
C GLY B 169 3.08 -42.42 -28.13
N CYS B 170 3.36 -41.84 -26.97
CA CYS B 170 2.59 -42.17 -25.76
C CYS B 170 1.10 -42.03 -26.10
N TYR B 171 0.29 -43.01 -25.70
CA TYR B 171 -1.13 -42.95 -26.00
C TYR B 171 -1.93 -42.23 -24.90
N GLU B 172 -1.35 -42.19 -23.72
CA GLU B 172 -1.97 -41.57 -22.56
C GLU B 172 -0.88 -41.00 -21.66
N ILE B 173 -1.06 -39.80 -21.14
CA ILE B 173 -0.05 -39.24 -20.25
C ILE B 173 -0.67 -38.89 -18.91
N SER B 174 -0.05 -39.38 -17.84
CA SER B 174 -0.51 -39.13 -16.50
C SER B 174 0.27 -37.99 -15.88
N LEU B 175 -0.47 -36.96 -15.45
CA LEU B 175 0.09 -35.77 -14.82
C LEU B 175 0.06 -35.98 -13.30
N GLY B 176 1.24 -36.00 -12.68
CA GLY B 176 1.26 -36.24 -11.25
C GLY B 176 1.69 -35.14 -10.30
N ASP B 177 0.93 -34.99 -9.21
CA ASP B 177 1.23 -34.03 -8.17
C ASP B 177 1.97 -34.85 -7.13
N THR B 178 3.21 -35.19 -7.47
CA THR B 178 4.10 -36.00 -6.65
C THR B 178 4.22 -35.55 -5.19
N ILE B 179 4.34 -34.25 -4.94
CA ILE B 179 4.43 -33.82 -3.55
C ILE B 179 3.08 -33.44 -2.94
N GLY B 180 2.00 -33.68 -3.69
CA GLY B 180 0.66 -33.38 -3.20
C GLY B 180 0.46 -31.97 -2.68
N VAL B 181 1.11 -30.99 -3.31
CA VAL B 181 0.97 -29.61 -2.88
C VAL B 181 -0.06 -28.83 -3.69
N GLY B 182 -0.55 -29.41 -4.78
CA GLY B 182 -1.52 -28.71 -5.60
C GLY B 182 -2.87 -28.43 -4.96
N THR B 183 -3.49 -27.32 -5.37
CA THR B 183 -4.82 -26.96 -4.89
C THR B 183 -5.65 -26.86 -6.17
N PRO B 184 -6.98 -26.72 -6.06
CA PRO B 184 -7.84 -26.65 -7.26
C PRO B 184 -7.50 -25.70 -8.41
N GLY B 185 -7.20 -24.44 -8.10
CA GLY B 185 -6.89 -23.50 -9.16
C GLY B 185 -5.62 -23.87 -9.92
N ILE B 186 -4.64 -24.39 -9.21
CA ILE B 186 -3.37 -24.81 -9.80
C ILE B 186 -3.66 -25.93 -10.78
N MET B 187 -4.45 -26.90 -10.34
CA MET B 187 -4.83 -28.03 -11.18
C MET B 187 -5.55 -27.53 -12.42
N LYS B 188 -6.51 -26.62 -12.24
CA LYS B 188 -7.26 -26.09 -13.37
C LYS B 188 -6.39 -25.35 -14.38
N ASP B 189 -5.41 -24.59 -13.88
CA ASP B 189 -4.52 -23.86 -14.78
C ASP B 189 -3.66 -24.83 -15.57
N MET B 190 -3.13 -25.84 -14.87
CA MET B 190 -2.27 -26.84 -15.48
C MET B 190 -3.05 -27.61 -16.57
N LEU B 191 -4.16 -28.21 -16.18
CA LEU B 191 -4.97 -28.96 -17.13
C LEU B 191 -5.37 -28.11 -18.32
N SER B 192 -5.72 -26.86 -18.05
CA SER B 192 -6.15 -25.95 -19.11
C SER B 192 -5.06 -25.75 -20.19
N ALA B 193 -3.83 -25.54 -19.76
CA ALA B 193 -2.73 -25.35 -20.70
C ALA B 193 -2.47 -26.66 -21.47
N VAL B 194 -2.43 -27.78 -20.75
CA VAL B 194 -2.19 -29.07 -21.36
C VAL B 194 -3.25 -29.42 -22.42
N MET B 195 -4.52 -29.16 -22.10
CA MET B 195 -5.63 -29.45 -23.00
C MET B 195 -5.58 -28.74 -24.35
N GLN B 196 -4.74 -27.72 -24.48
CA GLN B 196 -4.61 -26.98 -25.75
C GLN B 196 -3.82 -27.81 -26.75
N GLU B 197 -2.80 -28.49 -26.22
CA GLU B 197 -1.86 -29.30 -27.00
C GLU B 197 -2.21 -30.79 -27.16
N VAL B 198 -2.72 -31.40 -26.09
CA VAL B 198 -3.02 -32.81 -26.08
C VAL B 198 -4.51 -33.10 -25.90
N PRO B 199 -5.08 -33.97 -26.73
CA PRO B 199 -6.51 -34.28 -26.61
C PRO B 199 -6.86 -34.80 -25.22
N LEU B 200 -8.05 -34.44 -24.76
CA LEU B 200 -8.54 -34.79 -23.44
C LEU B 200 -8.49 -36.27 -23.02
N ALA B 201 -8.90 -37.17 -23.90
CA ALA B 201 -8.91 -38.59 -23.60
C ALA B 201 -7.54 -39.20 -23.34
N ALA B 202 -6.48 -38.50 -23.73
CA ALA B 202 -5.12 -39.01 -23.53
C ALA B 202 -4.53 -38.51 -22.22
N LEU B 203 -5.35 -37.85 -21.40
CA LEU B 203 -4.88 -37.30 -20.13
C LEU B 203 -5.36 -38.04 -18.90
N ALA B 204 -4.49 -38.10 -17.89
CA ALA B 204 -4.82 -38.75 -16.63
C ALA B 204 -4.18 -37.91 -15.53
N VAL B 205 -4.71 -38.00 -14.32
CA VAL B 205 -4.11 -37.27 -13.22
C VAL B 205 -3.80 -38.20 -12.07
N HIS B 206 -2.66 -37.96 -11.43
CA HIS B 206 -2.18 -38.74 -10.31
C HIS B 206 -1.91 -37.75 -9.17
N CYS B 207 -2.86 -37.67 -8.24
CA CYS B 207 -2.77 -36.73 -7.14
C CYS B 207 -2.46 -37.34 -5.78
N HIS B 208 -1.43 -36.83 -5.12
CA HIS B 208 -1.08 -37.33 -3.80
C HIS B 208 -1.91 -36.58 -2.78
N ASP B 209 -2.14 -37.23 -1.64
CA ASP B 209 -2.97 -36.65 -0.58
C ASP B 209 -2.17 -36.18 0.62
N THR B 210 -0.89 -35.87 0.39
CA THR B 210 0.00 -35.42 1.44
C THR B 210 -0.56 -34.25 2.23
N TYR B 211 -1.19 -33.31 1.53
CA TYR B 211 -1.77 -32.14 2.19
C TYR B 211 -3.31 -32.20 2.22
N GLY B 212 -3.85 -33.39 1.92
CA GLY B 212 -5.28 -33.61 1.93
C GLY B 212 -6.05 -33.01 0.76
N GLN B 213 -5.34 -32.76 -0.34
CA GLN B 213 -5.92 -32.16 -1.52
C GLN B 213 -6.20 -33.10 -2.69
N ALA B 214 -5.78 -34.35 -2.59
CA ALA B 214 -5.95 -35.33 -3.67
C ALA B 214 -7.38 -35.46 -4.25
N LEU B 215 -8.38 -35.74 -3.41
CA LEU B 215 -9.74 -35.90 -3.94
C LEU B 215 -10.27 -34.61 -4.51
N ALA B 216 -9.97 -33.49 -3.84
CA ALA B 216 -10.39 -32.17 -4.29
C ALA B 216 -9.75 -31.87 -5.64
N ASN B 217 -8.45 -32.13 -5.76
CA ASN B 217 -7.75 -31.88 -7.02
C ASN B 217 -8.28 -32.84 -8.10
N THR B 218 -8.60 -34.06 -7.69
CA THR B 218 -9.14 -35.02 -8.64
C THR B 218 -10.51 -34.54 -9.11
N LEU B 219 -11.35 -34.06 -8.20
CA LEU B 219 -12.69 -33.56 -8.58
C LEU B 219 -12.54 -32.47 -9.65
N MET B 220 -11.61 -31.54 -9.42
CA MET B 220 -11.37 -30.46 -10.36
C MET B 220 -11.00 -31.01 -11.75
N ALA B 221 -10.10 -31.99 -11.80
CA ALA B 221 -9.70 -32.57 -13.09
C ALA B 221 -10.92 -33.17 -13.77
N LEU B 222 -11.73 -33.90 -13.00
CA LEU B 222 -12.93 -34.51 -13.55
C LEU B 222 -13.86 -33.44 -14.13
N GLN B 223 -14.02 -32.32 -13.42
CA GLN B 223 -14.88 -31.25 -13.90
C GLN B 223 -14.33 -30.64 -15.17
N MET B 224 -13.03 -30.83 -15.41
CA MET B 224 -12.38 -30.31 -16.61
C MET B 224 -12.49 -31.30 -17.77
N GLY B 225 -13.06 -32.48 -17.51
CA GLY B 225 -13.21 -33.47 -18.55
C GLY B 225 -12.29 -34.68 -18.53
N VAL B 226 -11.31 -34.69 -17.63
CA VAL B 226 -10.38 -35.79 -17.51
C VAL B 226 -11.17 -37.03 -17.06
N SER B 227 -10.89 -38.16 -17.72
CA SER B 227 -11.61 -39.40 -17.43
C SER B 227 -10.80 -40.57 -16.89
N VAL B 228 -9.51 -40.37 -16.64
CA VAL B 228 -8.71 -41.44 -16.06
C VAL B 228 -7.95 -40.85 -14.90
N VAL B 229 -7.99 -41.51 -13.75
CA VAL B 229 -7.29 -41.02 -12.58
C VAL B 229 -6.58 -42.15 -11.87
N ASP B 230 -5.39 -41.84 -11.36
CA ASP B 230 -4.57 -42.82 -10.66
C ASP B 230 -4.75 -42.74 -9.16
N SER B 231 -4.69 -43.89 -8.52
CA SER B 231 -4.82 -43.98 -7.07
C SER B 231 -4.26 -45.32 -6.61
N SER B 232 -4.03 -45.46 -5.32
CA SER B 232 -3.47 -46.68 -4.75
C SER B 232 -4.47 -47.18 -3.72
N VAL B 233 -4.56 -48.51 -3.58
CA VAL B 233 -5.51 -49.14 -2.65
C VAL B 233 -5.69 -48.37 -1.34
N ALA B 234 -5.33 -48.97 -0.23
CA ALA B 234 -5.49 -48.34 1.07
C ALA B 234 -4.66 -47.06 1.20
N GLY B 235 -4.58 -46.27 0.14
CA GLY B 235 -3.78 -45.06 0.18
C GLY B 235 -2.31 -45.39 0.39
N LEU B 236 -1.84 -46.48 -0.23
CA LEU B 236 -0.44 -46.92 -0.10
C LEU B 236 0.60 -46.05 -0.78
N GLY B 237 1.80 -46.05 -0.21
CA GLY B 237 2.90 -45.27 -0.77
C GLY B 237 3.01 -43.86 -0.22
N GLY B 238 3.82 -43.70 0.82
CA GLY B 238 4.01 -42.38 1.42
C GLY B 238 4.83 -41.44 0.55
N CYS B 239 5.22 -40.30 1.11
CA CYS B 239 6.01 -39.31 0.37
C CYS B 239 7.43 -39.15 0.94
N PRO B 240 8.44 -39.22 0.05
CA PRO B 240 9.85 -39.09 0.43
C PRO B 240 10.22 -37.69 0.94
N TYR B 241 9.49 -36.68 0.46
CA TYR B 241 9.75 -35.29 0.83
C TYR B 241 8.92 -34.80 2.02
N ALA B 242 8.27 -35.73 2.72
CA ALA B 242 7.45 -35.38 3.88
C ALA B 242 7.77 -36.28 5.06
N GLN B 243 7.15 -35.95 6.19
CA GLN B 243 7.33 -36.73 7.42
C GLN B 243 6.61 -38.05 7.23
N GLY B 244 5.97 -38.54 8.28
CA GLY B 244 5.21 -39.78 8.17
C GLY B 244 3.84 -39.39 7.68
N ALA B 245 3.82 -38.69 6.55
CA ALA B 245 2.59 -38.20 5.93
C ALA B 245 2.05 -39.14 4.85
N SER B 246 0.73 -39.13 4.68
CA SER B 246 0.07 -39.98 3.69
C SER B 246 0.68 -39.84 2.30
N GLY B 247 0.37 -40.79 1.42
CA GLY B 247 0.90 -40.76 0.07
C GLY B 247 -0.14 -40.61 -1.02
N ASN B 248 -0.43 -41.71 -1.72
CA ASN B 248 -1.40 -41.69 -2.81
C ASN B 248 -2.86 -41.50 -2.36
N LEU B 249 -3.67 -41.05 -3.30
CA LEU B 249 -5.10 -40.90 -3.04
C LEU B 249 -5.60 -42.33 -2.93
N ALA B 250 -6.37 -42.62 -1.88
CA ALA B 250 -6.90 -43.98 -1.67
C ALA B 250 -7.97 -44.30 -2.69
N THR B 251 -7.75 -45.37 -3.45
CA THR B 251 -8.69 -45.82 -4.48
C THR B 251 -10.09 -46.04 -3.93
N GLU B 252 -10.21 -46.61 -2.73
CA GLU B 252 -11.53 -46.85 -2.16
C GLU B 252 -12.32 -45.56 -1.95
N ASP B 253 -11.63 -44.49 -1.56
CA ASP B 253 -12.29 -43.22 -1.30
C ASP B 253 -12.70 -42.59 -2.61
N LEU B 254 -11.91 -42.86 -3.65
CA LEU B 254 -12.22 -42.35 -4.96
C LEU B 254 -13.43 -43.08 -5.55
N VAL B 255 -13.50 -44.40 -5.40
CA VAL B 255 -14.64 -45.10 -5.96
C VAL B 255 -15.91 -44.63 -5.24
N TYR B 256 -15.80 -44.43 -3.94
CA TYR B 256 -16.95 -43.96 -3.16
C TYR B 256 -17.53 -42.68 -3.77
N MET B 257 -16.66 -41.71 -4.03
CA MET B 257 -17.09 -40.44 -4.61
C MET B 257 -17.71 -40.62 -5.98
N LEU B 258 -17.03 -41.35 -6.86
CA LEU B 258 -17.52 -41.60 -8.21
C LEU B 258 -18.88 -42.30 -8.15
N GLU B 259 -18.99 -43.33 -7.34
CA GLU B 259 -20.27 -44.03 -7.25
C GLU B 259 -21.32 -43.05 -6.75
N GLY B 260 -20.94 -42.19 -5.81
CA GLY B 260 -21.87 -41.19 -5.29
C GLY B 260 -22.32 -40.30 -6.42
N LEU B 261 -21.40 -40.00 -7.34
CA LEU B 261 -21.70 -39.17 -8.51
C LEU B 261 -22.46 -39.95 -9.58
N GLY B 262 -22.67 -41.24 -9.35
CA GLY B 262 -23.36 -42.04 -10.36
C GLY B 262 -22.46 -42.22 -11.57
N ILE B 263 -21.14 -42.23 -11.34
CA ILE B 263 -20.17 -42.39 -12.43
C ILE B 263 -19.66 -43.83 -12.47
N HIS B 264 -19.66 -44.43 -13.66
CA HIS B 264 -19.23 -45.82 -13.82
C HIS B 264 -17.73 -46.04 -13.65
N THR B 265 -17.38 -47.03 -12.84
CA THR B 265 -15.98 -47.39 -12.62
C THR B 265 -15.82 -48.86 -12.95
N GLY B 266 -16.84 -49.65 -12.61
CA GLY B 266 -16.79 -51.08 -12.87
C GLY B 266 -16.09 -51.79 -11.73
N VAL B 267 -15.75 -51.03 -10.69
CA VAL B 267 -15.07 -51.59 -9.54
C VAL B 267 -16.06 -52.02 -8.46
N ASN B 268 -15.77 -53.14 -7.80
CA ASN B 268 -16.61 -53.65 -6.72
C ASN B 268 -15.93 -53.19 -5.44
N LEU B 269 -16.54 -52.22 -4.77
CA LEU B 269 -15.97 -51.65 -3.55
C LEU B 269 -15.74 -52.65 -2.43
N GLN B 270 -16.66 -53.59 -2.25
CA GLN B 270 -16.48 -54.59 -1.20
C GLN B 270 -15.22 -55.42 -1.43
N LYS B 271 -15.01 -55.85 -2.67
CA LYS B 271 -13.81 -56.64 -2.97
C LYS B 271 -12.57 -55.76 -2.92
N LEU B 272 -12.73 -54.50 -3.30
CA LEU B 272 -11.60 -53.59 -3.28
C LEU B 272 -11.09 -53.46 -1.85
N LEU B 273 -12.01 -53.40 -0.90
CA LEU B 273 -11.65 -53.28 0.51
C LEU B 273 -10.92 -54.51 1.05
N GLU B 274 -11.31 -55.69 0.56
CA GLU B 274 -10.67 -56.92 0.98
C GLU B 274 -9.21 -56.86 0.56
N ALA B 275 -8.99 -56.44 -0.68
CA ALA B 275 -7.65 -56.31 -1.21
C ALA B 275 -6.86 -55.34 -0.32
N GLY B 276 -7.45 -54.17 -0.07
CA GLY B 276 -6.83 -53.17 0.75
C GLY B 276 -6.46 -53.72 2.12
N ASN B 277 -7.39 -54.44 2.75
CA ASN B 277 -7.10 -54.99 4.07
C ASN B 277 -6.06 -56.11 4.02
N PHE B 278 -6.04 -56.86 2.92
CA PHE B 278 -5.07 -57.94 2.77
C PHE B 278 -3.64 -57.39 2.79
N ILE B 279 -3.40 -56.37 1.98
CA ILE B 279 -2.06 -55.79 1.90
C ILE B 279 -1.64 -55.01 3.15
N CYS B 280 -2.59 -54.30 3.77
CA CYS B 280 -2.25 -53.55 4.99
C CYS B 280 -1.77 -54.49 6.08
N GLN B 281 -2.39 -55.65 6.18
CA GLN B 281 -1.99 -56.62 7.17
C GLN B 281 -0.60 -57.18 6.84
N ALA B 282 -0.38 -57.51 5.58
CA ALA B 282 0.91 -58.03 5.15
C ALA B 282 1.99 -56.99 5.47
N LEU B 283 1.66 -55.72 5.26
CA LEU B 283 2.59 -54.63 5.52
C LEU B 283 2.58 -54.26 7.01
N ASN B 284 1.60 -54.78 7.74
CA ASN B 284 1.48 -54.47 9.16
C ASN B 284 1.21 -52.98 9.39
N ARG B 285 0.45 -52.37 8.49
CA ARG B 285 0.13 -50.94 8.61
C ARG B 285 -1.38 -50.70 8.70
N LYS B 286 -1.76 -49.43 8.83
CA LYS B 286 -3.16 -49.04 8.90
C LYS B 286 -3.55 -48.46 7.55
N THR B 287 -4.70 -48.88 7.04
CA THR B 287 -5.15 -48.36 5.76
C THR B 287 -5.32 -46.85 5.89
N SER B 288 -5.09 -46.13 4.80
CA SER B 288 -5.25 -44.66 4.80
C SER B 288 -6.61 -44.33 4.22
N SER B 289 -7.38 -45.35 3.88
CA SER B 289 -8.71 -45.17 3.32
C SER B 289 -9.74 -44.84 4.40
N LYS B 290 -10.39 -43.70 4.27
CA LYS B 290 -11.42 -43.29 5.21
C LYS B 290 -12.61 -44.22 5.04
N VAL B 291 -12.93 -44.51 3.79
CA VAL B 291 -14.06 -45.40 3.51
C VAL B 291 -13.88 -46.70 4.27
N ALA B 292 -12.66 -47.23 4.23
CA ALA B 292 -12.30 -48.46 4.92
C ALA B 292 -12.45 -48.35 6.44
N GLN B 293 -12.15 -47.19 6.99
CA GLN B 293 -12.27 -47.00 8.43
C GLN B 293 -13.72 -46.87 8.87
N ALA B 294 -14.52 -46.15 8.09
CA ALA B 294 -15.93 -45.98 8.40
C ALA B 294 -16.72 -47.27 8.13
N THR B 295 -16.19 -48.11 7.25
CA THR B 295 -16.86 -49.36 6.88
C THR B 295 -16.58 -50.55 7.80
N CYS B 296 -15.44 -50.53 8.49
CA CYS B 296 -15.12 -51.63 9.41
C CYS B 296 -13.76 -51.51 10.08
N THR C 1 -26.81 32.16 9.81
CA THR C 1 -25.59 32.22 10.67
C THR C 1 -25.79 31.63 12.06
N LEU C 2 -25.04 32.17 13.03
CA LEU C 2 -25.10 31.71 14.41
C LEU C 2 -26.44 31.89 15.09
N PRO C 3 -26.92 30.87 15.80
CA PRO C 3 -28.20 30.99 16.50
C PRO C 3 -27.97 31.85 17.74
N LYS C 4 -28.99 32.58 18.18
CA LYS C 4 -28.86 33.42 19.36
C LYS C 4 -28.97 32.62 20.64
N ARG C 5 -29.45 31.39 20.53
CA ARG C 5 -29.59 30.52 21.69
C ARG C 5 -29.37 29.07 21.28
N VAL C 6 -28.82 28.29 22.20
CA VAL C 6 -28.51 26.89 21.94
C VAL C 6 -28.98 26.01 23.08
N LYS C 7 -29.56 24.87 22.73
CA LYS C 7 -30.02 23.92 23.73
C LYS C 7 -28.93 22.86 23.87
N ILE C 8 -28.21 22.88 24.98
CA ILE C 8 -27.16 21.89 25.21
C ILE C 8 -27.74 20.62 25.81
N VAL C 9 -27.44 19.48 25.20
CA VAL C 9 -27.91 18.21 25.72
C VAL C 9 -26.74 17.54 26.44
N GLU C 10 -26.83 17.49 27.76
CA GLU C 10 -25.80 16.90 28.60
C GLU C 10 -25.93 15.38 28.61
N VAL C 11 -24.93 14.69 28.05
CA VAL C 11 -24.96 13.24 27.99
C VAL C 11 -23.98 12.58 28.96
N GLY C 12 -23.49 13.38 29.91
CA GLY C 12 -22.53 12.88 30.90
C GLY C 12 -22.94 11.60 31.63
N PRO C 13 -24.10 11.60 32.30
CA PRO C 13 -24.55 10.42 33.04
C PRO C 13 -24.76 9.16 32.21
N MET C 14 -25.27 9.31 30.99
CA MET C 14 -25.52 8.16 30.13
C MET C 14 -24.32 7.83 29.23
N ASP C 15 -24.21 8.55 28.12
CA ASP C 15 -23.14 8.35 27.17
C ASP C 15 -21.78 8.51 27.83
N GLY C 16 -21.72 9.36 28.84
CA GLY C 16 -20.47 9.60 29.55
C GLY C 16 -20.00 8.44 30.41
N LEU C 17 -20.78 8.08 31.43
CA LEU C 17 -20.41 6.97 32.31
C LEU C 17 -20.44 5.61 31.62
N GLN C 18 -21.25 5.49 30.58
CA GLN C 18 -21.38 4.25 29.84
C GLN C 18 -20.06 3.78 29.23
N ASN C 19 -19.23 4.74 28.82
CA ASN C 19 -17.94 4.40 28.21
C ASN C 19 -16.77 4.74 29.12
N GLU C 20 -17.06 4.97 30.41
CA GLU C 20 -16.00 5.30 31.34
C GLU C 20 -15.39 4.06 31.97
N LYS C 21 -14.09 4.12 32.21
CA LYS C 21 -13.33 3.02 32.80
C LYS C 21 -14.03 2.29 33.95
N ASN C 22 -14.07 2.94 35.12
CA ASN C 22 -14.68 2.35 36.31
C ASN C 22 -16.20 2.54 36.34
N ILE C 23 -16.85 2.04 37.39
CA ILE C 23 -18.30 2.15 37.53
C ILE C 23 -18.71 2.73 38.89
N VAL C 24 -19.16 3.99 38.87
CA VAL C 24 -19.57 4.66 40.10
C VAL C 24 -20.81 4.02 40.72
N SER C 25 -21.09 4.38 41.98
CA SER C 25 -22.24 3.87 42.70
C SER C 25 -23.50 4.59 42.23
N THR C 26 -24.66 4.14 42.70
CA THR C 26 -25.93 4.75 42.32
C THR C 26 -26.17 6.09 43.01
N PRO C 27 -25.83 6.21 44.31
CA PRO C 27 -26.06 7.51 44.94
C PRO C 27 -25.17 8.58 44.31
N VAL C 28 -24.04 8.16 43.75
CA VAL C 28 -23.13 9.08 43.07
C VAL C 28 -23.77 9.52 41.76
N LYS C 29 -24.21 8.55 40.97
CA LYS C 29 -24.87 8.82 39.69
C LYS C 29 -26.03 9.77 39.92
N ILE C 30 -26.92 9.37 40.81
CA ILE C 30 -28.11 10.15 41.15
C ILE C 30 -27.77 11.59 41.50
N LYS C 31 -26.77 11.79 42.34
CA LYS C 31 -26.38 13.14 42.75
C LYS C 31 -25.92 14.00 41.58
N LEU C 32 -24.98 13.48 40.80
CA LEU C 32 -24.45 14.19 39.64
C LEU C 32 -25.59 14.82 38.84
N ILE C 33 -26.51 13.97 38.38
CA ILE C 33 -27.65 14.44 37.60
C ILE C 33 -28.33 15.59 38.31
N ASP C 34 -28.57 15.41 39.61
CA ASP C 34 -29.21 16.44 40.40
C ASP C 34 -28.44 17.76 40.30
N MET C 35 -27.12 17.69 40.42
CA MET C 35 -26.27 18.88 40.32
C MET C 35 -26.35 19.52 38.95
N LEU C 36 -26.37 18.70 37.90
CA LEU C 36 -26.45 19.22 36.53
C LEU C 36 -27.74 20.02 36.37
N SER C 37 -28.80 19.56 37.03
CA SER C 37 -30.09 20.24 36.95
C SER C 37 -29.98 21.63 37.55
N GLU C 38 -29.29 21.69 38.68
CA GLU C 38 -29.10 22.95 39.40
C GLU C 38 -28.24 23.92 38.61
N ALA C 39 -27.36 23.39 37.77
CA ALA C 39 -26.48 24.24 36.97
C ALA C 39 -27.24 24.89 35.81
N GLY C 40 -28.40 24.33 35.46
CA GLY C 40 -29.18 24.91 34.38
C GLY C 40 -29.53 24.02 33.20
N LEU C 41 -28.72 23.02 32.92
CA LEU C 41 -28.99 22.11 31.79
C LEU C 41 -30.49 21.92 31.54
N SER C 42 -30.92 22.21 30.31
CA SER C 42 -32.32 22.07 29.92
C SER C 42 -32.69 20.62 29.63
N VAL C 43 -31.70 19.83 29.23
CA VAL C 43 -31.94 18.41 28.91
C VAL C 43 -30.74 17.58 29.40
N ILE C 44 -31.02 16.51 30.14
CA ILE C 44 -29.97 15.66 30.66
C ILE C 44 -30.25 14.18 30.37
N GLU C 45 -29.43 13.57 29.53
CA GLU C 45 -29.60 12.16 29.19
C GLU C 45 -29.27 11.35 30.46
N THR C 46 -30.31 10.84 31.11
CA THR C 46 -30.18 10.09 32.37
C THR C 46 -29.51 8.71 32.42
N THR C 47 -29.98 7.76 31.62
CA THR C 47 -29.39 6.42 31.63
C THR C 47 -29.91 5.55 30.49
N SER C 48 -29.23 4.42 30.26
CA SER C 48 -29.62 3.52 29.19
C SER C 48 -30.17 2.20 29.73
N PHE C 49 -31.45 1.96 29.51
CA PHE C 49 -32.09 0.73 29.97
C PHE C 49 -31.67 -0.44 29.11
N VAL C 50 -30.44 -0.90 29.35
CA VAL C 50 -29.85 -2.00 28.62
C VAL C 50 -29.37 -3.09 29.59
N SER C 51 -29.51 -4.34 29.17
CA SER C 51 -29.11 -5.49 29.96
C SER C 51 -27.81 -5.28 30.71
N PRO C 52 -27.87 -5.34 32.05
CA PRO C 52 -26.66 -5.15 32.86
C PRO C 52 -25.62 -6.20 32.47
N LYS C 53 -26.05 -7.12 31.61
CA LYS C 53 -25.19 -8.19 31.13
C LYS C 53 -23.90 -7.61 30.56
N TRP C 54 -24.03 -6.86 29.47
CA TRP C 54 -22.88 -6.24 28.79
C TRP C 54 -22.59 -4.82 29.26
N VAL C 55 -23.57 -4.16 29.89
CA VAL C 55 -23.40 -2.78 30.33
C VAL C 55 -23.56 -2.63 31.86
N PRO C 56 -22.60 -3.17 32.63
CA PRO C 56 -22.64 -3.09 34.09
C PRO C 56 -22.69 -1.66 34.64
N GLN C 57 -21.94 -0.76 34.02
CA GLN C 57 -21.91 0.63 34.46
C GLN C 57 -23.29 1.29 34.40
N MET C 58 -24.20 0.67 33.65
CA MET C 58 -25.56 1.20 33.51
C MET C 58 -26.62 0.25 34.08
N GLY C 59 -26.19 -0.83 34.71
CA GLY C 59 -27.12 -1.79 35.27
C GLY C 59 -28.13 -1.25 36.26
N ASP C 60 -27.79 -0.15 36.93
CA ASP C 60 -28.66 0.46 37.92
C ASP C 60 -29.60 1.50 37.30
N HIS C 61 -29.69 1.47 35.98
CA HIS C 61 -30.52 2.38 35.20
C HIS C 61 -31.94 2.63 35.71
N THR C 62 -32.62 1.58 36.15
CA THR C 62 -33.99 1.73 36.65
C THR C 62 -34.09 2.64 37.86
N GLU C 63 -33.58 2.16 38.99
CA GLU C 63 -33.61 2.93 40.23
C GLU C 63 -32.92 4.28 40.09
N VAL C 64 -32.04 4.42 39.11
CA VAL C 64 -31.36 5.69 38.91
C VAL C 64 -32.36 6.71 38.37
N LEU C 65 -33.10 6.31 37.32
CA LEU C 65 -34.09 7.17 36.71
C LEU C 65 -35.12 7.65 37.72
N LYS C 66 -35.70 6.69 38.44
CA LYS C 66 -36.71 6.99 39.45
C LYS C 66 -36.10 7.72 40.64
N GLY C 67 -34.80 7.53 40.85
CA GLY C 67 -34.11 8.15 41.96
C GLY C 67 -33.79 9.64 41.89
N ILE C 68 -33.63 10.18 40.70
CA ILE C 68 -33.31 11.61 40.54
C ILE C 68 -34.51 12.52 40.77
N GLN C 69 -34.25 13.81 40.94
CA GLN C 69 -35.33 14.77 41.14
C GLN C 69 -35.92 15.03 39.77
N LYS C 70 -36.94 15.88 39.70
CA LYS C 70 -37.56 16.20 38.42
C LYS C 70 -37.87 17.69 38.35
N PHE C 71 -36.86 18.48 37.98
CA PHE C 71 -37.00 19.93 37.88
C PHE C 71 -38.05 20.39 36.87
N PRO C 72 -38.59 21.61 37.08
CA PRO C 72 -39.63 22.22 36.22
C PRO C 72 -39.17 22.53 34.80
N GLY C 73 -39.77 21.85 33.82
CA GLY C 73 -39.43 22.07 32.43
C GLY C 73 -38.10 21.49 31.98
N ILE C 74 -37.51 20.62 32.80
CA ILE C 74 -36.24 20.00 32.44
C ILE C 74 -36.50 18.55 32.03
N ASN C 75 -35.89 18.15 30.92
CA ASN C 75 -36.08 16.80 30.40
C ASN C 75 -34.95 15.85 30.79
N TYR C 76 -35.33 14.63 31.14
CA TYR C 76 -34.36 13.62 31.53
C TYR C 76 -34.55 12.41 30.63
N PRO C 77 -34.15 12.53 29.35
CA PRO C 77 -34.26 11.48 28.35
C PRO C 77 -33.46 10.23 28.72
N VAL C 78 -33.91 9.08 28.22
CA VAL C 78 -33.22 7.82 28.51
C VAL C 78 -33.29 6.85 27.35
N LEU C 79 -32.19 6.12 27.13
CA LEU C 79 -32.13 5.15 26.05
C LEU C 79 -33.13 4.02 26.23
N THR C 80 -33.34 3.28 25.13
CA THR C 80 -34.26 2.16 25.08
C THR C 80 -33.90 1.36 23.83
N PRO C 81 -32.71 0.74 23.82
CA PRO C 81 -32.24 -0.07 22.69
C PRO C 81 -33.26 -1.05 22.10
N ASN C 82 -34.12 -1.60 22.94
CA ASN C 82 -35.15 -2.54 22.48
C ASN C 82 -36.51 -2.21 23.07
N LEU C 83 -37.54 -2.89 22.59
CA LEU C 83 -38.90 -2.67 23.06
C LEU C 83 -39.09 -2.94 24.55
N LYS C 84 -38.52 -4.04 25.04
CA LYS C 84 -38.64 -4.38 26.45
C LYS C 84 -37.94 -3.34 27.32
N GLY C 85 -36.67 -3.07 27.00
CA GLY C 85 -35.91 -2.09 27.73
C GLY C 85 -36.69 -0.80 27.78
N PHE C 86 -37.43 -0.54 26.70
CA PHE C 86 -38.26 0.65 26.60
C PHE C 86 -39.37 0.53 27.64
N GLU C 87 -40.11 -0.56 27.55
CA GLU C 87 -41.23 -0.84 28.46
C GLU C 87 -40.85 -0.52 29.90
N ALA C 88 -39.70 -1.00 30.33
CA ALA C 88 -39.21 -0.76 31.69
C ALA C 88 -39.14 0.73 31.99
N ALA C 89 -38.34 1.44 31.20
CA ALA C 89 -38.17 2.89 31.38
C ALA C 89 -39.50 3.64 31.33
N VAL C 90 -40.48 3.07 30.64
CA VAL C 90 -41.79 3.71 30.54
C VAL C 90 -42.44 3.72 31.93
N ALA C 91 -42.30 2.59 32.63
CA ALA C 91 -42.87 2.45 33.97
C ALA C 91 -42.08 3.28 34.99
N ALA C 92 -40.78 3.43 34.75
CA ALA C 92 -39.92 4.20 35.64
C ALA C 92 -40.28 5.69 35.63
N GLY C 93 -41.22 6.06 34.75
CA GLY C 93 -41.64 7.44 34.66
C GLY C 93 -41.08 8.24 33.49
N ALA C 94 -40.14 7.66 32.76
CA ALA C 94 -39.53 8.35 31.62
C ALA C 94 -40.58 8.98 30.71
N LYS C 95 -40.44 10.28 30.44
CA LYS C 95 -41.38 10.97 29.57
C LYS C 95 -40.78 11.23 28.20
N GLU C 96 -39.67 10.57 27.91
CA GLU C 96 -38.98 10.70 26.63
C GLU C 96 -37.81 9.73 26.54
N VAL C 97 -37.80 8.92 25.48
CA VAL C 97 -36.74 7.95 25.28
C VAL C 97 -35.90 8.30 24.06
N VAL C 98 -34.77 7.64 23.93
CA VAL C 98 -33.85 7.87 22.82
C VAL C 98 -33.46 6.58 22.14
N ILE C 99 -33.71 6.49 20.84
CA ILE C 99 -33.35 5.30 20.08
C ILE C 99 -32.13 5.64 19.24
N PHE C 100 -31.20 4.69 19.13
CA PHE C 100 -30.00 4.93 18.36
C PHE C 100 -29.90 4.08 17.10
N GLY C 101 -29.38 4.69 16.04
CA GLY C 101 -29.22 4.01 14.78
C GLY C 101 -27.83 4.29 14.24
N ALA C 102 -27.61 4.01 12.96
CA ALA C 102 -26.31 4.25 12.35
C ALA C 102 -26.45 4.48 10.86
N ALA C 103 -25.43 5.11 10.28
CA ALA C 103 -25.41 5.40 8.85
C ALA C 103 -24.47 4.41 8.19
N SER C 104 -23.99 3.46 8.99
CA SER C 104 -23.09 2.43 8.51
C SER C 104 -23.69 1.06 8.77
N GLU C 105 -23.82 0.26 7.72
CA GLU C 105 -24.39 -1.08 7.84
C GLU C 105 -23.56 -1.94 8.80
N LEU C 106 -22.24 -1.88 8.68
CA LEU C 106 -21.37 -2.64 9.56
C LEU C 106 -21.50 -2.23 11.02
N PHE C 107 -21.71 -0.95 11.27
CA PHE C 107 -21.84 -0.50 12.65
C PHE C 107 -23.09 -1.09 13.28
N THR C 108 -24.08 -1.39 12.44
CA THR C 108 -25.31 -1.97 12.94
C THR C 108 -25.14 -3.49 12.91
N LYS C 109 -24.28 -3.97 12.02
CA LYS C 109 -24.00 -5.40 11.88
C LYS C 109 -23.07 -5.87 12.99
N LYS C 110 -23.02 -5.15 14.10
CA LYS C 110 -22.18 -5.52 15.22
C LYS C 110 -22.78 -5.07 16.54
N ASN C 111 -23.57 -4.01 16.50
CA ASN C 111 -24.22 -3.50 17.70
C ASN C 111 -25.66 -3.98 17.81
N ILE C 112 -26.07 -4.83 16.86
CA ILE C 112 -27.41 -5.41 16.80
C ILE C 112 -27.43 -6.52 15.73
N ASN C 113 -26.45 -6.47 14.85
CA ASN C 113 -26.29 -7.44 13.75
C ASN C 113 -27.45 -7.37 12.75
N CYS C 114 -28.55 -6.71 13.16
CA CYS C 114 -29.69 -6.55 12.27
C CYS C 114 -29.35 -5.35 11.41
N SER C 115 -29.86 -5.30 10.18
CA SER C 115 -29.55 -4.20 9.29
C SER C 115 -30.21 -2.87 9.71
N ILE C 116 -29.93 -1.83 8.94
CA ILE C 116 -30.49 -0.51 9.18
C ILE C 116 -31.99 -0.56 8.90
N GLU C 117 -32.36 -1.34 7.89
CA GLU C 117 -33.75 -1.52 7.49
C GLU C 117 -34.52 -2.19 8.62
N GLU C 118 -33.93 -3.26 9.16
CA GLU C 118 -34.55 -4.02 10.23
C GLU C 118 -34.56 -3.23 11.53
N SER C 119 -33.52 -2.43 11.75
CA SER C 119 -33.46 -1.60 12.95
C SER C 119 -34.68 -0.68 12.91
N PHE C 120 -34.94 -0.13 11.73
CA PHE C 120 -36.08 0.78 11.53
C PHE C 120 -37.38 0.08 11.90
N GLN C 121 -37.39 -1.25 11.82
CA GLN C 121 -38.57 -2.01 12.17
C GLN C 121 -38.59 -2.16 13.68
N ARG C 122 -37.47 -2.63 14.23
CA ARG C 122 -37.35 -2.80 15.67
C ARG C 122 -37.68 -1.46 16.33
N PHE C 123 -37.43 -0.38 15.60
CA PHE C 123 -37.68 0.98 16.08
C PHE C 123 -39.14 1.40 15.95
N ASP C 124 -39.73 1.09 14.81
CA ASP C 124 -41.13 1.46 14.57
C ASP C 124 -41.97 1.05 15.77
N ALA C 125 -41.63 -0.10 16.35
CA ALA C 125 -42.34 -0.61 17.52
C ALA C 125 -42.36 0.45 18.63
N ILE C 126 -41.18 0.78 19.15
CA ILE C 126 -41.05 1.78 20.20
C ILE C 126 -41.80 3.06 19.84
N LEU C 127 -41.77 3.42 18.56
CA LEU C 127 -42.42 4.63 18.09
C LEU C 127 -43.94 4.56 18.15
N LYS C 128 -44.50 3.44 17.71
CA LYS C 128 -45.95 3.27 17.74
C LYS C 128 -46.37 3.22 19.21
N ALA C 129 -45.59 2.49 19.99
CA ALA C 129 -45.84 2.33 21.42
C ALA C 129 -45.75 3.68 22.11
N ALA C 130 -44.59 4.31 22.02
CA ALA C 130 -44.36 5.61 22.65
C ALA C 130 -45.39 6.63 22.17
N GLN C 131 -45.79 6.50 20.90
CA GLN C 131 -46.76 7.42 20.31
C GLN C 131 -48.09 7.46 21.05
N SER C 132 -48.61 6.30 21.45
CA SER C 132 -49.88 6.25 22.16
C SER C 132 -49.71 6.61 23.63
N ALA C 133 -48.46 6.53 24.11
CA ALA C 133 -48.16 6.85 25.51
C ALA C 133 -47.72 8.30 25.69
N ASN C 134 -47.65 9.05 24.60
CA ASN C 134 -47.22 10.45 24.65
C ASN C 134 -45.79 10.60 25.14
N ILE C 135 -44.93 9.69 24.73
CA ILE C 135 -43.53 9.73 25.11
C ILE C 135 -42.67 10.12 23.91
N SER C 136 -42.08 11.32 23.99
CA SER C 136 -41.23 11.84 22.93
C SER C 136 -40.07 10.91 22.64
N VAL C 137 -39.68 10.84 21.37
CA VAL C 137 -38.58 10.00 20.97
C VAL C 137 -37.52 10.82 20.23
N ARG C 138 -36.29 10.73 20.71
CA ARG C 138 -35.17 11.44 20.10
C ARG C 138 -34.34 10.40 19.38
N GLY C 139 -33.95 10.70 18.15
CA GLY C 139 -33.15 9.76 17.38
C GLY C 139 -31.68 10.07 17.47
N TYR C 140 -30.85 9.11 17.10
CA TYR C 140 -29.40 9.29 17.14
C TYR C 140 -28.81 8.50 15.99
N VAL C 141 -27.95 9.16 15.21
CA VAL C 141 -27.31 8.51 14.07
C VAL C 141 -25.79 8.51 14.23
N SER C 142 -25.24 7.35 14.57
CA SER C 142 -23.81 7.23 14.74
C SER C 142 -23.11 7.06 13.39
N CYS C 143 -21.82 7.37 13.36
CA CYS C 143 -21.01 7.27 12.15
C CYS C 143 -21.39 8.35 11.16
N ALA C 144 -21.98 9.44 11.64
CA ALA C 144 -22.39 10.52 10.77
C ALA C 144 -21.22 11.18 10.06
N LEU C 145 -20.04 11.14 10.67
CA LEU C 145 -18.86 11.74 10.06
C LEU C 145 -17.79 10.71 9.78
N GLY C 146 -18.21 9.46 9.66
CA GLY C 146 -17.29 8.38 9.40
C GLY C 146 -17.53 7.19 10.32
N CYS C 147 -17.17 6.00 9.82
CA CYS C 147 -17.32 4.77 10.58
C CYS C 147 -15.95 4.14 10.81
N PRO C 148 -15.75 3.50 11.97
CA PRO C 148 -14.46 2.86 12.26
C PRO C 148 -14.29 1.62 11.41
N TYR C 149 -15.40 1.13 10.84
CA TYR C 149 -15.42 -0.05 10.00
C TYR C 149 -15.38 0.29 8.51
N GLU C 150 -16.43 0.94 8.02
CA GLU C 150 -16.51 1.30 6.60
C GLU C 150 -15.64 2.48 6.21
N GLY C 151 -15.48 3.42 7.14
CA GLY C 151 -14.69 4.61 6.86
C GLY C 151 -15.59 5.73 6.40
N LYS C 152 -15.24 6.38 5.30
CA LYS C 152 -16.04 7.49 4.77
C LYS C 152 -17.53 7.12 4.74
N ILE C 153 -18.37 8.07 5.15
CA ILE C 153 -19.81 7.86 5.17
C ILE C 153 -20.53 8.98 4.40
N SER C 154 -21.08 8.63 3.25
CA SER C 154 -21.77 9.58 2.40
C SER C 154 -22.84 10.43 3.12
N PRO C 155 -22.84 11.74 2.85
CA PRO C 155 -23.80 12.68 3.44
C PRO C 155 -25.22 12.24 3.07
N ALA C 156 -25.38 11.80 1.83
CA ALA C 156 -26.68 11.34 1.34
C ALA C 156 -27.18 10.22 2.25
N LYS C 157 -26.29 9.30 2.59
CA LYS C 157 -26.64 8.18 3.44
C LYS C 157 -27.14 8.65 4.80
N VAL C 158 -26.43 9.61 5.40
CA VAL C 158 -26.81 10.15 6.69
C VAL C 158 -28.18 10.81 6.56
N ALA C 159 -28.37 11.59 5.51
CA ALA C 159 -29.64 12.26 5.30
C ALA C 159 -30.77 11.24 5.18
N GLU C 160 -30.50 10.14 4.48
CA GLU C 160 -31.49 9.09 4.30
C GLU C 160 -31.99 8.52 5.62
N VAL C 161 -31.06 8.16 6.51
CA VAL C 161 -31.44 7.58 7.80
C VAL C 161 -32.04 8.64 8.72
N THR C 162 -31.47 9.85 8.73
CA THR C 162 -31.98 10.92 9.57
C THR C 162 -33.41 11.22 9.16
N LYS C 163 -33.64 11.27 7.85
CA LYS C 163 -34.96 11.55 7.31
C LYS C 163 -35.94 10.47 7.77
N LYS C 164 -35.46 9.23 7.87
CA LYS C 164 -36.32 8.13 8.29
C LYS C 164 -36.85 8.38 9.71
N PHE C 165 -35.93 8.62 10.65
CA PHE C 165 -36.33 8.88 12.04
C PHE C 165 -37.35 10.00 12.15
N TYR C 166 -37.08 11.11 11.48
CA TYR C 166 -37.99 12.24 11.55
C TYR C 166 -39.39 11.86 11.07
N SER C 167 -39.49 11.22 9.91
CA SER C 167 -40.78 10.82 9.38
C SER C 167 -41.35 9.67 10.21
N MET C 168 -40.46 8.92 10.84
CA MET C 168 -40.86 7.78 11.65
C MET C 168 -41.43 8.22 13.02
N GLY C 169 -41.30 9.50 13.34
CA GLY C 169 -41.84 9.98 14.62
C GLY C 169 -40.97 10.81 15.55
N CYS C 170 -39.65 10.83 15.32
CA CYS C 170 -38.74 11.58 16.18
C CYS C 170 -38.89 13.09 16.04
N TYR C 171 -38.95 13.80 17.17
CA TYR C 171 -39.07 15.25 17.12
C TYR C 171 -37.71 15.87 16.86
N GLU C 172 -36.66 15.14 17.22
CA GLU C 172 -35.31 15.64 17.06
C GLU C 172 -34.37 14.47 16.79
N ILE C 173 -33.29 14.73 16.05
CA ILE C 173 -32.31 13.70 15.75
C ILE C 173 -30.90 14.25 15.96
N SER C 174 -30.08 13.50 16.69
CA SER C 174 -28.72 13.92 16.96
C SER C 174 -27.73 13.20 16.05
N LEU C 175 -26.96 13.98 15.30
CA LEU C 175 -25.97 13.43 14.40
C LEU C 175 -24.68 13.27 15.19
N GLY C 176 -24.23 12.03 15.33
CA GLY C 176 -23.03 11.80 16.11
C GLY C 176 -21.80 11.27 15.42
N ASP C 177 -20.70 11.96 15.66
CA ASP C 177 -19.41 11.54 15.13
C ASP C 177 -18.84 10.76 16.30
N THR C 178 -19.25 9.51 16.43
CA THR C 178 -18.84 8.64 17.54
C THR C 178 -17.34 8.34 17.65
N ILE C 179 -16.60 8.40 16.54
CA ILE C 179 -15.17 8.12 16.60
C ILE C 179 -14.30 9.38 16.62
N GLY C 180 -14.95 10.54 16.49
CA GLY C 180 -14.24 11.81 16.51
C GLY C 180 -13.34 12.06 15.31
N VAL C 181 -13.60 11.40 14.19
CA VAL C 181 -12.76 11.57 13.00
C VAL C 181 -13.16 12.77 12.17
N GLY C 182 -14.32 13.34 12.49
CA GLY C 182 -14.81 14.46 11.73
C GLY C 182 -13.94 15.71 11.72
N THR C 183 -13.96 16.41 10.59
CA THR C 183 -13.24 17.65 10.43
C THR C 183 -14.33 18.64 9.98
N PRO C 184 -14.12 19.94 10.17
CA PRO C 184 -15.15 20.91 9.76
C PRO C 184 -15.76 20.80 8.36
N GLY C 185 -14.97 20.37 7.38
CA GLY C 185 -15.51 20.26 6.04
C GLY C 185 -16.49 19.10 5.93
N ILE C 186 -16.15 18.00 6.61
CA ILE C 186 -16.98 16.81 6.60
C ILE C 186 -18.29 17.08 7.34
N MET C 187 -18.20 17.90 8.36
CA MET C 187 -19.36 18.26 9.15
C MET C 187 -20.30 19.08 8.28
N LYS C 188 -19.74 20.05 7.56
CA LYS C 188 -20.55 20.89 6.71
C LYS C 188 -21.26 20.11 5.59
N ASP C 189 -20.54 19.18 4.96
CA ASP C 189 -21.13 18.38 3.89
C ASP C 189 -22.28 17.53 4.37
N MET C 190 -22.11 16.94 5.55
CA MET C 190 -23.14 16.09 6.14
C MET C 190 -24.39 16.89 6.53
N LEU C 191 -24.19 17.99 7.24
CA LEU C 191 -25.30 18.84 7.66
C LEU C 191 -26.02 19.41 6.45
N SER C 192 -25.25 19.74 5.42
CA SER C 192 -25.83 20.30 4.21
C SER C 192 -26.81 19.33 3.57
N ALA C 193 -26.43 18.05 3.51
CA ALA C 193 -27.28 17.04 2.93
C ALA C 193 -28.51 16.77 3.81
N VAL C 194 -28.32 16.75 5.11
CA VAL C 194 -29.42 16.48 6.04
C VAL C 194 -30.47 17.58 6.03
N MET C 195 -30.01 18.84 5.97
CA MET C 195 -30.90 19.99 5.97
C MET C 195 -31.86 19.97 4.77
N GLN C 196 -31.49 19.25 3.73
CA GLN C 196 -32.37 19.19 2.55
C GLN C 196 -33.67 18.46 2.90
N GLU C 197 -33.56 17.44 3.74
CA GLU C 197 -34.70 16.60 4.11
C GLU C 197 -35.35 16.88 5.45
N VAL C 198 -34.55 17.24 6.44
CA VAL C 198 -35.09 17.49 7.78
C VAL C 198 -34.93 18.94 8.19
N PRO C 199 -36.00 19.54 8.74
CA PRO C 199 -35.96 20.94 9.17
C PRO C 199 -34.86 21.19 10.22
N LEU C 200 -34.09 22.23 9.99
CA LEU C 200 -32.98 22.61 10.85
C LEU C 200 -33.24 22.55 12.36
N ALA C 201 -34.46 22.88 12.78
CA ALA C 201 -34.79 22.88 14.21
C ALA C 201 -34.80 21.50 14.84
N ALA C 202 -34.90 20.45 14.03
CA ALA C 202 -34.94 19.09 14.55
C ALA C 202 -33.58 18.42 14.52
N LEU C 203 -32.54 19.18 14.23
CA LEU C 203 -31.19 18.63 14.15
C LEU C 203 -30.26 18.95 15.34
N ALA C 204 -29.54 17.93 15.80
CA ALA C 204 -28.60 18.06 16.91
C ALA C 204 -27.28 17.44 16.50
N VAL C 205 -26.21 17.85 17.15
CA VAL C 205 -24.88 17.32 16.85
C VAL C 205 -24.18 16.79 18.10
N HIS C 206 -23.50 15.65 17.96
CA HIS C 206 -22.77 15.04 19.06
C HIS C 206 -21.36 14.71 18.57
N CYS C 207 -20.40 15.58 18.88
CA CYS C 207 -19.02 15.41 18.45
C CYS C 207 -18.06 14.93 19.53
N HIS C 208 -17.34 13.85 19.26
CA HIS C 208 -16.37 13.34 20.21
C HIS C 208 -15.04 14.06 19.99
N ASP C 209 -14.30 14.27 21.07
CA ASP C 209 -13.03 14.98 20.97
C ASP C 209 -11.81 14.04 20.91
N THR C 210 -12.03 12.82 20.47
CA THR C 210 -10.95 11.83 20.36
C THR C 210 -9.75 12.36 19.54
N TYR C 211 -10.02 13.16 18.52
CA TYR C 211 -8.95 13.71 17.70
C TYR C 211 -8.81 15.22 17.88
N GLY C 212 -9.48 15.75 18.90
CA GLY C 212 -9.42 17.18 19.17
C GLY C 212 -10.23 18.04 18.22
N GLN C 213 -11.15 17.42 17.49
CA GLN C 213 -11.97 18.14 16.52
C GLN C 213 -13.39 18.47 17.05
N ALA C 214 -13.68 18.03 18.26
CA ALA C 214 -15.00 18.23 18.88
C ALA C 214 -15.58 19.65 18.81
N LEU C 215 -14.95 20.60 19.47
CA LEU C 215 -15.45 21.97 19.49
C LEU C 215 -15.44 22.64 18.12
N ALA C 216 -14.40 22.39 17.33
CA ALA C 216 -14.33 22.98 16.00
C ALA C 216 -15.47 22.46 15.09
N ASN C 217 -15.77 21.18 15.18
CA ASN C 217 -16.85 20.59 14.36
C ASN C 217 -18.21 21.18 14.79
N THR C 218 -18.37 21.36 16.10
CA THR C 218 -19.59 21.93 16.65
C THR C 218 -19.78 23.36 16.11
N LEU C 219 -18.73 24.17 16.20
CA LEU C 219 -18.76 25.55 15.72
C LEU C 219 -19.27 25.60 14.28
N MET C 220 -18.81 24.66 13.46
CA MET C 220 -19.21 24.59 12.07
C MET C 220 -20.72 24.31 11.99
N ALA C 221 -21.20 23.39 12.83
CA ALA C 221 -22.62 23.05 12.86
C ALA C 221 -23.42 24.30 13.23
N LEU C 222 -22.90 25.08 14.18
CA LEU C 222 -23.53 26.30 14.61
C LEU C 222 -23.59 27.32 13.49
N GLN C 223 -22.50 27.42 12.73
CA GLN C 223 -22.46 28.35 11.62
C GLN C 223 -23.48 27.93 10.57
N MET C 224 -23.77 26.63 10.53
CA MET C 224 -24.74 26.11 9.57
C MET C 224 -26.17 26.28 10.07
N GLY C 225 -26.35 26.65 11.34
CA GLY C 225 -27.69 26.86 11.84
C GLY C 225 -28.20 25.86 12.87
N VAL C 226 -27.38 24.86 13.21
CA VAL C 226 -27.78 23.87 14.21
C VAL C 226 -27.84 24.60 15.55
N SER C 227 -28.87 24.34 16.35
CA SER C 227 -29.03 25.03 17.63
C SER C 227 -29.08 24.15 18.87
N VAL C 228 -28.84 22.85 18.69
CA VAL C 228 -28.82 21.92 19.82
C VAL C 228 -27.56 21.08 19.68
N VAL C 229 -26.84 20.89 20.78
CA VAL C 229 -25.59 20.15 20.76
C VAL C 229 -25.39 19.29 22.00
N ASP C 230 -24.78 18.11 21.81
CA ASP C 230 -24.51 17.17 22.91
C ASP C 230 -23.08 17.26 23.43
N SER C 231 -22.92 17.11 24.75
CA SER C 231 -21.62 17.16 25.38
C SER C 231 -21.71 16.48 26.73
N SER C 232 -20.56 16.10 27.28
CA SER C 232 -20.50 15.41 28.57
C SER C 232 -19.84 16.28 29.64
N VAL C 233 -20.47 16.32 30.80
CA VAL C 233 -20.02 17.09 31.96
C VAL C 233 -18.55 17.47 32.01
N ALA C 234 -17.67 16.48 32.13
CA ALA C 234 -16.25 16.79 32.20
C ALA C 234 -15.46 16.04 31.16
N GLY C 235 -16.06 15.86 29.99
CA GLY C 235 -15.40 15.13 28.93
C GLY C 235 -15.48 13.66 29.27
N LEU C 236 -16.48 13.32 30.09
CA LEU C 236 -16.67 11.93 30.51
C LEU C 236 -16.86 11.01 29.31
N GLY C 237 -16.59 9.73 29.52
CA GLY C 237 -16.73 8.76 28.46
C GLY C 237 -15.50 8.76 27.57
N GLY C 238 -15.17 7.59 27.05
CA GLY C 238 -14.02 7.47 26.17
C GLY C 238 -14.52 6.78 24.92
N CYS C 239 -13.62 6.49 24.00
CA CYS C 239 -14.01 5.80 22.78
C CYS C 239 -13.41 4.40 22.77
N PRO C 240 -14.27 3.37 22.76
CA PRO C 240 -13.82 1.98 22.74
C PRO C 240 -12.85 1.66 21.62
N TYR C 241 -12.78 2.53 20.62
CA TYR C 241 -11.88 2.33 19.48
C TYR C 241 -10.58 3.12 19.57
N ALA C 242 -10.39 3.86 20.65
CA ALA C 242 -9.18 4.66 20.83
C ALA C 242 -8.49 4.35 22.16
N GLN C 243 -7.37 3.64 22.07
CA GLN C 243 -6.59 3.23 23.23
C GLN C 243 -6.85 4.05 24.50
N GLY C 244 -6.06 5.10 24.70
CA GLY C 244 -6.23 5.94 25.88
C GLY C 244 -6.59 7.37 25.56
N ALA C 245 -7.35 7.55 24.48
CA ALA C 245 -7.78 8.89 24.05
C ALA C 245 -9.03 9.32 24.78
N SER C 246 -9.54 10.50 24.45
CA SER C 246 -10.74 11.01 25.10
C SER C 246 -12.03 10.66 24.36
N GLY C 247 -13.16 11.02 24.97
CA GLY C 247 -14.45 10.73 24.37
C GLY C 247 -15.26 11.95 23.98
N ASN C 248 -16.28 12.28 24.77
CA ASN C 248 -17.16 13.41 24.49
C ASN C 248 -16.55 14.80 24.67
N LEU C 249 -17.24 15.78 24.12
CA LEU C 249 -16.83 17.17 24.23
C LEU C 249 -17.18 17.65 25.63
N ALA C 250 -16.22 18.27 26.30
CA ALA C 250 -16.46 18.77 27.65
C ALA C 250 -17.50 19.88 27.61
N THR C 251 -18.56 19.74 28.39
CA THR C 251 -19.64 20.73 28.43
C THR C 251 -19.19 22.13 28.88
N GLU C 252 -18.25 22.20 29.82
CA GLU C 252 -17.76 23.49 30.30
C GLU C 252 -17.03 24.23 29.20
N ASP C 253 -16.22 23.50 28.44
CA ASP C 253 -15.48 24.12 27.35
C ASP C 253 -16.43 24.64 26.27
N LEU C 254 -17.57 23.96 26.11
CA LEU C 254 -18.56 24.39 25.13
C LEU C 254 -19.26 25.68 25.58
N VAL C 255 -19.75 25.71 26.82
CA VAL C 255 -20.45 26.90 27.30
C VAL C 255 -19.50 28.08 27.35
N TYR C 256 -18.23 27.82 27.63
CA TYR C 256 -17.25 28.88 27.65
C TYR C 256 -17.27 29.51 26.26
N MET C 257 -17.08 28.69 25.23
CA MET C 257 -17.08 29.21 23.88
C MET C 257 -18.38 29.96 23.59
N LEU C 258 -19.51 29.33 23.89
CA LEU C 258 -20.83 29.92 23.66
C LEU C 258 -21.01 31.26 24.37
N GLU C 259 -20.65 31.33 25.64
CA GLU C 259 -20.78 32.59 26.38
C GLU C 259 -19.91 33.68 25.74
N GLY C 260 -18.66 33.32 25.39
CA GLY C 260 -17.79 34.29 24.76
C GLY C 260 -18.44 34.77 23.47
N LEU C 261 -19.23 33.89 22.87
CA LEU C 261 -19.91 34.21 21.62
C LEU C 261 -21.17 35.02 21.88
N GLY C 262 -21.61 35.07 23.13
CA GLY C 262 -22.81 35.80 23.46
C GLY C 262 -24.08 35.01 23.16
N ILE C 263 -23.92 33.69 23.01
CA ILE C 263 -25.02 32.77 22.73
C ILE C 263 -25.62 32.28 24.03
N HIS C 264 -26.94 32.24 24.08
CA HIS C 264 -27.64 31.82 25.30
C HIS C 264 -27.74 30.33 25.55
N THR C 265 -27.42 29.92 26.77
CA THR C 265 -27.47 28.53 27.18
C THR C 265 -28.32 28.42 28.45
N GLY C 266 -28.32 29.47 29.25
CA GLY C 266 -29.07 29.48 30.49
C GLY C 266 -28.41 28.61 31.53
N VAL C 267 -27.18 28.21 31.26
CA VAL C 267 -26.43 27.36 32.18
C VAL C 267 -25.43 28.18 32.99
N ASN C 268 -25.28 27.83 34.26
CA ASN C 268 -24.32 28.52 35.13
C ASN C 268 -23.01 27.72 35.10
N LEU C 269 -21.98 28.33 34.52
CA LEU C 269 -20.68 27.68 34.39
C LEU C 269 -20.08 27.22 35.71
N GLN C 270 -20.19 28.06 36.73
CA GLN C 270 -19.63 27.75 38.04
C GLN C 270 -20.25 26.48 38.61
N LYS C 271 -21.58 26.41 38.56
CA LYS C 271 -22.28 25.25 39.08
C LYS C 271 -22.00 24.02 38.22
N LEU C 272 -21.75 24.24 36.93
CA LEU C 272 -21.48 23.14 36.01
C LEU C 272 -20.14 22.52 36.37
N LEU C 273 -19.16 23.38 36.65
CA LEU C 273 -17.82 22.94 37.00
C LEU C 273 -17.80 22.11 38.29
N GLU C 274 -18.62 22.50 39.25
CA GLU C 274 -18.69 21.80 40.53
C GLU C 274 -19.20 20.37 40.36
N ALA C 275 -20.14 20.18 39.42
CA ALA C 275 -20.70 18.84 39.17
C ALA C 275 -19.62 17.94 38.60
N GLY C 276 -18.91 18.47 37.60
CA GLY C 276 -17.84 17.70 36.97
C GLY C 276 -16.76 17.40 37.99
N ASN C 277 -16.60 18.32 38.93
CA ASN C 277 -15.61 18.18 39.99
C ASN C 277 -15.99 16.98 40.86
N PHE C 278 -17.27 16.93 41.24
CA PHE C 278 -17.80 15.85 42.06
C PHE C 278 -17.60 14.48 41.41
N ILE C 279 -18.09 14.34 40.18
CA ILE C 279 -17.99 13.07 39.46
C ILE C 279 -16.56 12.61 39.20
N CYS C 280 -15.71 13.54 38.76
CA CYS C 280 -14.31 13.19 38.50
C CYS C 280 -13.72 12.66 39.79
N GLN C 281 -14.07 13.30 40.90
CA GLN C 281 -13.57 12.88 42.20
C GLN C 281 -14.13 11.49 42.48
N ALA C 282 -15.45 11.38 42.49
CA ALA C 282 -16.11 10.10 42.74
C ALA C 282 -15.84 9.09 41.63
N LEU C 283 -14.81 9.33 40.85
CA LEU C 283 -14.46 8.43 39.76
C LEU C 283 -12.95 8.17 39.72
N ASN C 284 -12.23 8.88 40.58
CA ASN C 284 -10.79 8.72 40.67
C ASN C 284 -10.11 9.06 39.35
N ARG C 285 -10.54 10.16 38.73
CA ARG C 285 -9.97 10.57 37.46
C ARG C 285 -9.97 12.09 37.33
N LYS C 286 -9.10 12.60 36.46
CA LYS C 286 -8.99 14.04 36.24
C LYS C 286 -9.95 14.51 35.15
N THR C 287 -10.35 15.76 35.25
CA THR C 287 -11.27 16.35 34.28
C THR C 287 -10.67 16.44 32.88
N SER C 288 -11.54 16.38 31.88
CA SER C 288 -11.11 16.49 30.48
C SER C 288 -11.44 17.92 30.05
N SER C 289 -12.04 18.67 30.97
CA SER C 289 -12.41 20.05 30.70
C SER C 289 -11.20 20.97 30.81
N LYS C 290 -10.84 21.59 29.70
CA LYS C 290 -9.71 22.50 29.68
C LYS C 290 -10.02 23.69 30.57
N VAL C 291 -11.28 24.11 30.61
CA VAL C 291 -11.71 25.25 31.43
C VAL C 291 -11.55 24.97 32.92
N ALA C 292 -11.99 23.80 33.35
CA ALA C 292 -11.88 23.42 34.75
C ALA C 292 -10.41 23.37 35.15
N GLN C 293 -9.58 22.81 34.26
CA GLN C 293 -8.15 22.67 34.47
C GLN C 293 -7.46 24.01 34.71
N ALA C 294 -8.04 25.09 34.19
CA ALA C 294 -7.45 26.42 34.34
C ALA C 294 -8.18 27.30 35.36
N THR C 295 -9.39 26.92 35.74
CA THR C 295 -10.18 27.68 36.70
C THR C 295 -9.71 27.43 38.13
N CYS C 296 -9.53 26.17 38.48
CA CYS C 296 -9.07 25.77 39.81
C CYS C 296 -8.70 24.29 39.85
N THR D 1 -12.84 32.85 1.69
CA THR D 1 -13.00 31.53 2.38
C THR D 1 -11.64 30.95 2.83
N LEU D 2 -11.63 29.65 3.14
CA LEU D 2 -10.43 28.97 3.60
C LEU D 2 -9.32 28.99 2.55
N PRO D 3 -8.07 29.24 2.96
CA PRO D 3 -6.94 29.28 2.03
C PRO D 3 -6.63 27.87 1.54
N LYS D 4 -5.98 27.76 0.39
CA LYS D 4 -5.64 26.44 -0.15
C LYS D 4 -4.47 25.84 0.62
N ARG D 5 -3.60 26.71 1.11
CA ARG D 5 -2.45 26.23 1.87
C ARG D 5 -2.19 27.03 3.13
N VAL D 6 -1.68 26.35 4.14
CA VAL D 6 -1.39 26.97 5.41
C VAL D 6 0.03 26.66 5.83
N LYS D 7 0.76 27.70 6.22
CA LYS D 7 2.13 27.54 6.67
C LYS D 7 2.12 27.41 8.17
N ILE D 8 2.38 26.21 8.66
CA ILE D 8 2.43 25.99 10.09
C ILE D 8 3.80 26.44 10.57
N VAL D 9 3.80 27.23 11.63
CA VAL D 9 5.03 27.73 12.22
C VAL D 9 5.17 26.93 13.52
N GLU D 10 6.03 25.92 13.50
CA GLU D 10 6.25 25.08 14.69
C GLU D 10 7.06 25.81 15.75
N VAL D 11 6.53 25.90 16.96
CA VAL D 11 7.23 26.59 18.05
C VAL D 11 7.61 25.67 19.21
N GLY D 12 7.35 24.37 19.05
CA GLY D 12 7.67 23.42 20.09
C GLY D 12 9.04 23.57 20.75
N PRO D 13 10.13 23.48 19.99
CA PRO D 13 11.48 23.61 20.56
C PRO D 13 11.81 24.94 21.22
N MET D 14 11.09 25.99 20.86
CA MET D 14 11.35 27.32 21.41
C MET D 14 10.35 27.63 22.52
N ASP D 15 9.17 28.10 22.08
CA ASP D 15 8.06 28.48 22.95
C ASP D 15 7.59 27.29 23.79
N GLY D 16 7.71 26.08 23.26
CA GLY D 16 7.27 24.91 23.98
C GLY D 16 8.19 24.51 25.13
N LEU D 17 9.45 24.24 24.81
CA LEU D 17 10.43 23.83 25.82
C LEU D 17 10.61 24.90 26.90
N GLN D 18 10.70 26.16 26.49
CA GLN D 18 10.90 27.25 27.44
C GLN D 18 9.83 27.26 28.51
N ASN D 19 8.60 26.86 28.15
CA ASN D 19 7.50 26.85 29.10
C ASN D 19 7.20 25.47 29.66
N GLU D 20 8.09 24.52 29.39
CA GLU D 20 7.91 23.17 29.91
C GLU D 20 8.69 23.16 31.22
N LYS D 21 8.19 22.43 32.21
CA LYS D 21 8.87 22.38 33.51
C LYS D 21 10.14 21.54 33.53
N ASN D 22 10.14 20.39 32.86
CA ASN D 22 11.34 19.55 32.82
C ASN D 22 12.24 20.02 31.67
N ILE D 23 13.52 19.69 31.75
CA ILE D 23 14.47 20.09 30.71
C ILE D 23 15.10 18.90 30.00
N VAL D 24 15.61 19.17 28.81
CA VAL D 24 16.27 18.17 28.00
C VAL D 24 17.63 18.71 27.59
N SER D 25 18.55 17.80 27.28
CA SER D 25 19.90 18.14 26.87
C SER D 25 19.92 18.70 25.45
N THR D 26 21.03 19.35 25.09
CA THR D 26 21.20 19.93 23.77
C THR D 26 21.00 18.96 22.61
N PRO D 27 21.58 17.74 22.68
CA PRO D 27 21.38 16.82 21.57
C PRO D 27 19.90 16.43 21.40
N VAL D 28 19.13 16.43 22.48
CA VAL D 28 17.71 16.11 22.38
C VAL D 28 17.01 17.25 21.62
N LYS D 29 17.39 18.48 21.91
CA LYS D 29 16.80 19.63 21.24
C LYS D 29 17.21 19.56 19.78
N ILE D 30 18.50 19.39 19.51
CA ILE D 30 18.94 19.28 18.13
C ILE D 30 18.23 18.15 17.41
N LYS D 31 18.08 17.01 18.08
CA LYS D 31 17.42 15.88 17.43
C LYS D 31 15.94 16.17 17.13
N LEU D 32 15.23 16.75 18.12
CA LEU D 32 13.81 17.09 17.96
C LEU D 32 13.58 17.94 16.72
N ILE D 33 14.36 19.01 16.59
CA ILE D 33 14.23 19.89 15.45
C ILE D 33 14.49 19.17 14.13
N ASP D 34 15.55 18.35 14.09
CA ASP D 34 15.86 17.60 12.88
C ASP D 34 14.67 16.71 12.55
N MET D 35 14.06 16.14 13.58
CA MET D 35 12.90 15.29 13.34
C MET D 35 11.72 16.08 12.78
N LEU D 36 11.57 17.33 13.24
CA LEU D 36 10.50 18.20 12.76
C LEU D 36 10.74 18.61 11.31
N SER D 37 12.01 18.72 10.93
CA SER D 37 12.38 19.08 9.57
C SER D 37 12.00 17.94 8.63
N GLU D 38 12.34 16.73 9.05
CA GLU D 38 12.05 15.52 8.27
C GLU D 38 10.55 15.30 8.14
N ALA D 39 9.79 15.84 9.09
CA ALA D 39 8.33 15.72 9.07
C ALA D 39 7.71 16.70 8.05
N GLY D 40 8.52 17.65 7.57
CA GLY D 40 8.03 18.58 6.58
C GLY D 40 7.69 20.01 7.00
N LEU D 41 7.76 20.32 8.29
CA LEU D 41 7.48 21.69 8.74
C LEU D 41 8.38 22.62 7.94
N SER D 42 7.81 23.68 7.39
CA SER D 42 8.60 24.62 6.61
C SER D 42 9.25 25.67 7.49
N VAL D 43 8.73 25.86 8.70
CA VAL D 43 9.30 26.82 9.66
C VAL D 43 9.27 26.27 11.08
N ILE D 44 10.45 26.23 11.71
CA ILE D 44 10.57 25.69 13.06
C ILE D 44 11.29 26.69 13.97
N GLU D 45 10.55 27.28 14.91
CA GLU D 45 11.14 28.26 15.83
C GLU D 45 12.16 27.45 16.61
N THR D 46 13.40 27.89 16.55
CA THR D 46 14.47 27.12 17.14
C THR D 46 14.96 27.38 18.55
N THR D 47 15.27 28.62 18.87
CA THR D 47 15.78 28.92 20.20
C THR D 47 15.72 30.42 20.42
N SER D 48 16.04 30.84 21.64
CA SER D 48 16.03 32.26 21.97
C SER D 48 17.41 32.68 22.45
N PHE D 49 17.94 33.74 21.86
CA PHE D 49 19.26 34.24 22.22
C PHE D 49 19.18 35.27 23.33
N VAL D 50 18.83 34.78 24.50
CA VAL D 50 18.69 35.59 25.69
C VAL D 50 19.74 35.11 26.70
N SER D 51 20.20 36.00 27.58
CA SER D 51 21.21 35.67 28.57
C SER D 51 20.90 34.39 29.37
N PRO D 52 21.88 33.47 29.47
CA PRO D 52 21.69 32.21 30.20
C PRO D 52 21.41 32.49 31.67
N LYS D 53 21.82 33.67 32.11
CA LYS D 53 21.64 34.09 33.50
C LYS D 53 20.18 34.47 33.80
N TRP D 54 19.49 35.05 32.82
CA TRP D 54 18.11 35.48 32.99
C TRP D 54 17.08 34.40 32.61
N VAL D 55 17.58 33.32 32.04
CA VAL D 55 16.76 32.18 31.63
C VAL D 55 17.70 31.09 31.13
N PRO D 56 17.95 30.08 31.98
CA PRO D 56 18.84 28.94 31.69
C PRO D 56 18.29 27.89 30.72
N GLN D 57 16.98 27.67 30.75
CA GLN D 57 16.36 26.67 29.87
C GLN D 57 16.64 26.91 28.39
N MET D 58 17.28 28.03 28.08
CA MET D 58 17.62 28.40 26.70
C MET D 58 19.11 28.69 26.53
N GLY D 59 19.87 28.51 27.61
CA GLY D 59 21.30 28.76 27.58
C GLY D 59 22.16 28.13 26.48
N ASP D 60 21.67 27.08 25.83
CA ASP D 60 22.43 26.43 24.77
C ASP D 60 22.02 26.92 23.37
N HIS D 61 21.29 28.03 23.32
CA HIS D 61 20.81 28.60 22.06
C HIS D 61 21.82 28.60 20.93
N THR D 62 23.05 29.00 21.23
CA THR D 62 24.09 29.05 20.19
C THR D 62 24.46 27.68 19.61
N GLU D 63 24.62 26.69 20.47
CA GLU D 63 24.97 25.37 19.97
C GLU D 63 23.79 24.65 19.32
N VAL D 64 22.58 24.97 19.75
CA VAL D 64 21.40 24.34 19.15
C VAL D 64 21.22 24.82 17.71
N LEU D 65 21.39 26.12 17.47
CA LEU D 65 21.22 26.66 16.12
C LEU D 65 22.29 26.15 15.15
N LYS D 66 23.54 26.06 15.62
CA LYS D 66 24.62 25.59 14.79
C LYS D 66 24.50 24.09 14.59
N GLY D 67 24.02 23.40 15.62
CA GLY D 67 23.91 21.95 15.56
C GLY D 67 22.85 21.31 14.68
N ILE D 68 21.70 21.95 14.54
CA ILE D 68 20.62 21.37 13.74
C ILE D 68 20.94 21.37 12.26
N GLN D 69 20.28 20.46 11.54
CA GLN D 69 20.47 20.39 10.09
C GLN D 69 19.67 21.49 9.42
N LYS D 70 20.24 22.09 8.39
CA LYS D 70 19.56 23.16 7.66
C LYS D 70 18.93 22.59 6.39
N PHE D 71 17.76 21.97 6.55
CA PHE D 71 17.05 21.38 5.42
C PHE D 71 16.63 22.40 4.38
N PRO D 72 16.73 22.05 3.08
CA PRO D 72 16.36 22.91 1.96
C PRO D 72 14.93 23.42 2.12
N GLY D 73 14.72 24.70 1.83
CA GLY D 73 13.38 25.28 1.94
C GLY D 73 12.72 25.34 3.31
N ILE D 74 13.49 25.10 4.38
CA ILE D 74 12.96 25.15 5.75
C ILE D 74 13.61 26.32 6.51
N ASN D 75 12.79 27.06 7.27
CA ASN D 75 13.27 28.21 8.03
C ASN D 75 13.43 27.91 9.51
N TYR D 76 14.40 28.56 10.15
CA TYR D 76 14.67 28.36 11.58
C TYR D 76 14.87 29.69 12.28
N PRO D 77 13.78 30.43 12.54
CA PRO D 77 13.87 31.73 13.21
C PRO D 77 14.17 31.62 14.69
N VAL D 78 14.87 32.61 15.23
CA VAL D 78 15.20 32.59 16.65
C VAL D 78 14.88 33.92 17.31
N LEU D 79 14.53 33.86 18.58
CA LEU D 79 14.19 35.05 19.36
C LEU D 79 15.42 35.89 19.73
N THR D 80 15.26 37.20 19.59
CA THR D 80 16.33 38.13 19.92
C THR D 80 15.69 39.34 20.59
N PRO D 81 15.52 39.26 21.92
CA PRO D 81 14.92 40.32 22.73
C PRO D 81 15.67 41.65 22.66
N ASN D 82 16.95 41.59 22.31
CA ASN D 82 17.75 42.81 22.25
C ASN D 82 18.89 42.71 21.25
N LEU D 83 19.59 43.84 21.09
CA LEU D 83 20.69 43.93 20.16
C LEU D 83 21.83 42.96 20.46
N LYS D 84 22.10 42.72 21.74
CA LYS D 84 23.17 41.79 22.08
C LYS D 84 22.81 40.38 21.63
N GLY D 85 21.56 39.98 21.91
CA GLY D 85 21.10 38.67 21.51
C GLY D 85 21.07 38.57 19.99
N PHE D 86 20.62 39.66 19.35
CA PHE D 86 20.57 39.70 17.91
C PHE D 86 21.95 39.46 17.31
N GLU D 87 22.97 40.12 17.86
CA GLU D 87 24.33 39.95 17.37
C GLU D 87 24.83 38.51 17.54
N ALA D 88 24.46 37.88 18.65
CA ALA D 88 24.86 36.51 18.92
C ALA D 88 24.03 35.56 18.05
N ALA D 89 22.90 36.07 17.55
CA ALA D 89 22.04 35.29 16.68
C ALA D 89 22.74 35.27 15.31
N VAL D 90 23.15 36.44 14.86
CA VAL D 90 23.84 36.54 13.58
C VAL D 90 25.09 35.67 13.65
N ALA D 91 25.86 35.86 14.73
CA ALA D 91 27.08 35.11 14.94
C ALA D 91 26.86 33.60 14.84
N ALA D 92 25.69 33.13 15.28
CA ALA D 92 25.39 31.70 15.24
C ALA D 92 24.77 31.25 13.91
N GLY D 93 24.65 32.16 12.95
CA GLY D 93 24.11 31.79 11.66
C GLY D 93 22.63 32.06 11.36
N ALA D 94 21.93 32.70 12.29
CA ALA D 94 20.51 32.98 12.08
C ALA D 94 20.19 33.71 10.75
N LYS D 95 19.10 33.32 10.11
CA LYS D 95 18.66 33.95 8.86
C LYS D 95 17.37 34.75 9.14
N GLU D 96 16.73 34.47 10.28
CA GLU D 96 15.49 35.15 10.65
C GLU D 96 15.41 35.21 12.17
N VAL D 97 15.06 36.38 12.68
CA VAL D 97 14.91 36.58 14.12
C VAL D 97 13.48 37.00 14.46
N VAL D 98 13.07 36.76 15.70
CA VAL D 98 11.73 37.10 16.15
C VAL D 98 11.76 38.08 17.31
N ILE D 99 11.00 39.17 17.20
CA ILE D 99 10.90 40.17 18.25
C ILE D 99 9.45 40.18 18.71
N PHE D 100 9.22 40.36 20.01
CA PHE D 100 7.86 40.34 20.53
C PHE D 100 7.45 41.52 21.40
N GLY D 101 6.27 42.04 21.12
CA GLY D 101 5.73 43.16 21.86
C GLY D 101 4.34 42.79 22.32
N ALA D 102 3.57 43.75 22.79
CA ALA D 102 2.21 43.45 23.26
C ALA D 102 1.21 44.55 22.97
N ALA D 103 -0.07 44.19 23.05
CA ALA D 103 -1.16 45.12 22.82
C ALA D 103 -1.62 45.70 24.16
N SER D 104 -1.00 45.24 25.24
CA SER D 104 -1.34 45.70 26.58
C SER D 104 -0.20 46.47 27.24
N GLU D 105 -0.52 47.66 27.74
CA GLU D 105 0.46 48.51 28.41
C GLU D 105 0.95 47.86 29.71
N LEU D 106 0.02 47.35 30.51
CA LEU D 106 0.39 46.71 31.77
C LEU D 106 1.33 45.55 31.49
N PHE D 107 0.88 44.63 30.63
CA PHE D 107 1.65 43.45 30.29
C PHE D 107 3.09 43.76 29.84
N THR D 108 3.29 44.93 29.25
CA THR D 108 4.63 45.30 28.79
C THR D 108 5.53 45.79 29.92
N LYS D 109 4.94 46.21 31.04
CA LYS D 109 5.70 46.69 32.18
C LYS D 109 6.03 45.53 33.12
N LYS D 110 5.02 44.77 33.52
CA LYS D 110 5.22 43.63 34.42
C LYS D 110 6.08 42.60 33.70
N ASN D 111 6.63 43.01 32.56
CA ASN D 111 7.46 42.14 31.74
C ASN D 111 8.83 42.77 31.52
N ILE D 112 8.87 43.77 30.65
CA ILE D 112 10.11 44.44 30.33
C ILE D 112 10.30 45.77 31.06
N ASN D 113 9.24 46.22 31.74
CA ASN D 113 9.24 47.48 32.49
C ASN D 113 9.11 48.70 31.59
N CYS D 114 9.14 48.49 30.28
CA CYS D 114 9.04 49.61 29.36
C CYS D 114 7.63 49.67 28.74
N SER D 115 7.16 50.89 28.47
CA SER D 115 5.85 51.10 27.87
C SER D 115 5.83 50.51 26.46
N ILE D 116 4.64 50.29 25.91
CA ILE D 116 4.52 49.75 24.56
C ILE D 116 5.37 50.58 23.59
N GLU D 117 5.15 51.89 23.57
CA GLU D 117 5.89 52.75 22.67
C GLU D 117 7.39 52.62 22.91
N GLU D 118 7.77 52.50 24.19
CA GLU D 118 9.17 52.35 24.53
C GLU D 118 9.72 51.05 23.94
N SER D 119 9.01 49.96 24.13
CA SER D 119 9.44 48.66 23.61
C SER D 119 9.66 48.73 22.10
N PHE D 120 8.90 49.58 21.43
CA PHE D 120 9.04 49.74 19.99
C PHE D 120 10.31 50.50 19.64
N GLN D 121 10.86 51.23 20.61
CA GLN D 121 12.08 51.97 20.37
C GLN D 121 13.24 51.00 20.27
N ARG D 122 13.30 50.07 21.22
CA ARG D 122 14.35 49.06 21.25
C ARG D 122 14.45 48.31 19.93
N PHE D 123 13.32 47.77 19.49
CA PHE D 123 13.22 47.00 18.25
C PHE D 123 13.79 47.75 17.06
N ASP D 124 13.79 49.07 17.16
CA ASP D 124 14.27 49.90 16.07
C ASP D 124 15.73 49.61 15.72
N ALA D 125 16.57 49.46 16.74
CA ALA D 125 17.97 49.16 16.49
C ALA D 125 18.13 47.77 15.90
N ILE D 126 17.31 46.84 16.36
CA ILE D 126 17.37 45.46 15.86
C ILE D 126 16.95 45.41 14.39
N LEU D 127 15.82 46.02 14.07
CA LEU D 127 15.33 46.04 12.70
C LEU D 127 16.33 46.68 11.75
N LYS D 128 16.93 47.79 12.20
CA LYS D 128 17.90 48.49 11.38
C LYS D 128 19.15 47.63 11.22
N ALA D 129 19.47 46.88 12.27
CA ALA D 129 20.64 46.00 12.25
C ALA D 129 20.33 44.76 11.40
N ALA D 130 19.11 44.25 11.53
CA ALA D 130 18.70 43.08 10.77
C ALA D 130 18.76 43.37 9.27
N GLN D 131 18.23 44.52 8.88
CA GLN D 131 18.22 44.90 7.49
C GLN D 131 19.64 45.06 6.94
N SER D 132 20.54 45.62 7.75
CA SER D 132 21.91 45.79 7.31
C SER D 132 22.56 44.43 7.12
N ALA D 133 22.16 43.47 7.96
CA ALA D 133 22.71 42.11 7.88
C ALA D 133 21.92 41.23 6.91
N ASN D 134 20.92 41.81 6.25
CA ASN D 134 20.10 41.07 5.29
C ASN D 134 19.33 39.94 5.96
N ILE D 135 18.85 40.19 7.16
CA ILE D 135 18.09 39.21 7.93
C ILE D 135 16.62 39.62 8.07
N SER D 136 15.70 38.69 7.84
CA SER D 136 14.28 39.01 7.94
C SER D 136 13.81 38.94 9.40
N VAL D 137 12.87 39.82 9.74
CA VAL D 137 12.35 39.87 11.11
C VAL D 137 10.85 39.64 11.21
N ARG D 138 10.47 38.73 12.11
CA ARG D 138 9.07 38.42 12.34
C ARG D 138 8.64 39.07 13.64
N GLY D 139 7.45 39.67 13.65
CA GLY D 139 6.93 40.30 14.84
C GLY D 139 5.91 39.45 15.57
N TYR D 140 5.72 39.70 16.87
CA TYR D 140 4.78 38.95 17.69
C TYR D 140 4.04 39.88 18.66
N VAL D 141 2.72 39.78 18.67
CA VAL D 141 1.91 40.62 19.55
C VAL D 141 1.12 39.83 20.59
N SER D 142 1.55 39.88 21.84
CA SER D 142 0.87 39.17 22.92
C SER D 142 -0.41 39.88 23.36
N CYS D 143 -1.32 39.13 23.98
CA CYS D 143 -2.57 39.68 24.50
C CYS D 143 -3.55 40.16 23.42
N ALA D 144 -3.41 39.63 22.20
CA ALA D 144 -4.28 40.01 21.10
C ALA D 144 -5.76 39.70 21.32
N LEU D 145 -6.05 38.70 22.15
CA LEU D 145 -7.43 38.34 22.42
C LEU D 145 -7.76 38.49 23.89
N GLY D 146 -6.94 39.27 24.59
CA GLY D 146 -7.15 39.48 26.01
C GLY D 146 -5.82 39.52 26.76
N CYS D 147 -5.81 40.24 27.88
CA CYS D 147 -4.63 40.39 28.71
C CYS D 147 -4.97 39.86 30.10
N PRO D 148 -4.02 39.18 30.77
CA PRO D 148 -4.28 38.65 32.11
C PRO D 148 -4.30 39.76 33.16
N TYR D 149 -4.02 40.98 32.71
CA TYR D 149 -3.99 42.15 33.58
C TYR D 149 -5.09 43.13 33.21
N GLU D 150 -4.94 43.79 32.07
CA GLU D 150 -5.91 44.76 31.62
C GLU D 150 -7.23 44.13 31.16
N GLY D 151 -7.29 42.81 31.13
CA GLY D 151 -8.50 42.13 30.68
C GLY D 151 -8.72 42.27 29.19
N LYS D 152 -9.95 42.61 28.79
CA LYS D 152 -10.28 42.77 27.37
C LYS D 152 -9.35 43.74 26.66
N ILE D 153 -8.96 43.37 25.44
CA ILE D 153 -8.08 44.20 24.62
C ILE D 153 -8.83 44.61 23.37
N SER D 154 -8.84 45.90 23.09
CA SER D 154 -9.55 46.45 21.96
C SER D 154 -8.95 46.08 20.61
N PRO D 155 -9.82 45.74 19.64
CA PRO D 155 -9.37 45.37 18.30
C PRO D 155 -8.53 46.47 17.65
N ALA D 156 -8.89 47.72 17.94
CA ALA D 156 -8.19 48.88 17.38
C ALA D 156 -6.75 48.99 17.87
N LYS D 157 -6.53 48.65 19.14
CA LYS D 157 -5.18 48.71 19.70
C LYS D 157 -4.32 47.58 19.13
N VAL D 158 -4.91 46.40 18.95
CA VAL D 158 -4.16 45.28 18.38
C VAL D 158 -3.70 45.69 16.97
N ALA D 159 -4.62 46.29 16.21
CA ALA D 159 -4.30 46.73 14.86
C ALA D 159 -3.19 47.78 14.85
N GLU D 160 -3.25 48.69 15.82
CA GLU D 160 -2.25 49.75 15.94
C GLU D 160 -0.84 49.17 16.12
N VAL D 161 -0.70 48.30 17.12
CA VAL D 161 0.58 47.67 17.42
C VAL D 161 1.08 46.85 16.23
N THR D 162 0.20 46.01 15.68
CA THR D 162 0.55 45.18 14.52
C THR D 162 1.07 46.00 13.35
N LYS D 163 0.37 47.09 13.02
CA LYS D 163 0.77 47.95 11.91
C LYS D 163 2.12 48.63 12.16
N LYS D 164 2.43 48.89 13.42
CA LYS D 164 3.69 49.52 13.80
C LYS D 164 4.83 48.54 13.50
N PHE D 165 4.64 47.28 13.87
CA PHE D 165 5.63 46.23 13.63
C PHE D 165 5.85 46.06 12.13
N TYR D 166 4.75 46.04 11.39
CA TYR D 166 4.79 45.88 9.95
C TYR D 166 5.45 47.06 9.23
N SER D 167 5.21 48.28 9.74
CA SER D 167 5.78 49.47 9.12
C SER D 167 7.27 49.63 9.48
N MET D 168 7.67 49.08 10.61
CA MET D 168 9.08 49.15 11.00
C MET D 168 9.91 48.16 10.20
N GLY D 169 9.25 47.19 9.56
CA GLY D 169 9.99 46.23 8.75
C GLY D 169 9.66 44.75 8.85
N CYS D 170 8.93 44.32 9.88
CA CYS D 170 8.59 42.91 10.00
C CYS D 170 7.83 42.45 8.76
N TYR D 171 8.16 41.29 8.22
CA TYR D 171 7.47 40.79 7.04
C TYR D 171 6.22 40.03 7.46
N GLU D 172 6.19 39.60 8.72
CA GLU D 172 5.07 38.83 9.22
C GLU D 172 4.89 39.15 10.70
N ILE D 173 3.65 39.09 11.16
CA ILE D 173 3.35 39.35 12.56
C ILE D 173 2.42 38.28 13.12
N SER D 174 2.79 37.70 14.25
CA SER D 174 1.98 36.68 14.88
C SER D 174 1.14 37.28 16.00
N LEU D 175 -0.18 37.09 15.91
CA LEU D 175 -1.12 37.60 16.91
C LEU D 175 -1.39 36.51 17.92
N GLY D 176 -0.92 36.68 19.14
CA GLY D 176 -1.11 35.65 20.15
C GLY D 176 -2.13 35.84 21.26
N ASP D 177 -2.79 34.75 21.60
CA ASP D 177 -3.76 34.74 22.69
C ASP D 177 -3.02 33.90 23.72
N THR D 178 -2.06 34.55 24.37
CA THR D 178 -1.21 33.90 25.36
C THR D 178 -1.91 33.27 26.55
N ILE D 179 -3.07 33.78 26.95
CA ILE D 179 -3.76 33.18 28.07
C ILE D 179 -4.87 32.27 27.56
N GLY D 180 -5.11 32.34 26.25
CA GLY D 180 -6.14 31.50 25.63
C GLY D 180 -7.56 31.75 26.10
N VAL D 181 -7.94 33.00 26.31
CA VAL D 181 -9.28 33.34 26.75
C VAL D 181 -10.19 33.69 25.58
N GLY D 182 -9.61 33.87 24.40
CA GLY D 182 -10.40 34.22 23.23
C GLY D 182 -11.43 33.20 22.80
N THR D 183 -12.43 33.68 22.07
CA THR D 183 -13.49 32.84 21.51
C THR D 183 -13.65 33.33 20.08
N PRO D 184 -14.32 32.54 19.22
CA PRO D 184 -14.55 32.84 17.81
C PRO D 184 -14.88 34.28 17.45
N GLY D 185 -15.77 34.91 18.21
CA GLY D 185 -16.14 36.28 17.91
C GLY D 185 -15.05 37.27 18.23
N ILE D 186 -14.33 37.03 19.32
CA ILE D 186 -13.23 37.91 19.73
C ILE D 186 -12.15 37.84 18.66
N MET D 187 -11.91 36.63 18.14
CA MET D 187 -10.91 36.41 17.10
C MET D 187 -11.30 37.15 15.83
N LYS D 188 -12.57 37.02 15.44
CA LYS D 188 -13.06 37.68 14.23
C LYS D 188 -12.98 39.21 14.34
N ASP D 189 -13.35 39.76 15.49
CA ASP D 189 -13.28 41.22 15.63
C ASP D 189 -11.84 41.75 15.51
N MET D 190 -10.91 41.04 16.14
CA MET D 190 -9.49 41.42 16.12
C MET D 190 -8.92 41.37 14.73
N LEU D 191 -9.06 40.22 14.08
CA LEU D 191 -8.54 40.08 12.72
C LEU D 191 -9.17 41.10 11.78
N SER D 192 -10.47 41.32 11.94
CA SER D 192 -11.17 42.29 11.12
C SER D 192 -10.51 43.67 11.17
N ALA D 193 -10.26 44.17 12.38
CA ALA D 193 -9.63 45.47 12.50
C ALA D 193 -8.18 45.41 11.97
N VAL D 194 -7.45 44.36 12.33
CA VAL D 194 -6.06 44.27 11.88
C VAL D 194 -5.97 44.24 10.35
N MET D 195 -6.89 43.51 9.72
CA MET D 195 -6.91 43.37 8.27
C MET D 195 -7.15 44.68 7.53
N GLN D 196 -7.75 45.65 8.21
CA GLN D 196 -8.00 46.95 7.57
C GLN D 196 -6.68 47.63 7.23
N GLU D 197 -5.65 47.40 8.04
CA GLU D 197 -4.36 48.06 7.84
C GLU D 197 -3.13 47.24 7.47
N VAL D 198 -3.16 45.94 7.71
CA VAL D 198 -2.02 45.11 7.37
C VAL D 198 -2.47 43.99 6.42
N PRO D 199 -1.76 43.83 5.29
CA PRO D 199 -2.14 42.77 4.34
C PRO D 199 -2.23 41.41 5.01
N LEU D 200 -3.27 40.69 4.64
CA LEU D 200 -3.57 39.38 5.18
C LEU D 200 -2.42 38.36 5.18
N ALA D 201 -1.65 38.32 4.09
CA ALA D 201 -0.56 37.36 3.99
C ALA D 201 0.55 37.62 5.03
N ALA D 202 0.56 38.81 5.62
CA ALA D 202 1.56 39.16 6.61
C ALA D 202 1.13 38.77 8.02
N LEU D 203 -0.05 38.17 8.13
CA LEU D 203 -0.57 37.77 9.43
C LEU D 203 -0.49 36.28 9.79
N ALA D 204 -0.52 36.02 11.09
CA ALA D 204 -0.48 34.66 11.62
C ALA D 204 -1.14 34.71 12.97
N VAL D 205 -1.63 33.57 13.44
CA VAL D 205 -2.22 33.48 14.75
C VAL D 205 -1.54 32.40 15.58
N HIS D 206 -1.40 32.68 16.86
CA HIS D 206 -0.78 31.77 17.81
C HIS D 206 -1.76 31.65 18.98
N CYS D 207 -2.58 30.61 18.98
CA CYS D 207 -3.60 30.41 20.00
C CYS D 207 -3.31 29.34 21.06
N HIS D 208 -3.37 29.72 22.33
CA HIS D 208 -3.18 28.75 23.40
C HIS D 208 -4.50 28.03 23.64
N ASP D 209 -4.42 26.76 24.03
CA ASP D 209 -5.59 25.94 24.26
C ASP D 209 -5.94 25.80 25.74
N THR D 210 -5.48 26.78 26.53
CA THR D 210 -5.73 26.77 27.97
C THR D 210 -7.20 26.57 28.31
N TYR D 211 -8.09 27.07 27.45
CA TYR D 211 -9.51 26.95 27.69
C TYR D 211 -10.22 26.09 26.64
N GLY D 212 -9.44 25.33 25.87
CA GLY D 212 -9.99 24.47 24.85
C GLY D 212 -10.50 25.21 23.60
N GLN D 213 -10.14 26.49 23.47
CA GLN D 213 -10.58 27.31 22.35
C GLN D 213 -9.58 27.46 21.19
N ALA D 214 -8.39 26.87 21.34
CA ALA D 214 -7.33 26.99 20.34
C ALA D 214 -7.70 26.66 18.90
N LEU D 215 -8.15 25.42 18.66
CA LEU D 215 -8.49 25.00 17.31
C LEU D 215 -9.70 25.79 16.79
N ALA D 216 -10.68 26.04 17.65
CA ALA D 216 -11.86 26.80 17.26
C ALA D 216 -11.46 28.22 16.84
N ASN D 217 -10.58 28.85 17.62
CA ASN D 217 -10.13 30.20 17.32
C ASN D 217 -9.30 30.22 16.04
N THR D 218 -8.55 29.15 15.81
CA THR D 218 -7.71 29.06 14.61
C THR D 218 -8.58 28.87 13.37
N LEU D 219 -9.62 28.06 13.49
CA LEU D 219 -10.51 27.81 12.34
C LEU D 219 -11.10 29.15 11.91
N MET D 220 -11.57 29.91 12.89
CA MET D 220 -12.16 31.23 12.64
C MET D 220 -11.19 32.09 11.83
N ALA D 221 -9.93 32.14 12.27
CA ALA D 221 -8.94 32.95 11.56
C ALA D 221 -8.75 32.44 10.13
N LEU D 222 -8.76 31.12 9.97
CA LEU D 222 -8.61 30.51 8.64
C LEU D 222 -9.79 30.95 7.77
N GLN D 223 -10.99 30.97 8.36
CA GLN D 223 -12.17 31.39 7.60
C GLN D 223 -12.06 32.87 7.22
N MET D 224 -11.27 33.62 7.97
CA MET D 224 -11.05 35.04 7.71
C MET D 224 -9.95 35.20 6.67
N GLY D 225 -9.31 34.09 6.29
CA GLY D 225 -8.26 34.15 5.29
C GLY D 225 -6.82 34.12 5.79
N VAL D 226 -6.62 34.00 7.10
CA VAL D 226 -5.26 33.94 7.63
C VAL D 226 -4.65 32.61 7.15
N SER D 227 -3.45 32.67 6.57
CA SER D 227 -2.84 31.43 6.05
C SER D 227 -1.61 30.91 6.81
N VAL D 228 -1.28 31.51 7.95
CA VAL D 228 -0.17 30.97 8.72
C VAL D 228 -0.57 30.89 10.18
N VAL D 229 -0.36 29.72 10.77
CA VAL D 229 -0.73 29.48 12.17
C VAL D 229 0.40 28.83 12.97
N ASP D 230 0.57 29.31 14.20
CA ASP D 230 1.60 28.82 15.10
C ASP D 230 1.08 27.70 15.99
N SER D 231 1.93 26.71 16.25
CA SER D 231 1.56 25.59 17.11
C SER D 231 2.80 24.84 17.56
N SER D 232 2.63 24.07 18.63
CA SER D 232 3.70 23.28 19.23
C SER D 232 3.37 21.80 19.14
N VAL D 233 4.34 21.01 18.68
CA VAL D 233 4.16 19.57 18.49
C VAL D 233 3.15 18.92 19.43
N ALA D 234 3.65 18.32 20.51
CA ALA D 234 2.76 17.60 21.42
C ALA D 234 2.02 18.51 22.37
N GLY D 235 1.70 19.72 21.92
CA GLY D 235 1.02 20.65 22.80
C GLY D 235 1.94 21.11 23.90
N LEU D 236 3.25 20.95 23.67
CA LEU D 236 4.26 21.36 24.64
C LEU D 236 4.09 22.81 25.04
N GLY D 237 4.55 23.14 26.24
CA GLY D 237 4.45 24.50 26.73
C GLY D 237 3.14 24.75 27.44
N GLY D 238 3.22 25.03 28.74
CA GLY D 238 2.03 25.31 29.51
C GLY D 238 1.79 26.81 29.63
N CYS D 239 0.91 27.21 30.54
CA CYS D 239 0.62 28.63 30.74
C CYS D 239 0.99 29.07 32.15
N PRO D 240 1.72 30.19 32.26
CA PRO D 240 2.16 30.77 33.54
C PRO D 240 1.02 31.33 34.39
N TYR D 241 -0.18 31.39 33.82
CA TYR D 241 -1.32 31.95 34.53
C TYR D 241 -2.40 30.93 34.89
N ALA D 242 -2.32 29.74 34.32
CA ALA D 242 -3.32 28.72 34.60
C ALA D 242 -2.70 27.49 35.23
N GLN D 243 -3.16 27.19 36.45
CA GLN D 243 -2.70 26.04 37.25
C GLN D 243 -1.73 25.14 36.50
N GLY D 244 -2.25 23.99 36.05
CA GLY D 244 -1.48 23.03 35.30
C GLY D 244 -2.25 22.76 34.02
N ALA D 245 -2.69 23.84 33.37
CA ALA D 245 -3.45 23.73 32.14
C ALA D 245 -2.55 23.83 30.90
N SER D 246 -2.96 23.12 29.84
CA SER D 246 -2.20 23.12 28.60
C SER D 246 -1.94 24.54 28.08
N GLY D 247 -0.97 24.65 27.19
CA GLY D 247 -0.64 25.95 26.63
C GLY D 247 -0.87 25.99 25.12
N ASN D 248 0.20 25.86 24.36
CA ASN D 248 0.12 25.89 22.90
C ASN D 248 -0.83 24.87 22.28
N LEU D 249 -1.24 25.16 21.06
CA LEU D 249 -2.11 24.26 20.31
C LEU D 249 -1.20 23.10 19.84
N ALA D 250 -1.72 21.87 19.91
CA ALA D 250 -0.95 20.70 19.47
C ALA D 250 -0.91 20.69 17.94
N THR D 251 0.30 20.69 17.38
CA THR D 251 0.49 20.70 15.93
C THR D 251 -0.14 19.51 15.21
N GLU D 252 -0.13 18.33 15.84
CA GLU D 252 -0.68 17.13 15.21
C GLU D 252 -2.18 17.28 15.00
N ASP D 253 -2.85 17.87 15.99
CA ASP D 253 -4.29 18.06 15.92
C ASP D 253 -4.61 19.12 14.88
N LEU D 254 -3.69 20.05 14.70
CA LEU D 254 -3.90 21.10 13.71
C LEU D 254 -3.71 20.51 12.32
N VAL D 255 -2.65 19.72 12.12
CA VAL D 255 -2.44 19.11 10.80
C VAL D 255 -3.60 18.18 10.47
N TYR D 256 -4.13 17.51 11.48
CA TYR D 256 -5.23 16.60 11.28
C TYR D 256 -6.43 17.35 10.72
N MET D 257 -6.77 18.50 11.31
CA MET D 257 -7.92 19.28 10.85
C MET D 257 -7.67 19.80 9.44
N LEU D 258 -6.47 20.34 9.20
CA LEU D 258 -6.14 20.86 7.89
C LEU D 258 -6.19 19.76 6.82
N GLU D 259 -5.67 18.58 7.12
CA GLU D 259 -5.70 17.48 6.16
C GLU D 259 -7.15 17.17 5.83
N GLY D 260 -7.98 17.10 6.86
CA GLY D 260 -9.39 16.82 6.65
C GLY D 260 -10.01 17.82 5.69
N LEU D 261 -9.63 19.08 5.83
CA LEU D 261 -10.16 20.14 4.98
C LEU D 261 -9.54 20.20 3.60
N GLY D 262 -8.62 19.28 3.31
CA GLY D 262 -7.97 19.28 2.01
C GLY D 262 -7.02 20.46 1.84
N ILE D 263 -6.57 21.02 2.96
CA ILE D 263 -5.66 22.15 2.88
C ILE D 263 -4.22 21.67 2.90
N HIS D 264 -3.39 22.27 2.06
CA HIS D 264 -1.99 21.88 2.00
C HIS D 264 -1.17 22.33 3.21
N THR D 265 -0.43 21.40 3.80
CA THR D 265 0.43 21.71 4.93
C THR D 265 1.85 21.35 4.52
N GLY D 266 1.97 20.22 3.81
CA GLY D 266 3.27 19.74 3.35
C GLY D 266 3.94 19.00 4.49
N VAL D 267 3.12 18.52 5.41
CA VAL D 267 3.58 17.82 6.60
C VAL D 267 3.18 16.37 6.67
N ASN D 268 4.14 15.52 7.04
CA ASN D 268 3.88 14.09 7.18
C ASN D 268 3.45 13.84 8.63
N LEU D 269 2.15 13.58 8.81
CA LEU D 269 1.60 13.34 10.14
C LEU D 269 2.27 12.27 10.97
N GLN D 270 2.57 11.12 10.37
CA GLN D 270 3.21 10.03 11.10
C GLN D 270 4.58 10.48 11.60
N LYS D 271 5.36 11.12 10.73
CA LYS D 271 6.68 11.59 11.14
C LYS D 271 6.57 12.63 12.24
N LEU D 272 5.46 13.39 12.24
CA LEU D 272 5.24 14.43 13.25
C LEU D 272 5.02 13.78 14.60
N LEU D 273 4.17 12.75 14.60
CA LEU D 273 3.86 12.05 15.82
C LEU D 273 5.11 11.44 16.44
N GLU D 274 6.05 11.02 15.60
CA GLU D 274 7.30 10.42 16.07
C GLU D 274 8.22 11.46 16.70
N ALA D 275 8.11 12.71 16.23
CA ALA D 275 8.91 13.78 16.80
C ALA D 275 8.27 14.10 18.15
N GLY D 276 6.95 14.22 18.14
CA GLY D 276 6.21 14.52 19.35
C GLY D 276 6.44 13.48 20.41
N ASN D 277 6.45 12.21 20.01
CA ASN D 277 6.67 11.10 20.94
C ASN D 277 8.12 11.08 21.45
N PHE D 278 9.05 11.47 20.58
CA PHE D 278 10.45 11.50 20.96
C PHE D 278 10.65 12.48 22.12
N ILE D 279 10.23 13.72 21.89
CA ILE D 279 10.40 14.76 22.90
C ILE D 279 9.60 14.52 24.17
N CYS D 280 8.46 13.85 24.05
CA CYS D 280 7.67 13.57 25.23
C CYS D 280 8.36 12.57 26.14
N GLN D 281 8.93 11.52 25.55
CA GLN D 281 9.63 10.52 26.35
C GLN D 281 10.83 11.16 27.03
N ALA D 282 11.59 11.96 26.28
CA ALA D 282 12.76 12.63 26.82
C ALA D 282 12.39 13.64 27.91
N LEU D 283 11.14 14.07 27.90
CA LEU D 283 10.66 15.04 28.88
C LEU D 283 9.93 14.35 30.02
N ASN D 284 9.60 13.08 29.81
CA ASN D 284 8.87 12.27 30.79
C ASN D 284 7.50 12.89 31.05
N ARG D 285 6.84 13.34 29.99
CA ARG D 285 5.52 13.94 30.11
C ARG D 285 4.61 13.36 29.04
N LYS D 286 3.31 13.26 29.33
CA LYS D 286 2.36 12.74 28.36
C LYS D 286 2.07 13.79 27.30
N THR D 287 1.78 13.34 26.08
CA THR D 287 1.46 14.24 24.98
C THR D 287 0.12 14.91 25.25
N SER D 288 -0.03 16.17 24.82
CA SER D 288 -1.29 16.89 25.00
C SER D 288 -2.06 16.77 23.70
N SER D 289 -1.41 16.16 22.71
CA SER D 289 -2.00 15.95 21.41
C SER D 289 -3.09 14.89 21.50
N LYS D 290 -4.30 15.23 21.09
CA LYS D 290 -5.39 14.26 21.12
C LYS D 290 -5.13 13.20 20.07
N VAL D 291 -4.72 13.64 18.88
CA VAL D 291 -4.42 12.72 17.78
C VAL D 291 -3.44 11.63 18.23
N ALA D 292 -2.40 12.03 18.96
CA ALA D 292 -1.40 11.08 19.45
C ALA D 292 -2.05 10.03 20.36
N GLN D 293 -2.98 10.47 21.21
CA GLN D 293 -3.67 9.58 22.13
C GLN D 293 -4.55 8.58 21.37
N ALA D 294 -5.25 9.06 20.35
CA ALA D 294 -6.13 8.21 19.56
C ALA D 294 -5.34 7.36 18.57
N THR D 295 -4.16 7.85 18.18
CA THR D 295 -3.32 7.14 17.22
C THR D 295 -2.59 5.97 17.86
N CYS D 296 -1.41 6.24 18.41
CA CYS D 296 -0.62 5.18 19.03
C CYS D 296 -0.60 5.33 20.55
N THR E 1 18.36 28.82 -37.96
CA THR E 1 17.91 28.15 -36.70
C THR E 1 19.01 28.11 -35.63
N LEU E 2 19.93 27.17 -35.77
CA LEU E 2 21.04 27.02 -34.82
C LEU E 2 22.06 28.14 -34.89
N PRO E 3 22.56 28.59 -33.73
CA PRO E 3 23.56 29.66 -33.74
C PRO E 3 24.90 29.13 -34.25
N LYS E 4 25.77 30.04 -34.70
CA LYS E 4 27.08 29.66 -35.22
C LYS E 4 28.08 29.43 -34.08
N ARG E 5 27.84 30.07 -32.94
CA ARG E 5 28.72 29.91 -31.80
C ARG E 5 27.96 30.02 -30.49
N VAL E 6 28.39 29.22 -29.52
CA VAL E 6 27.78 29.19 -28.21
C VAL E 6 28.77 29.60 -27.13
N LYS E 7 28.35 30.55 -26.30
CA LYS E 7 29.19 31.00 -25.20
C LYS E 7 28.83 30.12 -23.99
N ILE E 8 29.71 29.20 -23.64
CA ILE E 8 29.47 28.32 -22.49
C ILE E 8 29.88 29.03 -21.22
N VAL E 9 28.98 29.00 -20.23
CA VAL E 9 29.22 29.63 -18.95
C VAL E 9 29.48 28.48 -17.98
N GLU E 10 30.74 28.36 -17.56
CA GLU E 10 31.19 27.31 -16.65
C GLU E 10 30.81 27.65 -15.23
N VAL E 11 30.03 26.80 -14.58
CA VAL E 11 29.62 27.08 -13.22
C VAL E 11 30.04 26.03 -12.19
N GLY E 12 30.91 25.12 -12.59
CA GLY E 12 31.34 24.09 -11.65
C GLY E 12 31.90 24.63 -10.36
N PRO E 13 32.81 25.61 -10.42
CA PRO E 13 33.40 26.18 -9.20
C PRO E 13 32.47 26.95 -8.26
N MET E 14 31.33 27.41 -8.77
CA MET E 14 30.39 28.14 -7.94
C MET E 14 29.12 27.32 -7.72
N ASP E 15 28.33 27.14 -8.77
CA ASP E 15 27.09 26.36 -8.63
C ASP E 15 27.41 24.89 -8.31
N GLY E 16 28.44 24.36 -8.94
CA GLY E 16 28.83 22.98 -8.70
C GLY E 16 29.25 22.71 -7.27
N LEU E 17 30.33 23.34 -6.84
CA LEU E 17 30.87 23.17 -5.49
C LEU E 17 29.90 23.59 -4.38
N GLN E 18 29.06 24.57 -4.67
CA GLN E 18 28.10 25.04 -3.67
C GLN E 18 27.16 23.90 -3.28
N ASN E 19 26.75 23.12 -4.28
CA ASN E 19 25.84 22.00 -4.06
C ASN E 19 26.55 20.67 -3.95
N GLU E 20 27.81 20.70 -3.55
CA GLU E 20 28.56 19.46 -3.38
C GLU E 20 28.70 19.20 -1.88
N LYS E 21 28.46 17.95 -1.48
CA LYS E 21 28.53 17.51 -0.09
C LYS E 21 29.92 17.75 0.52
N ASN E 22 30.95 17.63 -0.29
CA ASN E 22 32.32 17.82 0.18
C ASN E 22 32.82 19.24 -0.05
N ILE E 23 33.49 19.82 0.95
CA ILE E 23 34.04 21.17 0.81
C ILE E 23 35.51 21.06 0.46
N VAL E 24 35.95 21.81 -0.56
CA VAL E 24 37.36 21.79 -0.95
C VAL E 24 38.14 23.00 -0.43
N SER E 25 39.46 22.83 -0.38
CA SER E 25 40.36 23.88 0.09
C SER E 25 40.53 24.97 -0.96
N THR E 26 40.82 26.17 -0.49
CA THR E 26 41.01 27.32 -1.36
C THR E 26 41.95 27.06 -2.55
N PRO E 27 43.19 26.59 -2.29
CA PRO E 27 44.10 26.33 -3.42
C PRO E 27 43.53 25.35 -4.45
N VAL E 28 42.63 24.48 -4.02
CA VAL E 28 42.02 23.53 -4.96
C VAL E 28 41.05 24.30 -5.88
N LYS E 29 40.24 25.16 -5.29
CA LYS E 29 39.30 25.96 -6.06
C LYS E 29 40.09 26.81 -7.07
N ILE E 30 41.12 27.50 -6.58
CA ILE E 30 41.96 28.34 -7.44
C ILE E 30 42.57 27.58 -8.61
N LYS E 31 43.05 26.35 -8.37
CA LYS E 31 43.64 25.55 -9.45
C LYS E 31 42.60 25.12 -10.47
N LEU E 32 41.45 24.67 -9.98
CA LEU E 32 40.36 24.23 -10.86
C LEU E 32 40.04 25.33 -11.87
N ILE E 33 39.83 26.54 -11.34
CA ILE E 33 39.51 27.69 -12.17
C ILE E 33 40.62 27.99 -13.19
N ASP E 34 41.87 27.96 -12.76
CA ASP E 34 42.97 28.22 -13.70
C ASP E 34 42.97 27.16 -14.79
N MET E 35 42.68 25.92 -14.41
CA MET E 35 42.62 24.86 -15.40
C MET E 35 41.47 25.08 -16.37
N LEU E 36 40.34 25.58 -15.87
CA LEU E 36 39.20 25.84 -16.74
C LEU E 36 39.62 26.95 -17.70
N SER E 37 40.30 27.96 -17.17
CA SER E 37 40.79 29.07 -17.98
C SER E 37 41.68 28.53 -19.10
N GLU E 38 42.53 27.56 -18.76
CA GLU E 38 43.44 26.96 -19.71
C GLU E 38 42.72 26.13 -20.77
N ALA E 39 41.59 25.53 -20.40
CA ALA E 39 40.81 24.73 -21.33
C ALA E 39 40.08 25.63 -22.34
N GLY E 40 40.06 26.93 -22.06
CA GLY E 40 39.42 27.86 -22.98
C GLY E 40 38.05 28.44 -22.66
N LEU E 41 37.44 28.06 -21.53
CA LEU E 41 36.14 28.62 -21.19
C LEU E 41 36.23 30.14 -21.13
N SER E 42 35.36 30.83 -21.88
CA SER E 42 35.39 32.29 -21.87
C SER E 42 34.72 32.89 -20.64
N VAL E 43 33.96 32.09 -19.90
CA VAL E 43 33.30 32.61 -18.70
C VAL E 43 33.26 31.54 -17.64
N ILE E 44 33.79 31.87 -16.46
CA ILE E 44 33.84 30.91 -15.37
C ILE E 44 33.32 31.51 -14.08
N GLU E 45 32.14 31.06 -13.66
CA GLU E 45 31.53 31.54 -12.43
C GLU E 45 32.46 31.10 -11.30
N THR E 46 33.10 32.07 -10.69
CA THR E 46 34.12 31.85 -9.67
C THR E 46 33.75 31.53 -8.25
N THR E 47 32.88 32.34 -7.66
CA THR E 47 32.48 32.12 -6.28
C THR E 47 31.26 32.96 -5.94
N SER E 48 30.87 32.91 -4.67
CA SER E 48 29.73 33.66 -4.17
C SER E 48 30.12 34.44 -2.92
N PHE E 49 29.84 35.74 -2.92
CA PHE E 49 30.14 36.60 -1.77
C PHE E 49 28.98 36.62 -0.80
N VAL E 50 28.61 35.43 -0.36
CA VAL E 50 27.53 35.25 0.58
C VAL E 50 28.14 34.92 1.95
N SER E 51 27.41 35.24 3.02
CA SER E 51 27.88 34.98 4.37
C SER E 51 28.33 33.54 4.54
N PRO E 52 29.51 33.33 5.16
CA PRO E 52 30.06 31.99 5.38
C PRO E 52 29.17 31.22 6.34
N LYS E 53 28.50 31.95 7.23
CA LYS E 53 27.60 31.35 8.20
C LYS E 53 26.46 30.63 7.48
N TRP E 54 26.17 31.01 6.24
CA TRP E 54 25.08 30.37 5.52
C TRP E 54 25.50 29.32 4.51
N VAL E 55 26.61 29.57 3.82
CA VAL E 55 27.10 28.61 2.86
C VAL E 55 28.63 28.61 2.94
N PRO E 56 29.16 27.85 3.90
CA PRO E 56 30.60 27.72 4.15
C PRO E 56 31.43 27.32 2.94
N GLN E 57 30.88 26.47 2.08
CA GLN E 57 31.61 26.04 0.88
C GLN E 57 32.19 27.20 0.08
N MET E 58 31.53 28.36 0.15
CA MET E 58 31.97 29.55 -0.58
C MET E 58 32.66 30.56 0.35
N GLY E 59 32.74 30.22 1.64
CA GLY E 59 33.35 31.11 2.62
C GLY E 59 34.65 31.81 2.24
N ASP E 60 35.47 31.16 1.42
CA ASP E 60 36.75 31.72 0.99
C ASP E 60 36.63 32.58 -0.26
N HIS E 61 35.40 33.02 -0.57
CA HIS E 61 35.16 33.83 -1.77
C HIS E 61 36.19 34.92 -2.09
N THR E 62 36.70 35.59 -1.06
CA THR E 62 37.67 36.65 -1.28
C THR E 62 39.03 36.14 -1.79
N GLU E 63 39.56 35.13 -1.12
CA GLU E 63 40.85 34.56 -1.49
C GLU E 63 40.80 33.96 -2.89
N VAL E 64 39.67 33.38 -3.24
CA VAL E 64 39.51 32.77 -4.55
C VAL E 64 39.50 33.78 -5.70
N LEU E 65 38.73 34.85 -5.57
CA LEU E 65 38.66 35.85 -6.64
C LEU E 65 40.03 36.47 -6.86
N LYS E 66 40.68 36.86 -5.77
CA LYS E 66 42.01 37.45 -5.84
C LYS E 66 43.06 36.43 -6.32
N GLY E 67 42.97 35.21 -5.84
CA GLY E 67 43.94 34.17 -6.16
C GLY E 67 44.07 33.56 -7.55
N ILE E 68 42.98 33.53 -8.32
CA ILE E 68 43.00 32.95 -9.66
C ILE E 68 43.65 33.86 -10.69
N GLN E 69 44.23 33.28 -11.74
CA GLN E 69 44.84 34.08 -12.79
C GLN E 69 43.71 34.72 -13.61
N LYS E 70 43.94 35.93 -14.11
CA LYS E 70 42.93 36.59 -14.91
C LYS E 70 43.38 36.54 -16.37
N PHE E 71 43.07 35.44 -17.05
CA PHE E 71 43.45 35.29 -18.45
C PHE E 71 42.81 36.34 -19.33
N PRO E 72 43.52 36.76 -20.39
CA PRO E 72 42.99 37.77 -21.30
C PRO E 72 41.75 37.25 -22.00
N GLY E 73 40.69 38.05 -22.02
CA GLY E 73 39.46 37.64 -22.69
C GLY E 73 38.56 36.68 -21.92
N ILE E 74 38.88 36.42 -20.66
CA ILE E 74 38.06 35.53 -19.85
C ILE E 74 37.44 36.31 -18.70
N ASN E 75 36.16 36.06 -18.44
CA ASN E 75 35.42 36.73 -17.37
C ASN E 75 35.21 35.79 -16.19
N TYR E 76 35.18 36.35 -14.99
CA TYR E 76 35.01 35.56 -13.79
C TYR E 76 33.94 36.15 -12.89
N PRO E 77 32.66 35.97 -13.29
CA PRO E 77 31.55 36.51 -12.50
C PRO E 77 31.41 35.83 -11.15
N VAL E 78 30.94 36.61 -10.18
CA VAL E 78 30.73 36.14 -8.82
C VAL E 78 29.34 36.53 -8.34
N LEU E 79 28.73 35.67 -7.53
CA LEU E 79 27.40 35.95 -7.02
C LEU E 79 27.44 36.98 -5.91
N THR E 80 26.47 37.89 -5.94
CA THR E 80 26.37 38.91 -4.94
C THR E 80 24.90 39.00 -4.54
N PRO E 81 24.52 38.27 -3.47
CA PRO E 81 23.14 38.25 -2.97
C PRO E 81 22.64 39.52 -2.30
N ASN E 82 23.54 40.45 -2.03
CA ASN E 82 23.18 41.72 -1.40
C ASN E 82 24.33 42.71 -1.47
N LEU E 83 24.02 43.98 -1.26
CA LEU E 83 25.01 45.07 -1.32
C LEU E 83 26.31 44.80 -0.59
N LYS E 84 26.24 44.29 0.63
CA LYS E 84 27.46 43.99 1.38
C LYS E 84 28.26 42.95 0.61
N GLY E 85 27.54 41.98 0.06
CA GLY E 85 28.19 40.93 -0.73
C GLY E 85 28.82 41.54 -1.96
N PHE E 86 28.11 42.50 -2.57
CA PHE E 86 28.59 43.17 -3.76
C PHE E 86 29.79 44.05 -3.43
N GLU E 87 29.77 44.63 -2.24
CA GLU E 87 30.85 45.48 -1.77
C GLU E 87 32.13 44.68 -1.81
N ALA E 88 32.10 43.55 -1.11
CA ALA E 88 33.25 42.66 -1.03
C ALA E 88 33.73 42.18 -2.39
N ALA E 89 32.80 42.09 -3.35
CA ALA E 89 33.13 41.65 -4.69
C ALA E 89 34.12 42.63 -5.32
N VAL E 90 33.76 43.91 -5.33
CA VAL E 90 34.62 44.94 -5.88
C VAL E 90 35.97 44.89 -5.19
N ALA E 91 35.94 44.91 -3.86
CA ALA E 91 37.16 44.89 -3.06
C ALA E 91 38.04 43.71 -3.47
N ALA E 92 37.42 42.63 -3.92
CA ALA E 92 38.17 41.46 -4.35
C ALA E 92 38.57 41.59 -5.81
N GLY E 93 38.09 42.64 -6.46
CA GLY E 93 38.43 42.89 -7.86
C GLY E 93 37.43 42.43 -8.91
N ALA E 94 36.20 42.12 -8.51
CA ALA E 94 35.19 41.65 -9.46
C ALA E 94 34.88 42.68 -10.55
N LYS E 95 34.64 42.19 -11.76
CA LYS E 95 34.29 43.07 -12.87
C LYS E 95 32.85 42.78 -13.29
N GLU E 96 32.33 41.62 -12.89
CA GLU E 96 30.96 41.21 -13.22
C GLU E 96 30.35 40.50 -12.01
N VAL E 97 29.14 40.91 -11.65
CA VAL E 97 28.46 40.29 -10.53
C VAL E 97 27.23 39.55 -11.01
N VAL E 98 26.65 38.70 -10.16
CA VAL E 98 25.47 37.93 -10.54
C VAL E 98 24.36 38.01 -9.48
N ILE E 99 23.17 38.43 -9.89
CA ILE E 99 22.05 38.48 -8.95
C ILE E 99 21.03 37.42 -9.37
N PHE E 100 20.31 36.87 -8.40
CA PHE E 100 19.32 35.84 -8.72
C PHE E 100 17.91 36.03 -8.14
N GLY E 101 16.93 35.56 -8.89
CA GLY E 101 15.56 35.64 -8.47
C GLY E 101 14.85 34.35 -8.81
N ALA E 102 13.52 34.40 -8.78
CA ALA E 102 12.72 33.22 -9.08
C ALA E 102 11.44 33.62 -9.81
N ALA E 103 10.90 32.69 -10.59
CA ALA E 103 9.66 32.95 -11.32
C ALA E 103 8.54 32.33 -10.48
N SER E 104 8.90 31.95 -9.26
CA SER E 104 7.98 31.32 -8.32
C SER E 104 7.89 32.15 -7.04
N GLU E 105 6.66 32.42 -6.61
CA GLU E 105 6.40 33.21 -5.40
C GLU E 105 6.68 32.38 -4.15
N LEU E 106 6.29 31.11 -4.21
CA LEU E 106 6.50 30.19 -3.10
C LEU E 106 7.99 29.91 -2.88
N PHE E 107 8.72 29.73 -3.97
CA PHE E 107 10.15 29.45 -3.90
C PHE E 107 10.84 30.65 -3.26
N THR E 108 10.47 31.84 -3.72
CA THR E 108 11.04 33.08 -3.19
C THR E 108 10.70 33.24 -1.72
N LYS E 109 9.41 33.18 -1.38
CA LYS E 109 8.95 33.33 -0.01
C LYS E 109 9.54 32.27 0.92
N LYS E 110 9.82 31.09 0.39
CA LYS E 110 10.38 30.02 1.21
C LYS E 110 11.88 30.15 1.41
N ASN E 111 12.50 31.12 0.76
CA ASN E 111 13.94 31.33 0.89
C ASN E 111 14.33 32.68 1.49
N ILE E 112 13.66 33.77 1.08
CA ILE E 112 13.99 35.08 1.63
C ILE E 112 12.83 35.84 2.29
N ASN E 113 11.72 35.14 2.51
CA ASN E 113 10.54 35.73 3.14
C ASN E 113 10.03 37.03 2.54
N CYS E 114 9.74 36.97 1.24
CA CYS E 114 9.21 38.11 0.52
C CYS E 114 8.84 37.66 -0.89
N SER E 115 8.01 38.44 -1.55
CA SER E 115 7.55 38.11 -2.88
C SER E 115 8.63 38.33 -3.92
N ILE E 116 8.31 37.98 -5.16
CA ILE E 116 9.23 38.19 -6.26
C ILE E 116 9.48 39.69 -6.40
N GLU E 117 8.39 40.46 -6.51
CA GLU E 117 8.49 41.92 -6.66
C GLU E 117 9.36 42.55 -5.56
N GLU E 118 9.26 42.02 -4.35
CA GLU E 118 10.05 42.55 -3.24
C GLU E 118 11.52 42.18 -3.40
N SER E 119 11.78 40.94 -3.83
CA SER E 119 13.14 40.47 -4.02
C SER E 119 13.94 41.36 -4.96
N PHE E 120 13.25 42.22 -5.70
CA PHE E 120 13.93 43.11 -6.63
C PHE E 120 14.39 44.40 -5.95
N GLN E 121 13.97 44.59 -4.71
CA GLN E 121 14.35 45.79 -3.97
C GLN E 121 15.82 45.69 -3.58
N ARG E 122 16.23 44.53 -3.11
CA ARG E 122 17.61 44.29 -2.71
C ARG E 122 18.53 44.57 -3.89
N PHE E 123 18.04 44.25 -5.07
CA PHE E 123 18.80 44.42 -6.30
C PHE E 123 18.98 45.85 -6.76
N ASP E 124 18.02 46.72 -6.42
CA ASP E 124 18.10 48.11 -6.81
C ASP E 124 19.42 48.75 -6.38
N ALA E 125 19.83 48.47 -5.15
CA ALA E 125 21.07 49.01 -4.61
C ALA E 125 22.25 48.46 -5.41
N ILE E 126 22.30 47.13 -5.54
CA ILE E 126 23.38 46.48 -6.27
C ILE E 126 23.56 47.06 -7.67
N LEU E 127 22.49 47.06 -8.45
CA LEU E 127 22.57 47.59 -9.81
C LEU E 127 23.00 49.06 -9.79
N LYS E 128 22.62 49.77 -8.74
CA LYS E 128 22.97 51.19 -8.60
C LYS E 128 24.48 51.34 -8.45
N ALA E 129 25.07 50.53 -7.59
CA ALA E 129 26.51 50.58 -7.34
C ALA E 129 27.31 49.99 -8.51
N ALA E 130 26.69 49.06 -9.24
CA ALA E 130 27.32 48.42 -10.37
C ALA E 130 27.51 49.41 -11.51
N GLN E 131 26.46 50.19 -11.76
CA GLN E 131 26.49 51.19 -12.82
C GLN E 131 27.54 52.25 -12.52
N SER E 132 27.77 52.52 -11.24
CA SER E 132 28.75 53.51 -10.81
C SER E 132 30.18 53.04 -10.97
N ALA E 133 30.44 51.78 -10.65
CA ALA E 133 31.78 51.22 -10.75
C ALA E 133 32.03 50.53 -12.08
N ASN E 134 31.14 50.77 -13.04
CA ASN E 134 31.24 50.14 -14.35
C ASN E 134 31.42 48.65 -14.17
N ILE E 135 30.42 48.02 -13.57
CA ILE E 135 30.44 46.60 -13.31
C ILE E 135 29.21 45.92 -13.92
N SER E 136 29.46 44.87 -14.70
CA SER E 136 28.39 44.13 -15.35
C SER E 136 27.63 43.29 -14.33
N VAL E 137 26.34 43.13 -14.57
CA VAL E 137 25.49 42.34 -13.68
C VAL E 137 24.77 41.26 -14.48
N ARG E 138 24.94 40.01 -14.08
CA ARG E 138 24.23 38.94 -14.78
C ARG E 138 23.02 38.57 -13.92
N GLY E 139 21.92 38.23 -14.58
CA GLY E 139 20.71 37.85 -13.86
C GLY E 139 20.39 36.37 -13.99
N TYR E 140 19.79 35.82 -12.94
CA TYR E 140 19.43 34.42 -12.94
C TYR E 140 17.99 34.29 -12.46
N VAL E 141 17.21 33.46 -13.14
CA VAL E 141 15.82 33.22 -12.76
C VAL E 141 15.61 31.72 -12.54
N SER E 142 15.47 31.32 -11.29
CA SER E 142 15.27 29.91 -10.97
C SER E 142 13.80 29.51 -11.11
N CYS E 143 13.57 28.22 -11.32
CA CYS E 143 12.24 27.64 -11.50
C CYS E 143 11.64 28.03 -12.84
N ALA E 144 12.48 28.20 -13.86
CA ALA E 144 11.99 28.59 -15.18
C ALA E 144 11.17 27.51 -15.87
N LEU E 145 11.43 26.25 -15.53
CA LEU E 145 10.69 25.16 -16.17
C LEU E 145 9.89 24.38 -15.14
N GLY E 146 9.65 24.99 -13.99
CA GLY E 146 8.91 24.31 -12.94
C GLY E 146 9.48 24.61 -11.56
N CYS E 147 8.60 24.61 -10.57
CA CYS E 147 8.97 24.89 -9.18
C CYS E 147 8.69 23.68 -8.30
N PRO E 148 9.61 23.39 -7.37
CA PRO E 148 9.42 22.24 -6.47
C PRO E 148 8.24 22.45 -5.50
N TYR E 149 7.74 23.68 -5.41
CA TYR E 149 6.63 23.97 -4.50
C TYR E 149 5.32 24.29 -5.23
N GLU E 150 5.39 25.16 -6.24
CA GLU E 150 4.20 25.53 -6.99
C GLU E 150 3.90 24.59 -8.15
N GLY E 151 4.85 23.73 -8.49
CA GLY E 151 4.64 22.83 -9.60
C GLY E 151 4.88 23.56 -10.90
N LYS E 152 3.87 23.59 -11.78
CA LYS E 152 4.00 24.27 -13.07
C LYS E 152 4.21 25.78 -12.93
N ILE E 153 4.97 26.34 -13.86
CA ILE E 153 5.25 27.76 -13.84
C ILE E 153 4.90 28.38 -15.19
N SER E 154 4.11 29.44 -15.11
CA SER E 154 3.64 30.17 -16.28
C SER E 154 4.76 30.87 -17.05
N PRO E 155 4.83 30.61 -18.36
CA PRO E 155 5.84 31.21 -19.25
C PRO E 155 5.81 32.74 -19.13
N ALA E 156 4.61 33.29 -19.12
CA ALA E 156 4.42 34.73 -19.01
C ALA E 156 5.05 35.26 -17.73
N LYS E 157 5.00 34.47 -16.66
CA LYS E 157 5.58 34.91 -15.40
C LYS E 157 7.11 34.93 -15.52
N VAL E 158 7.66 33.98 -16.27
CA VAL E 158 9.11 33.93 -16.44
C VAL E 158 9.55 35.14 -17.28
N ALA E 159 8.79 35.43 -18.33
CA ALA E 159 9.09 36.57 -19.19
C ALA E 159 9.07 37.87 -18.39
N GLU E 160 8.14 37.94 -17.43
CA GLU E 160 7.98 39.12 -16.59
C GLU E 160 9.17 39.35 -15.68
N VAL E 161 9.59 38.30 -15.00
CA VAL E 161 10.72 38.40 -14.09
C VAL E 161 12.01 38.66 -14.88
N THR E 162 12.15 37.96 -15.99
CA THR E 162 13.30 38.12 -16.84
C THR E 162 13.32 39.56 -17.34
N LYS E 163 12.15 40.07 -17.72
CA LYS E 163 12.12 41.44 -18.23
C LYS E 163 12.50 42.47 -17.18
N LYS E 164 12.21 42.16 -15.92
CA LYS E 164 12.54 43.09 -14.85
C LYS E 164 14.06 43.19 -14.66
N PHE E 165 14.75 42.04 -14.62
CA PHE E 165 16.21 42.02 -14.48
C PHE E 165 16.81 42.81 -15.62
N TYR E 166 16.32 42.54 -16.82
CA TYR E 166 16.82 43.21 -18.02
C TYR E 166 16.56 44.71 -17.98
N SER E 167 15.32 45.12 -17.68
CA SER E 167 15.03 46.54 -17.64
C SER E 167 15.80 47.23 -16.50
N MET E 168 16.17 46.47 -15.47
CA MET E 168 16.93 47.04 -14.36
C MET E 168 18.40 47.24 -14.70
N GLY E 169 18.90 46.52 -15.70
CA GLY E 169 20.29 46.69 -16.08
C GLY E 169 21.13 45.44 -16.24
N CYS E 170 20.51 44.27 -16.12
CA CYS E 170 21.25 43.01 -16.28
C CYS E 170 21.49 42.84 -17.78
N TYR E 171 22.75 42.71 -18.20
CA TYR E 171 23.05 42.55 -19.62
C TYR E 171 22.70 41.14 -20.11
N GLU E 172 22.54 40.22 -19.19
CA GLU E 172 22.24 38.84 -19.59
C GLU E 172 21.48 38.12 -18.49
N ILE E 173 20.51 37.29 -18.87
CA ILE E 173 19.76 36.57 -17.86
C ILE E 173 19.71 35.08 -18.14
N SER E 174 20.06 34.32 -17.12
CA SER E 174 20.09 32.88 -17.24
C SER E 174 18.80 32.29 -16.69
N LEU E 175 18.19 31.41 -17.48
CA LEU E 175 16.94 30.76 -17.12
C LEU E 175 17.26 29.33 -16.69
N GLY E 176 17.09 29.06 -15.40
CA GLY E 176 17.43 27.75 -14.92
C GLY E 176 16.28 26.81 -14.58
N ASP E 177 16.45 25.55 -14.98
CA ASP E 177 15.48 24.52 -14.66
C ASP E 177 16.11 23.98 -13.39
N THR E 178 15.76 24.63 -12.29
CA THR E 178 16.25 24.33 -10.95
C THR E 178 16.14 22.89 -10.49
N ILE E 179 15.05 22.22 -10.84
CA ILE E 179 14.88 20.84 -10.42
C ILE E 179 15.07 19.83 -11.55
N GLY E 180 15.34 20.34 -12.75
CA GLY E 180 15.55 19.48 -13.90
C GLY E 180 14.31 18.73 -14.34
N VAL E 181 13.12 19.28 -14.07
CA VAL E 181 11.88 18.62 -14.47
C VAL E 181 11.39 19.01 -15.86
N GLY E 182 12.09 19.95 -16.48
CA GLY E 182 11.68 20.40 -17.81
C GLY E 182 11.78 19.39 -18.93
N THR E 183 10.92 19.56 -19.93
CA THR E 183 10.90 18.72 -21.13
C THR E 183 10.89 19.71 -22.28
N PRO E 184 11.36 19.29 -23.46
CA PRO E 184 11.42 20.18 -24.63
C PRO E 184 10.26 21.14 -24.90
N GLY E 185 9.03 20.66 -24.82
CA GLY E 185 7.90 21.53 -25.07
C GLY E 185 7.84 22.65 -24.04
N ILE E 186 8.11 22.30 -22.78
CA ILE E 186 8.09 23.30 -21.71
C ILE E 186 9.15 24.37 -21.92
N MET E 187 10.33 23.94 -22.39
CA MET E 187 11.45 24.85 -22.66
C MET E 187 11.08 25.84 -23.76
N LYS E 188 10.47 25.32 -24.83
CA LYS E 188 10.06 26.14 -25.97
C LYS E 188 9.01 27.19 -25.57
N ASP E 189 7.98 26.77 -24.84
CA ASP E 189 6.93 27.70 -24.42
C ASP E 189 7.51 28.78 -23.53
N MET E 190 8.42 28.39 -22.65
CA MET E 190 9.05 29.34 -21.75
C MET E 190 9.85 30.36 -22.54
N LEU E 191 10.72 29.86 -23.42
CA LEU E 191 11.57 30.73 -24.23
C LEU E 191 10.76 31.62 -25.16
N SER E 192 9.73 31.05 -25.78
CA SER E 192 8.90 31.84 -26.68
C SER E 192 8.38 33.10 -26.00
N ALA E 193 7.88 32.95 -24.78
CA ALA E 193 7.37 34.10 -24.03
C ALA E 193 8.47 35.09 -23.60
N VAL E 194 9.59 34.56 -23.11
CA VAL E 194 10.68 35.45 -22.68
C VAL E 194 11.20 36.27 -23.87
N MET E 195 11.31 35.62 -25.02
CA MET E 195 11.79 36.25 -26.24
C MET E 195 10.94 37.43 -26.71
N GLN E 196 9.66 37.44 -26.32
CA GLN E 196 8.77 38.51 -26.74
C GLN E 196 9.25 39.78 -26.07
N GLU E 197 9.74 39.62 -24.84
CA GLU E 197 10.18 40.69 -23.98
C GLU E 197 11.66 41.05 -23.88
N VAL E 198 12.52 40.04 -24.00
CA VAL E 198 13.96 40.26 -23.89
C VAL E 198 14.68 39.77 -25.13
N PRO E 199 15.57 40.60 -25.70
CA PRO E 199 16.33 40.23 -26.90
C PRO E 199 17.03 38.88 -26.76
N LEU E 200 16.98 38.09 -27.82
CA LEU E 200 17.54 36.75 -27.84
C LEU E 200 18.97 36.54 -27.33
N ALA E 201 19.90 37.39 -27.73
CA ALA E 201 21.29 37.24 -27.32
C ALA E 201 21.54 37.46 -25.82
N ALA E 202 20.62 38.14 -25.14
CA ALA E 202 20.78 38.39 -23.70
C ALA E 202 20.24 37.24 -22.87
N LEU E 203 19.86 36.15 -23.54
CA LEU E 203 19.33 35.00 -22.83
C LEU E 203 20.27 33.82 -22.68
N ALA E 204 20.14 33.12 -21.57
CA ALA E 204 20.96 31.96 -21.32
C ALA E 204 20.10 30.88 -20.70
N VAL E 205 20.51 29.64 -20.92
CA VAL E 205 19.82 28.49 -20.39
C VAL E 205 20.75 27.69 -19.48
N HIS E 206 20.20 27.18 -18.39
CA HIS E 206 20.96 26.42 -17.39
C HIS E 206 20.10 25.25 -16.92
N CYS E 207 20.27 24.12 -17.58
CA CYS E 207 19.48 22.93 -17.29
C CYS E 207 20.16 21.86 -16.43
N HIS E 208 19.42 21.39 -15.43
CA HIS E 208 19.89 20.32 -14.55
C HIS E 208 19.47 19.01 -15.18
N ASP E 209 20.29 17.98 -14.99
CA ASP E 209 20.05 16.67 -15.59
C ASP E 209 19.46 15.66 -14.63
N THR E 210 18.82 16.15 -13.58
CA THR E 210 18.20 15.29 -12.57
C THR E 210 17.30 14.24 -13.19
N TYR E 211 16.60 14.61 -14.26
CA TYR E 211 15.70 13.68 -14.92
C TYR E 211 16.23 13.28 -16.30
N GLY E 212 17.49 13.56 -16.54
CA GLY E 212 18.11 13.22 -17.82
C GLY E 212 17.63 14.05 -19.00
N GLN E 213 17.15 15.27 -18.72
CA GLN E 213 16.63 16.14 -19.77
C GLN E 213 17.46 17.38 -20.11
N ALA E 214 18.56 17.60 -19.39
CA ALA E 214 19.36 18.82 -19.59
C ALA E 214 19.85 19.10 -21.00
N LEU E 215 20.46 18.12 -21.65
CA LEU E 215 20.98 18.37 -22.99
C LEU E 215 19.91 18.51 -24.07
N ALA E 216 18.82 17.75 -23.95
CA ALA E 216 17.73 17.81 -24.91
C ALA E 216 17.00 19.14 -24.75
N ASN E 217 16.84 19.57 -23.50
CA ASN E 217 16.20 20.85 -23.23
C ASN E 217 17.14 21.92 -23.78
N THR E 218 18.44 21.74 -23.54
CA THR E 218 19.42 22.70 -24.03
C THR E 218 19.35 22.78 -25.56
N LEU E 219 19.20 21.63 -26.22
CA LEU E 219 19.12 21.62 -27.69
C LEU E 219 17.92 22.47 -28.12
N MET E 220 16.79 22.26 -27.45
CA MET E 220 15.58 23.00 -27.78
C MET E 220 15.88 24.50 -27.68
N ALA E 221 16.60 24.89 -26.64
CA ALA E 221 16.95 26.29 -26.46
C ALA E 221 17.78 26.76 -27.66
N LEU E 222 18.73 25.93 -28.07
CA LEU E 222 19.59 26.26 -29.19
C LEU E 222 18.78 26.39 -30.49
N GLN E 223 17.78 25.53 -30.66
CA GLN E 223 16.93 25.57 -31.85
C GLN E 223 16.05 26.81 -31.84
N MET E 224 15.92 27.43 -30.68
CA MET E 224 15.12 28.62 -30.54
C MET E 224 16.01 29.86 -30.72
N GLY E 225 17.31 29.63 -30.87
CA GLY E 225 18.23 30.73 -31.08
C GLY E 225 19.04 31.19 -29.87
N VAL E 226 18.94 30.49 -28.74
CA VAL E 226 19.70 30.85 -27.56
C VAL E 226 21.16 30.51 -27.88
N SER E 227 22.09 31.39 -27.50
CA SER E 227 23.50 31.14 -27.80
C SER E 227 24.45 31.11 -26.59
N VAL E 228 23.90 30.95 -25.40
CA VAL E 228 24.75 30.83 -24.23
C VAL E 228 24.09 29.88 -23.26
N VAL E 229 24.85 28.89 -22.81
CA VAL E 229 24.34 27.92 -21.87
C VAL E 229 25.29 27.64 -20.74
N ASP E 230 24.73 27.42 -19.56
CA ASP E 230 25.46 27.14 -18.33
C ASP E 230 25.63 25.63 -18.17
N SER E 231 26.78 25.23 -17.64
CA SER E 231 27.07 23.83 -17.39
C SER E 231 28.21 23.74 -16.41
N SER E 232 28.26 22.63 -15.67
CA SER E 232 29.30 22.45 -14.67
C SER E 232 30.27 21.37 -15.10
N VAL E 233 31.56 21.70 -15.03
CA VAL E 233 32.68 20.83 -15.42
C VAL E 233 32.38 19.34 -15.55
N ALA E 234 32.46 18.60 -14.47
CA ALA E 234 32.24 17.16 -14.55
C ALA E 234 30.86 16.79 -14.03
N GLY E 235 29.90 17.69 -14.23
CA GLY E 235 28.55 17.47 -13.77
C GLY E 235 28.43 17.81 -12.29
N LEU E 236 29.39 18.57 -11.77
CA LEU E 236 29.39 18.93 -10.36
C LEU E 236 28.09 19.59 -9.93
N GLY E 237 27.79 19.51 -8.64
CA GLY E 237 26.60 20.12 -8.09
C GLY E 237 25.34 19.27 -8.21
N GLY E 238 24.91 18.71 -7.08
CA GLY E 238 23.71 17.89 -7.08
C GLY E 238 22.44 18.70 -6.98
N CYS E 239 21.34 18.01 -6.64
CA CYS E 239 20.05 18.66 -6.50
C CYS E 239 19.55 18.54 -5.06
N PRO E 240 19.30 19.69 -4.40
CA PRO E 240 18.82 19.71 -3.02
C PRO E 240 17.43 19.09 -2.85
N TYR E 241 16.63 19.12 -3.92
CA TYR E 241 15.27 18.58 -3.87
C TYR E 241 15.15 17.17 -4.44
N ALA E 242 16.28 16.54 -4.74
CA ALA E 242 16.26 15.18 -5.29
C ALA E 242 17.41 14.34 -4.77
N GLN E 243 17.16 13.66 -3.64
CA GLN E 243 18.12 12.79 -2.97
C GLN E 243 19.27 12.32 -3.86
N GLY E 244 20.49 12.67 -3.47
CA GLY E 244 21.69 12.29 -4.22
C GLY E 244 21.56 11.94 -5.70
N ALA E 245 20.81 12.75 -6.45
CA ALA E 245 20.63 12.51 -7.88
C ALA E 245 21.43 13.55 -8.66
N SER E 246 21.60 13.32 -9.96
CA SER E 246 22.35 14.25 -10.79
C SER E 246 21.92 15.71 -10.61
N GLY E 247 22.85 16.62 -10.86
CA GLY E 247 22.57 18.03 -10.75
C GLY E 247 22.78 18.76 -12.06
N ASN E 248 23.90 19.49 -12.17
CA ASN E 248 24.18 20.24 -13.38
C ASN E 248 24.53 19.41 -14.62
N LEU E 249 24.36 20.02 -15.78
CA LEU E 249 24.69 19.43 -17.07
C LEU E 249 26.21 19.40 -17.16
N ALA E 250 26.79 18.27 -17.53
CA ALA E 250 28.24 18.17 -17.64
C ALA E 250 28.74 18.94 -18.86
N THR E 251 29.67 19.87 -18.63
CA THR E 251 30.22 20.69 -19.71
C THR E 251 30.89 19.89 -20.84
N GLU E 252 31.44 18.72 -20.52
CA GLU E 252 32.09 17.90 -21.55
C GLU E 252 31.05 17.39 -22.54
N ASP E 253 29.98 16.83 -22.01
CA ASP E 253 28.92 16.29 -22.85
C ASP E 253 28.34 17.38 -23.75
N LEU E 254 28.27 18.60 -23.23
CA LEU E 254 27.77 19.72 -23.99
C LEU E 254 28.74 20.11 -25.10
N VAL E 255 30.01 20.21 -24.76
CA VAL E 255 30.98 20.60 -25.77
C VAL E 255 31.02 19.52 -26.85
N TYR E 256 30.83 18.27 -26.44
CA TYR E 256 30.84 17.17 -27.41
C TYR E 256 29.74 17.42 -28.45
N MET E 257 28.52 17.60 -27.98
CA MET E 257 27.40 17.84 -28.89
C MET E 257 27.61 19.06 -29.77
N LEU E 258 28.14 20.12 -29.19
CA LEU E 258 28.35 21.36 -29.95
C LEU E 258 29.38 21.21 -31.06
N GLU E 259 30.41 20.42 -30.81
CA GLU E 259 31.43 20.20 -31.83
C GLU E 259 30.79 19.43 -32.97
N GLY E 260 30.09 18.35 -32.63
CA GLY E 260 29.43 17.56 -33.66
C GLY E 260 28.56 18.43 -34.54
N LEU E 261 27.91 19.44 -33.96
CA LEU E 261 27.04 20.35 -34.70
C LEU E 261 27.81 21.42 -35.47
N GLY E 262 29.13 21.43 -35.29
CA GLY E 262 29.95 22.43 -35.98
C GLY E 262 29.73 23.81 -35.39
N ILE E 263 29.45 23.86 -34.09
CA ILE E 263 29.24 25.13 -33.40
C ILE E 263 30.51 25.54 -32.63
N HIS E 264 31.00 26.74 -32.90
CA HIS E 264 32.21 27.19 -32.22
C HIS E 264 31.94 27.35 -30.72
N THR E 265 32.94 26.97 -29.93
CA THR E 265 32.87 27.06 -28.48
C THR E 265 34.21 27.58 -27.98
N GLY E 266 35.26 27.37 -28.78
CA GLY E 266 36.59 27.81 -28.42
C GLY E 266 37.12 27.12 -27.18
N VAL E 267 36.64 25.91 -26.93
CA VAL E 267 37.06 25.16 -25.76
C VAL E 267 37.83 23.91 -26.18
N ASN E 268 38.85 23.56 -25.39
CA ASN E 268 39.62 22.36 -25.68
C ASN E 268 39.12 21.23 -24.79
N LEU E 269 38.39 20.31 -25.39
CA LEU E 269 37.80 19.18 -24.67
C LEU E 269 38.77 18.40 -23.80
N GLN E 270 39.94 18.09 -24.35
CA GLN E 270 40.97 17.34 -23.63
C GLN E 270 41.34 18.02 -22.33
N LYS E 271 41.59 19.32 -22.39
CA LYS E 271 41.95 20.05 -21.19
C LYS E 271 40.79 20.21 -20.22
N LEU E 272 39.57 20.29 -20.75
CA LEU E 272 38.38 20.41 -19.90
C LEU E 272 38.30 19.14 -19.06
N LEU E 273 38.47 18.00 -19.74
CA LEU E 273 38.45 16.70 -19.10
C LEU E 273 39.47 16.60 -17.97
N GLU E 274 40.67 17.13 -18.22
CA GLU E 274 41.73 17.12 -17.23
C GLU E 274 41.26 17.90 -16.01
N ALA E 275 40.65 19.04 -16.26
CA ALA E 275 40.16 19.88 -15.17
C ALA E 275 39.14 19.08 -14.36
N GLY E 276 38.21 18.45 -15.07
CA GLY E 276 37.18 17.66 -14.42
C GLY E 276 37.79 16.59 -13.52
N ASN E 277 38.65 15.77 -14.10
CA ASN E 277 39.29 14.71 -13.33
C ASN E 277 39.96 15.28 -12.08
N PHE E 278 40.70 16.37 -12.25
CA PHE E 278 41.37 16.99 -11.12
C PHE E 278 40.40 17.30 -9.99
N ILE E 279 39.33 18.02 -10.30
CA ILE E 279 38.37 18.40 -9.27
C ILE E 279 37.66 17.21 -8.65
N CYS E 280 37.36 16.20 -9.45
CA CYS E 280 36.66 15.01 -8.95
C CYS E 280 37.49 14.26 -7.92
N GLN E 281 38.75 14.00 -8.25
CA GLN E 281 39.61 13.29 -7.34
C GLN E 281 39.79 14.08 -6.05
N ALA E 282 39.89 15.40 -6.16
CA ALA E 282 40.06 16.25 -4.98
C ALA E 282 38.80 16.25 -4.12
N LEU E 283 37.71 15.71 -4.67
CA LEU E 283 36.42 15.65 -3.99
C LEU E 283 36.06 14.21 -3.61
N ASN E 284 36.81 13.26 -4.16
CA ASN E 284 36.58 11.83 -3.91
C ASN E 284 35.22 11.47 -4.47
N ARG E 285 35.08 11.61 -5.78
CA ARG E 285 33.83 11.31 -6.46
C ARG E 285 34.07 11.02 -7.94
N LYS E 286 33.20 10.19 -8.52
CA LYS E 286 33.32 9.84 -9.93
C LYS E 286 32.69 10.98 -10.74
N THR E 287 33.21 11.20 -11.95
CA THR E 287 32.71 12.25 -12.82
C THR E 287 31.33 11.86 -13.34
N SER E 288 30.47 12.86 -13.56
CA SER E 288 29.12 12.62 -14.07
C SER E 288 29.11 12.75 -15.59
N SER E 289 30.18 13.30 -16.15
CA SER E 289 30.29 13.46 -17.60
C SER E 289 30.33 12.10 -18.29
N LYS E 290 29.38 11.86 -19.20
CA LYS E 290 29.31 10.59 -19.92
C LYS E 290 30.46 10.47 -20.90
N VAL E 291 30.93 11.60 -21.41
CA VAL E 291 32.04 11.63 -22.37
C VAL E 291 33.32 11.27 -21.65
N ALA E 292 33.47 11.79 -20.44
CA ALA E 292 34.66 11.54 -19.64
C ALA E 292 34.80 10.06 -19.32
N GLN E 293 33.67 9.35 -19.31
CA GLN E 293 33.67 7.93 -19.01
C GLN E 293 34.00 7.11 -20.25
N ALA E 294 33.48 7.54 -21.39
CA ALA E 294 33.75 6.84 -22.64
C ALA E 294 35.20 7.07 -23.07
N THR E 295 35.80 8.15 -22.56
CA THR E 295 37.17 8.51 -22.90
C THR E 295 38.23 7.75 -22.10
N CYS E 296 38.09 7.73 -20.77
CA CYS E 296 39.03 7.02 -19.92
C CYS E 296 38.59 7.03 -18.45
N THR F 1 5.96 17.44 -38.26
CA THR F 1 6.70 17.70 -37.00
C THR F 1 6.45 16.57 -35.99
N LEU F 2 6.48 16.89 -34.70
CA LEU F 2 6.27 15.89 -33.64
C LEU F 2 5.02 15.02 -33.78
N PRO F 3 5.19 13.69 -33.67
CA PRO F 3 4.09 12.72 -33.77
C PRO F 3 3.19 12.76 -32.53
N LYS F 4 1.93 12.34 -32.68
CA LYS F 4 0.97 12.33 -31.58
C LYS F 4 1.23 11.20 -30.61
N ARG F 5 1.67 10.07 -31.14
CA ARG F 5 2.00 8.92 -30.32
C ARG F 5 3.25 8.23 -30.83
N VAL F 6 3.98 7.63 -29.90
CA VAL F 6 5.22 6.95 -30.25
C VAL F 6 5.22 5.53 -29.72
N LYS F 7 5.72 4.61 -30.52
CA LYS F 7 5.80 3.21 -30.13
C LYS F 7 7.20 2.94 -29.61
N ILE F 8 7.32 2.75 -28.30
CA ILE F 8 8.61 2.47 -27.70
C ILE F 8 8.93 0.98 -27.84
N VAL F 9 10.08 0.68 -28.42
CA VAL F 9 10.49 -0.72 -28.58
C VAL F 9 11.52 -1.01 -27.49
N GLU F 10 11.11 -1.74 -26.47
CA GLU F 10 11.97 -2.10 -25.33
C GLU F 10 12.99 -3.16 -25.67
N VAL F 11 14.27 -2.84 -25.50
CA VAL F 11 15.35 -3.77 -25.82
C VAL F 11 16.23 -4.11 -24.62
N GLY F 12 15.70 -3.92 -23.42
CA GLY F 12 16.46 -4.20 -22.22
C GLY F 12 16.84 -5.67 -22.03
N PRO F 13 15.88 -6.60 -22.16
CA PRO F 13 16.16 -8.03 -21.98
C PRO F 13 17.15 -8.63 -22.99
N MET F 14 17.15 -8.11 -24.20
CA MET F 14 18.04 -8.61 -25.24
C MET F 14 19.31 -7.78 -25.35
N ASP F 15 19.23 -6.69 -26.12
CA ASP F 15 20.37 -5.80 -26.35
C ASP F 15 21.00 -5.31 -25.04
N GLY F 16 20.21 -5.21 -23.98
CA GLY F 16 20.74 -4.75 -22.72
C GLY F 16 21.55 -5.80 -21.98
N LEU F 17 20.90 -6.91 -21.63
CA LEU F 17 21.55 -8.00 -20.91
C LEU F 17 22.73 -8.64 -21.62
N GLN F 18 22.59 -8.85 -22.93
CA GLN F 18 23.65 -9.45 -23.73
C GLN F 18 24.95 -8.65 -23.63
N ASN F 19 24.83 -7.37 -23.26
CA ASN F 19 25.99 -6.49 -23.14
C ASN F 19 26.25 -6.03 -21.72
N GLU F 20 25.84 -6.83 -20.74
CA GLU F 20 26.06 -6.46 -19.35
C GLU F 20 27.11 -7.39 -18.73
N LYS F 21 27.79 -6.89 -17.70
CA LYS F 21 28.84 -7.64 -17.01
C LYS F 21 28.50 -9.11 -16.74
N ASN F 22 27.71 -9.35 -15.68
CA ASN F 22 27.32 -10.71 -15.32
C ASN F 22 26.07 -11.11 -16.10
N ILE F 23 25.56 -12.30 -15.80
CA ILE F 23 24.35 -12.79 -16.44
C ILE F 23 23.30 -13.09 -15.37
N VAL F 24 22.04 -13.13 -15.77
CA VAL F 24 20.97 -13.42 -14.82
C VAL F 24 20.34 -14.78 -15.12
N SER F 25 19.87 -15.43 -14.06
CA SER F 25 19.24 -16.73 -14.19
C SER F 25 18.07 -16.61 -15.15
N THR F 26 17.53 -17.74 -15.58
CA THR F 26 16.40 -17.73 -16.50
C THR F 26 15.15 -17.13 -15.87
N PRO F 27 14.79 -17.58 -14.65
CA PRO F 27 13.59 -17.01 -14.02
C PRO F 27 13.68 -15.49 -13.89
N VAL F 28 14.89 -15.00 -13.60
CA VAL F 28 15.10 -13.57 -13.47
C VAL F 28 14.74 -12.89 -14.80
N LYS F 29 15.20 -13.45 -15.91
CA LYS F 29 14.91 -12.87 -17.23
C LYS F 29 13.41 -12.86 -17.51
N ILE F 30 12.75 -13.98 -17.23
CA ILE F 30 11.32 -14.11 -17.47
C ILE F 30 10.49 -13.11 -16.67
N LYS F 31 10.84 -12.90 -15.40
CA LYS F 31 10.11 -11.97 -14.55
C LYS F 31 10.26 -10.54 -15.05
N LEU F 32 11.44 -10.21 -15.57
CA LEU F 32 11.70 -8.87 -16.10
C LEU F 32 10.75 -8.57 -17.26
N ILE F 33 10.70 -9.48 -18.23
CA ILE F 33 9.86 -9.33 -19.41
C ILE F 33 8.38 -9.24 -19.06
N ASP F 34 7.93 -10.02 -18.08
CA ASP F 34 6.54 -9.98 -17.66
C ASP F 34 6.30 -8.62 -17.01
N MET F 35 7.27 -8.18 -16.21
CA MET F 35 7.16 -6.90 -15.54
C MET F 35 7.13 -5.78 -16.58
N LEU F 36 7.83 -5.99 -17.70
CA LEU F 36 7.85 -4.99 -18.76
C LEU F 36 6.52 -5.08 -19.52
N SER F 37 6.00 -6.29 -19.65
CA SER F 37 4.73 -6.49 -20.32
C SER F 37 3.68 -5.82 -19.45
N GLU F 38 3.88 -5.93 -18.14
CA GLU F 38 2.98 -5.38 -17.15
C GLU F 38 3.01 -3.85 -17.14
N ALA F 39 4.08 -3.29 -17.69
CA ALA F 39 4.23 -1.84 -17.72
C ALA F 39 3.55 -1.17 -18.91
N GLY F 40 3.01 -1.98 -19.80
CA GLY F 40 2.32 -1.43 -20.97
C GLY F 40 3.08 -1.40 -22.28
N LEU F 41 4.36 -1.77 -22.27
CA LEU F 41 5.15 -1.78 -23.51
C LEU F 41 4.44 -2.61 -24.55
N SER F 42 4.36 -2.11 -25.78
CA SER F 42 3.68 -2.84 -26.86
C SER F 42 4.63 -3.74 -27.63
N VAL F 43 5.92 -3.60 -27.38
CA VAL F 43 6.91 -4.42 -28.07
C VAL F 43 8.17 -4.55 -27.22
N ILE F 44 8.51 -5.78 -26.88
CA ILE F 44 9.66 -6.04 -26.04
C ILE F 44 10.56 -7.04 -26.74
N GLU F 45 11.77 -6.61 -27.07
CA GLU F 45 12.74 -7.49 -27.72
C GLU F 45 13.11 -8.52 -26.65
N THR F 46 12.46 -9.67 -26.73
CA THR F 46 12.66 -10.74 -25.76
C THR F 46 14.05 -11.36 -25.69
N THR F 47 14.48 -12.01 -26.77
CA THR F 47 15.80 -12.64 -26.76
C THR F 47 16.34 -12.91 -28.16
N SER F 48 17.67 -13.09 -28.23
CA SER F 48 18.34 -13.36 -29.50
C SER F 48 18.75 -14.82 -29.56
N PHE F 49 18.36 -15.48 -30.66
CA PHE F 49 18.70 -16.87 -30.87
C PHE F 49 20.10 -16.98 -31.45
N VAL F 50 21.06 -16.54 -30.66
CA VAL F 50 22.47 -16.55 -31.05
C VAL F 50 23.18 -17.71 -30.35
N SER F 51 24.14 -18.30 -31.05
CA SER F 51 24.91 -19.42 -30.51
C SER F 51 25.41 -19.15 -29.09
N PRO F 52 25.03 -20.03 -28.15
CA PRO F 52 25.42 -19.93 -26.74
C PRO F 52 26.93 -19.76 -26.55
N LYS F 53 27.71 -20.08 -27.57
CA LYS F 53 29.16 -19.94 -27.50
C LYS F 53 29.56 -18.48 -27.68
N TRP F 54 28.97 -17.83 -28.67
CA TRP F 54 29.26 -16.42 -28.96
C TRP F 54 29.01 -15.58 -27.70
N VAL F 55 27.75 -15.57 -27.27
CA VAL F 55 27.34 -14.83 -26.10
C VAL F 55 26.51 -15.71 -25.17
N PRO F 56 27.05 -16.02 -23.98
CA PRO F 56 26.39 -16.87 -22.97
C PRO F 56 25.18 -16.23 -22.30
N GLN F 57 25.24 -14.92 -22.07
CA GLN F 57 24.13 -14.21 -21.44
C GLN F 57 22.80 -14.56 -22.09
N MET F 58 22.79 -14.62 -23.42
CA MET F 58 21.60 -14.92 -24.18
C MET F 58 21.42 -16.41 -24.43
N GLY F 59 22.23 -17.23 -23.74
CA GLY F 59 22.16 -18.68 -23.92
C GLY F 59 20.79 -19.34 -23.84
N ASP F 60 20.11 -19.16 -22.71
CA ASP F 60 18.79 -19.74 -22.49
C ASP F 60 17.69 -19.05 -23.28
N HIS F 61 17.99 -18.67 -24.52
CA HIS F 61 17.01 -17.97 -25.34
C HIS F 61 15.76 -18.74 -25.78
N THR F 62 15.71 -20.05 -25.52
CA THR F 62 14.54 -20.82 -25.90
C THR F 62 13.52 -20.91 -24.75
N GLU F 63 13.99 -21.34 -23.60
CA GLU F 63 13.12 -21.47 -22.44
C GLU F 63 12.56 -20.11 -22.04
N VAL F 64 13.25 -19.04 -22.43
CA VAL F 64 12.81 -17.69 -22.12
C VAL F 64 11.65 -17.27 -23.02
N LEU F 65 11.82 -17.40 -24.34
CA LEU F 65 10.74 -17.04 -25.26
C LEU F 65 9.52 -17.89 -24.95
N LYS F 66 9.76 -19.11 -24.49
CA LYS F 66 8.68 -20.03 -24.16
C LYS F 66 8.13 -19.75 -22.76
N GLY F 67 9.02 -19.43 -21.83
CA GLY F 67 8.63 -19.18 -20.46
C GLY F 67 7.94 -17.86 -20.12
N ILE F 68 8.01 -16.88 -21.02
CA ILE F 68 7.39 -15.59 -20.74
C ILE F 68 5.92 -15.53 -21.12
N GLN F 69 5.13 -14.82 -20.32
CA GLN F 69 3.72 -14.67 -20.59
C GLN F 69 3.59 -13.90 -21.89
N LYS F 70 2.65 -14.30 -22.74
CA LYS F 70 2.44 -13.62 -24.01
C LYS F 70 1.19 -12.75 -23.93
N PHE F 71 1.34 -11.59 -23.29
CA PHE F 71 0.23 -10.65 -23.15
C PHE F 71 -0.39 -10.30 -24.49
N PRO F 72 -1.73 -10.34 -24.56
CA PRO F 72 -2.49 -10.02 -25.78
C PRO F 72 -2.30 -8.57 -26.19
N GLY F 73 -1.82 -8.37 -27.40
CA GLY F 73 -1.61 -7.01 -27.89
C GLY F 73 -0.18 -6.53 -27.68
N ILE F 74 0.71 -7.47 -27.41
CA ILE F 74 2.11 -7.15 -27.19
C ILE F 74 3.01 -8.05 -28.02
N ASN F 75 3.88 -7.44 -28.82
CA ASN F 75 4.80 -8.19 -29.66
C ASN F 75 6.09 -8.48 -28.90
N TYR F 76 6.64 -9.67 -29.09
CA TYR F 76 7.87 -10.06 -28.41
C TYR F 76 8.87 -10.54 -29.45
N PRO F 77 9.27 -9.66 -30.37
CA PRO F 77 10.23 -10.02 -31.42
C PRO F 77 11.55 -10.56 -30.89
N VAL F 78 12.22 -11.37 -31.71
CA VAL F 78 13.49 -11.97 -31.33
C VAL F 78 14.55 -11.80 -32.43
N LEU F 79 15.81 -11.71 -32.02
CA LEU F 79 16.90 -11.55 -32.96
C LEU F 79 17.34 -12.89 -33.51
N THR F 80 17.31 -13.03 -34.84
CA THR F 80 17.71 -14.27 -35.50
C THR F 80 18.81 -14.02 -36.53
N PRO F 81 20.07 -14.28 -36.17
CA PRO F 81 21.22 -14.09 -37.07
C PRO F 81 21.18 -14.89 -38.37
N ASN F 82 21.10 -16.21 -38.25
CA ASN F 82 21.07 -17.08 -39.42
C ASN F 82 19.74 -17.79 -39.61
N LEU F 83 19.74 -18.78 -40.50
CA LEU F 83 18.55 -19.56 -40.81
C LEU F 83 18.22 -20.53 -39.67
N LYS F 84 19.26 -21.02 -38.99
CA LYS F 84 19.06 -21.94 -37.87
C LYS F 84 18.35 -21.25 -36.71
N GLY F 85 18.84 -20.08 -36.34
CA GLY F 85 18.23 -19.33 -35.25
C GLY F 85 16.79 -19.00 -35.62
N PHE F 86 16.52 -18.93 -36.91
CA PHE F 86 15.19 -18.63 -37.41
C PHE F 86 14.26 -19.80 -37.07
N GLU F 87 14.59 -20.99 -37.57
CA GLU F 87 13.76 -22.15 -37.30
C GLU F 87 13.63 -22.40 -35.80
N ALA F 88 14.67 -22.07 -35.04
CA ALA F 88 14.67 -22.26 -33.59
C ALA F 88 13.76 -21.26 -32.88
N ALA F 89 13.44 -20.16 -33.55
CA ALA F 89 12.57 -19.14 -32.98
C ALA F 89 11.14 -19.50 -33.31
N VAL F 90 10.92 -19.93 -34.55
CA VAL F 90 9.59 -20.34 -35.00
C VAL F 90 9.24 -21.55 -34.15
N ALA F 91 10.27 -22.29 -33.78
CA ALA F 91 10.13 -23.49 -32.96
C ALA F 91 10.01 -23.12 -31.49
N ALA F 92 10.35 -21.89 -31.16
CA ALA F 92 10.27 -21.41 -29.79
C ALA F 92 9.02 -20.55 -29.61
N GLY F 93 8.20 -20.50 -30.67
CA GLY F 93 6.98 -19.73 -30.61
C GLY F 93 7.05 -18.32 -31.16
N ALA F 94 8.23 -17.92 -31.63
CA ALA F 94 8.42 -16.58 -32.17
C ALA F 94 7.42 -16.25 -33.29
N LYS F 95 6.91 -15.02 -33.27
CA LYS F 95 5.95 -14.56 -34.27
C LYS F 95 6.55 -13.45 -35.13
N GLU F 96 7.61 -12.83 -34.62
CA GLU F 96 8.31 -11.77 -35.34
C GLU F 96 9.81 -11.93 -35.14
N VAL F 97 10.58 -11.71 -36.20
CA VAL F 97 12.03 -11.86 -36.13
C VAL F 97 12.71 -10.55 -36.52
N VAL F 98 13.92 -10.35 -36.00
CA VAL F 98 14.67 -9.12 -36.29
C VAL F 98 16.04 -9.42 -36.91
N ILE F 99 16.26 -8.92 -38.12
CA ILE F 99 17.54 -9.12 -38.77
C ILE F 99 18.34 -7.83 -38.57
N PHE F 100 19.65 -7.99 -38.45
CA PHE F 100 20.52 -6.85 -38.20
C PHE F 100 21.61 -6.68 -39.26
N GLY F 101 21.59 -5.53 -39.93
CA GLY F 101 22.58 -5.23 -40.95
C GLY F 101 23.52 -4.14 -40.47
N ALA F 102 24.27 -3.55 -41.40
CA ALA F 102 25.23 -2.49 -41.08
C ALA F 102 25.51 -1.64 -42.31
N ALA F 103 25.63 -0.33 -42.10
CA ALA F 103 25.91 0.60 -43.18
C ALA F 103 27.42 0.75 -43.38
N SER F 104 28.19 0.03 -42.56
CA SER F 104 29.63 0.06 -42.62
C SER F 104 30.23 -1.29 -42.98
N GLU F 105 30.96 -1.33 -44.09
CA GLU F 105 31.62 -2.56 -44.56
C GLU F 105 32.55 -3.16 -43.50
N LEU F 106 33.37 -2.30 -42.89
CA LEU F 106 34.32 -2.71 -41.86
C LEU F 106 33.63 -3.33 -40.65
N PHE F 107 32.58 -2.69 -40.18
CA PHE F 107 31.83 -3.17 -39.03
C PHE F 107 31.18 -4.51 -39.35
N THR F 108 30.65 -4.64 -40.56
CA THR F 108 30.00 -5.87 -40.98
C THR F 108 30.96 -7.05 -40.94
N LYS F 109 32.20 -6.82 -41.39
CA LYS F 109 33.22 -7.86 -41.40
C LYS F 109 33.53 -8.41 -40.00
N LYS F 110 33.89 -7.52 -39.08
CA LYS F 110 34.19 -7.94 -37.72
C LYS F 110 32.92 -8.11 -36.90
N CYS F 114 29.81 -12.23 -44.56
CA CYS F 114 30.33 -11.15 -43.68
C CYS F 114 30.71 -9.91 -44.48
N SER F 115 29.83 -9.55 -45.43
CA SER F 115 30.01 -8.40 -46.29
C SER F 115 28.63 -7.74 -46.44
N ILE F 116 28.61 -6.44 -46.71
CA ILE F 116 27.33 -5.73 -46.86
C ILE F 116 26.48 -6.35 -47.97
N GLU F 117 27.15 -6.96 -48.94
CA GLU F 117 26.46 -7.59 -50.07
C GLU F 117 26.11 -9.02 -49.76
N GLU F 118 27.10 -9.76 -49.24
CA GLU F 118 26.93 -11.16 -48.88
C GLU F 118 25.89 -11.30 -47.77
N SER F 119 25.84 -10.30 -46.88
CA SER F 119 24.89 -10.30 -45.76
C SER F 119 23.46 -10.39 -46.26
N PHE F 120 23.14 -9.59 -47.27
CA PHE F 120 21.79 -9.56 -47.84
C PHE F 120 21.38 -10.90 -48.43
N GLN F 121 22.33 -11.83 -48.51
CA GLN F 121 22.05 -13.17 -49.02
C GLN F 121 21.46 -14.03 -47.91
N ARG F 122 22.21 -14.15 -46.82
CA ARG F 122 21.79 -14.93 -45.66
C ARG F 122 20.63 -14.25 -44.95
N PHE F 123 20.13 -13.17 -45.56
CA PHE F 123 19.01 -12.42 -45.01
C PHE F 123 17.75 -12.65 -45.83
N ASP F 124 17.91 -12.71 -47.15
CA ASP F 124 16.77 -12.96 -48.03
C ASP F 124 16.37 -14.41 -47.82
N ALA F 125 17.34 -15.23 -47.43
CA ALA F 125 17.11 -16.65 -47.16
C ALA F 125 16.22 -16.76 -45.94
N ILE F 126 16.49 -15.90 -44.95
CA ILE F 126 15.73 -15.85 -43.71
C ILE F 126 14.42 -15.12 -43.98
N LEU F 127 14.49 -14.08 -44.80
CA LEU F 127 13.32 -13.30 -45.16
C LEU F 127 12.31 -14.18 -45.88
N LYS F 128 12.79 -14.96 -46.84
CA LYS F 128 11.95 -15.86 -47.61
C LYS F 128 11.25 -16.86 -46.69
N ALA F 129 12.02 -17.44 -45.78
CA ALA F 129 11.47 -18.42 -44.83
C ALA F 129 10.34 -17.79 -44.00
N ALA F 130 10.61 -16.61 -43.45
CA ALA F 130 9.63 -15.89 -42.64
C ALA F 130 8.37 -15.62 -43.45
N GLN F 131 8.54 -15.19 -44.70
CA GLN F 131 7.43 -14.90 -45.58
C GLN F 131 6.57 -16.15 -45.78
N SER F 132 7.13 -17.29 -45.39
CA SER F 132 6.42 -18.56 -45.51
C SER F 132 5.61 -18.79 -44.25
N ALA F 133 6.29 -18.78 -43.11
CA ALA F 133 5.65 -18.98 -41.80
C ALA F 133 4.79 -17.78 -41.41
N ASN F 134 4.57 -16.88 -42.36
CA ASN F 134 3.77 -15.68 -42.14
C ASN F 134 4.37 -14.82 -41.03
N ILE F 135 5.67 -15.00 -40.78
CA ILE F 135 6.37 -14.24 -39.74
C ILE F 135 6.93 -12.92 -40.28
N SER F 136 6.48 -11.80 -39.71
CA SER F 136 6.96 -10.49 -40.15
C SER F 136 8.42 -10.26 -39.71
N VAL F 137 9.13 -9.47 -40.49
CA VAL F 137 10.54 -9.20 -40.21
C VAL F 137 10.88 -7.72 -40.02
N ARG F 138 11.68 -7.44 -39.00
CA ARG F 138 12.10 -6.07 -38.75
C ARG F 138 13.61 -5.99 -39.01
N GLY F 139 14.02 -4.91 -39.67
CA GLY F 139 15.42 -4.73 -40.00
C GLY F 139 16.10 -3.68 -39.14
N TYR F 140 17.35 -3.95 -38.78
CA TYR F 140 18.12 -3.02 -37.96
C TYR F 140 19.46 -2.75 -38.63
N VAL F 141 19.80 -1.47 -38.77
CA VAL F 141 21.04 -1.07 -39.41
C VAL F 141 21.98 -0.35 -38.42
N SER F 142 23.12 -0.97 -38.13
CA SER F 142 24.11 -0.41 -37.21
C SER F 142 24.94 0.71 -37.84
N CYS F 143 25.60 1.49 -36.99
CA CYS F 143 26.47 2.60 -37.41
C CYS F 143 25.75 3.67 -38.22
N ALA F 144 24.43 3.75 -38.09
CA ALA F 144 23.65 4.75 -38.82
C ALA F 144 24.16 6.17 -38.56
N LEU F 145 24.74 6.38 -37.39
CA LEU F 145 25.27 7.69 -37.03
C LEU F 145 26.77 7.71 -36.84
N GLY F 146 27.48 6.76 -37.47
CA GLY F 146 28.91 6.70 -37.34
C GLY F 146 29.41 5.30 -37.08
N CYS F 147 30.64 5.01 -37.50
CA CYS F 147 31.24 3.70 -37.33
C CYS F 147 32.54 3.75 -36.53
N PRO F 148 32.78 2.75 -35.67
CA PRO F 148 33.98 2.69 -34.84
C PRO F 148 35.27 2.45 -35.64
N TYR F 149 35.12 1.83 -36.81
CA TYR F 149 36.26 1.52 -37.67
C TYR F 149 36.41 2.54 -38.80
N GLU F 150 35.48 2.50 -39.75
CA GLU F 150 35.50 3.40 -40.90
C GLU F 150 35.29 4.88 -40.57
N GLY F 151 34.72 5.16 -39.40
CA GLY F 151 34.46 6.54 -39.04
C GLY F 151 33.21 6.98 -39.78
N LYS F 152 32.88 8.25 -39.67
CA LYS F 152 31.70 8.81 -40.33
C LYS F 152 31.17 8.00 -41.52
N ILE F 153 29.88 7.73 -41.52
CA ILE F 153 29.22 6.99 -42.60
C ILE F 153 28.31 7.95 -43.36
N SER F 154 28.24 7.80 -44.67
CA SER F 154 27.41 8.68 -45.50
C SER F 154 25.91 8.43 -45.37
N PRO F 155 25.12 9.52 -45.28
CA PRO F 155 23.65 9.43 -45.15
C PRO F 155 23.06 8.60 -46.30
N ALA F 156 23.66 8.76 -47.47
CA ALA F 156 23.20 8.05 -48.65
C ALA F 156 23.42 6.54 -48.48
N LYS F 157 24.48 6.17 -47.75
CA LYS F 157 24.76 4.75 -47.55
C LYS F 157 23.77 4.12 -46.58
N VAL F 158 23.40 4.85 -45.53
CA VAL F 158 22.43 4.33 -44.57
C VAL F 158 21.10 4.16 -45.30
N ALA F 159 20.78 5.11 -46.17
CA ALA F 159 19.54 5.09 -46.93
C ALA F 159 19.47 3.96 -47.96
N GLU F 160 20.63 3.54 -48.46
CA GLU F 160 20.66 2.46 -49.44
C GLU F 160 20.41 1.13 -48.73
N VAL F 161 21.20 0.86 -47.69
CA VAL F 161 21.02 -0.37 -46.91
C VAL F 161 19.62 -0.44 -46.28
N THR F 162 19.04 0.71 -45.96
CA THR F 162 17.70 0.76 -45.37
C THR F 162 16.63 0.41 -46.41
N LYS F 163 16.68 1.06 -47.56
CA LYS F 163 15.72 0.81 -48.63
C LYS F 163 15.86 -0.63 -49.10
N LYS F 164 17.06 -1.19 -48.92
CA LYS F 164 17.34 -2.57 -49.31
C LYS F 164 16.53 -3.53 -48.41
N PHE F 165 16.72 -3.38 -47.10
CA PHE F 165 16.01 -4.20 -46.13
C PHE F 165 14.50 -3.99 -46.29
N TYR F 166 14.11 -2.76 -46.57
CA TYR F 166 12.70 -2.42 -46.73
C TYR F 166 12.03 -3.07 -47.93
N SER F 167 12.68 -3.03 -49.08
CA SER F 167 12.10 -3.62 -50.28
C SER F 167 12.18 -5.16 -50.24
N MET F 168 13.14 -5.69 -49.50
CA MET F 168 13.29 -7.14 -49.39
C MET F 168 12.12 -7.78 -48.66
N GLY F 169 11.75 -7.23 -47.51
CA GLY F 169 10.65 -7.79 -46.75
C GLY F 169 10.30 -7.09 -45.45
N CYS F 170 11.32 -6.63 -44.73
CA CYS F 170 11.12 -5.95 -43.44
C CYS F 170 10.05 -4.86 -43.49
N TYR F 171 9.11 -4.91 -42.54
CA TYR F 171 8.02 -3.94 -42.47
C TYR F 171 8.48 -2.68 -41.72
N GLU F 172 9.55 -2.82 -40.95
CA GLU F 172 10.08 -1.71 -40.16
C GLU F 172 11.60 -1.82 -40.07
N ILE F 173 12.28 -0.67 -40.10
CA ILE F 173 13.73 -0.66 -40.02
C ILE F 173 14.19 0.29 -38.92
N SER F 174 14.97 -0.24 -38.00
CA SER F 174 15.49 0.56 -36.89
C SER F 174 16.93 0.94 -37.22
N LEU F 175 17.20 2.24 -37.23
CA LEU F 175 18.53 2.73 -37.52
C LEU F 175 19.20 3.01 -36.18
N GLY F 176 20.39 2.46 -35.98
CA GLY F 176 21.02 2.67 -34.70
C GLY F 176 22.37 3.37 -34.68
N ASP F 177 22.57 4.15 -33.62
CA ASP F 177 23.83 4.85 -33.36
C ASP F 177 24.42 3.92 -32.32
N THR F 178 24.90 2.78 -32.80
CA THR F 178 25.49 1.76 -31.94
C THR F 178 26.59 2.27 -31.03
N ILE F 179 27.38 3.24 -31.50
CA ILE F 179 28.47 3.79 -30.69
C ILE F 179 28.09 5.11 -30.03
N GLY F 180 26.82 5.50 -30.20
CA GLY F 180 26.31 6.72 -29.62
C GLY F 180 27.17 7.96 -29.77
N VAL F 181 27.89 8.07 -30.88
CA VAL F 181 28.75 9.24 -31.11
C VAL F 181 28.02 10.30 -31.92
N GLY F 182 26.83 9.97 -32.40
CA GLY F 182 26.08 10.90 -33.20
C GLY F 182 25.63 12.18 -32.52
N THR F 183 25.44 13.22 -33.31
CA THR F 183 24.97 14.50 -32.80
C THR F 183 23.74 14.88 -33.63
N PRO F 184 22.86 15.74 -33.09
CA PRO F 184 21.64 16.17 -33.77
C PRO F 184 21.71 16.38 -35.27
N GLY F 185 22.74 17.08 -35.74
CA GLY F 185 22.88 17.32 -37.17
C GLY F 185 23.07 16.04 -37.97
N ILE F 186 23.91 15.14 -37.48
CA ILE F 186 24.17 13.87 -38.17
C ILE F 186 22.85 13.12 -38.37
N MET F 187 22.10 12.98 -37.29
CA MET F 187 20.80 12.32 -37.28
C MET F 187 19.82 12.93 -38.28
N LYS F 188 19.74 14.25 -38.30
CA LYS F 188 18.83 14.92 -39.22
C LYS F 188 19.17 14.57 -40.66
N ASP F 189 20.43 14.74 -41.03
CA ASP F 189 20.90 14.45 -42.39
C ASP F 189 20.63 13.01 -42.80
N MET F 190 20.93 12.08 -41.88
CA MET F 190 20.73 10.66 -42.14
C MET F 190 19.27 10.32 -42.42
N LEU F 191 18.36 10.85 -41.59
CA LEU F 191 16.92 10.61 -41.76
C LEU F 191 16.37 11.23 -43.03
N SER F 192 16.79 12.46 -43.32
CA SER F 192 16.33 13.15 -44.52
C SER F 192 16.60 12.32 -45.78
N ALA F 193 17.75 11.65 -45.81
CA ALA F 193 18.14 10.81 -46.93
C ALA F 193 17.31 9.54 -47.02
N VAL F 194 17.12 8.89 -45.88
CA VAL F 194 16.35 7.65 -45.80
C VAL F 194 14.86 7.91 -46.07
N MET F 195 14.38 9.05 -45.57
CA MET F 195 12.98 9.46 -45.74
C MET F 195 12.59 9.63 -47.20
N GLN F 196 13.58 9.66 -48.09
CA GLN F 196 13.32 9.84 -49.51
C GLN F 196 12.96 8.51 -50.17
N GLU F 197 13.52 7.43 -49.66
CA GLU F 197 13.27 6.10 -50.22
C GLU F 197 12.25 5.26 -49.45
N VAL F 198 12.36 5.28 -48.12
CA VAL F 198 11.45 4.52 -47.26
C VAL F 198 10.42 5.43 -46.59
N PRO F 199 9.14 5.02 -46.60
CA PRO F 199 8.09 5.84 -45.97
C PRO F 199 8.36 6.03 -44.47
N LEU F 200 8.06 7.22 -43.98
CA LEU F 200 8.28 7.62 -42.59
C LEU F 200 7.77 6.69 -41.48
N ALA F 201 6.58 6.14 -41.66
CA ALA F 201 5.97 5.26 -40.67
C ALA F 201 6.75 3.97 -40.44
N ALA F 202 7.56 3.58 -41.42
CA ALA F 202 8.36 2.34 -41.33
C ALA F 202 9.74 2.51 -40.73
N LEU F 203 10.00 3.67 -40.12
CA LEU F 203 11.30 3.92 -39.53
C LEU F 203 11.35 4.02 -38.01
N ALA F 204 12.44 3.52 -37.43
CA ALA F 204 12.64 3.54 -35.99
C ALA F 204 14.06 4.05 -35.72
N VAL F 205 14.32 4.44 -34.48
CA VAL F 205 15.65 4.94 -34.13
C VAL F 205 16.14 4.31 -32.82
N HIS F 206 17.41 3.89 -32.82
CA HIS F 206 18.05 3.24 -31.67
C HIS F 206 19.34 3.99 -31.34
N CYS F 207 19.29 4.86 -30.33
CA CYS F 207 20.46 5.65 -29.96
C CYS F 207 21.08 5.24 -28.62
N HIS F 208 22.39 5.09 -28.60
CA HIS F 208 23.09 4.73 -27.38
C HIS F 208 23.53 6.03 -26.70
N ASP F 209 23.55 6.01 -25.37
CA ASP F 209 23.89 7.19 -24.60
C ASP F 209 25.34 7.23 -24.15
N THR F 210 26.19 6.46 -24.83
CA THR F 210 27.61 6.38 -24.50
C THR F 210 28.26 7.76 -24.37
N TYR F 211 27.77 8.73 -25.14
CA TYR F 211 28.32 10.07 -25.05
C TYR F 211 27.30 11.09 -24.56
N GLY F 212 26.24 10.57 -23.94
CA GLY F 212 25.19 11.41 -23.40
C GLY F 212 24.38 12.11 -24.49
N GLN F 213 24.43 11.57 -25.70
CA GLN F 213 23.71 12.17 -26.82
C GLN F 213 22.40 11.46 -27.17
N ALA F 214 22.22 10.25 -26.62
CA ALA F 214 21.04 9.43 -26.89
C ALA F 214 19.69 10.14 -26.96
N LEU F 215 19.29 10.79 -25.88
CA LEU F 215 17.99 11.45 -25.87
C LEU F 215 17.99 12.64 -26.81
N ALA F 216 19.11 13.35 -26.90
CA ALA F 216 19.22 14.52 -27.77
C ALA F 216 18.94 14.09 -29.21
N ASN F 217 19.63 13.05 -29.66
CA ASN F 217 19.46 12.53 -31.02
C ASN F 217 18.03 12.03 -31.29
N THR F 218 17.45 11.36 -30.30
CA THR F 218 16.10 10.83 -30.42
C THR F 218 15.08 11.94 -30.68
N LEU F 219 15.22 13.05 -29.96
CA LEU F 219 14.32 14.19 -30.10
C LEU F 219 14.42 14.72 -31.53
N MET F 220 15.63 14.73 -32.08
CA MET F 220 15.81 15.23 -33.44
C MET F 220 14.96 14.39 -34.38
N ALA F 221 15.01 13.08 -34.21
CA ALA F 221 14.25 12.16 -35.03
C ALA F 221 12.75 12.43 -34.87
N LEU F 222 12.29 12.54 -33.62
CA LEU F 222 10.87 12.81 -33.35
C LEU F 222 10.41 14.07 -34.08
N GLN F 223 11.30 15.08 -34.15
CA GLN F 223 11.00 16.33 -34.82
C GLN F 223 10.90 16.12 -36.33
N MET F 224 11.59 15.09 -36.82
CA MET F 224 11.59 14.75 -38.24
C MET F 224 10.36 13.92 -38.59
N GLY F 225 9.64 13.46 -37.58
CA GLY F 225 8.45 12.67 -37.85
C GLY F 225 8.52 11.18 -37.51
N VAL F 226 9.66 10.72 -36.99
CA VAL F 226 9.79 9.32 -36.63
C VAL F 226 8.93 9.06 -35.41
N SER F 227 8.16 7.98 -35.42
CA SER F 227 7.26 7.67 -34.31
C SER F 227 7.52 6.38 -33.56
N VAL F 228 8.67 5.76 -33.82
CA VAL F 228 9.02 4.54 -33.11
C VAL F 228 10.48 4.63 -32.70
N VAL F 229 10.76 4.35 -31.43
CA VAL F 229 12.11 4.42 -30.90
C VAL F 229 12.46 3.28 -29.93
N ASP F 230 13.71 2.85 -29.97
CA ASP F 230 14.20 1.78 -29.10
C ASP F 230 14.79 2.40 -27.84
N SER F 231 14.80 1.63 -26.76
CA SER F 231 15.34 2.08 -25.49
C SER F 231 15.40 0.89 -24.54
N SER F 232 16.29 0.97 -23.55
CA SER F 232 16.45 -0.11 -22.59
C SER F 232 15.99 0.31 -21.21
N VAL F 233 15.51 -0.65 -20.42
CA VAL F 233 15.02 -0.39 -19.07
C VAL F 233 15.89 0.56 -18.26
N ALA F 234 16.69 0.04 -17.34
CA ALA F 234 17.53 0.88 -16.51
C ALA F 234 18.80 1.30 -17.25
N GLY F 235 18.66 1.64 -18.53
CA GLY F 235 19.82 2.03 -19.31
C GLY F 235 20.82 0.89 -19.35
N LEU F 236 20.29 -0.33 -19.44
CA LEU F 236 21.12 -1.54 -19.50
C LEU F 236 21.79 -1.65 -20.85
N GLY F 237 22.98 -2.24 -20.85
CA GLY F 237 23.73 -2.41 -22.08
C GLY F 237 25.16 -1.89 -21.92
N GLY F 238 26.07 -2.46 -22.69
CA GLY F 238 27.46 -2.03 -22.60
C GLY F 238 27.96 -1.39 -23.89
N ALA F 245 31.42 3.02 -19.27
CA ALA F 245 30.56 4.01 -19.98
C ALA F 245 29.20 3.40 -20.31
N SER F 246 28.13 4.10 -19.93
CA SER F 246 26.76 3.66 -20.17
C SER F 246 26.49 3.11 -21.58
N GLY F 247 25.33 2.49 -21.75
CA GLY F 247 24.97 1.94 -23.04
C GLY F 247 23.73 2.54 -23.66
N ASN F 248 22.60 1.85 -23.53
CA ASN F 248 21.32 2.29 -24.10
C ASN F 248 20.62 3.43 -23.38
N LEU F 249 19.81 4.16 -24.14
CA LEU F 249 19.03 5.27 -23.62
C LEU F 249 18.02 4.66 -22.64
N ALA F 250 18.03 5.10 -21.39
CA ALA F 250 17.11 4.57 -20.39
C ALA F 250 15.65 4.81 -20.78
N THR F 251 14.87 3.72 -20.91
CA THR F 251 13.47 3.83 -21.29
C THR F 251 12.70 4.78 -20.37
N GLU F 252 12.91 4.66 -19.06
CA GLU F 252 12.22 5.54 -18.11
C GLU F 252 12.45 7.00 -18.45
N ASP F 253 13.71 7.34 -18.73
CA ASP F 253 14.07 8.72 -19.07
C ASP F 253 13.36 9.13 -20.36
N LEU F 254 13.23 8.19 -21.29
CA LEU F 254 12.55 8.46 -22.56
C LEU F 254 11.06 8.74 -22.35
N VAL F 255 10.38 7.91 -21.58
CA VAL F 255 8.95 8.12 -21.34
C VAL F 255 8.71 9.41 -20.57
N TYR F 256 9.65 9.79 -19.71
CA TYR F 256 9.51 11.03 -18.95
C TYR F 256 9.41 12.21 -19.94
N MET F 257 10.32 12.24 -20.90
CA MET F 257 10.31 13.30 -21.90
C MET F 257 9.03 13.24 -22.73
N LEU F 258 8.70 12.04 -23.20
CA LEU F 258 7.51 11.83 -24.01
C LEU F 258 6.23 12.26 -23.30
N GLU F 259 6.15 12.04 -22.00
CA GLU F 259 4.96 12.44 -21.24
C GLU F 259 4.88 13.95 -21.13
N GLY F 260 6.01 14.58 -20.81
CA GLY F 260 6.01 16.03 -20.68
C GLY F 260 5.68 16.64 -22.03
N LEU F 261 6.03 15.92 -23.09
CA LEU F 261 5.79 16.37 -24.46
C LEU F 261 4.33 16.17 -24.91
N GLY F 262 3.53 15.53 -24.05
CA GLY F 262 2.13 15.28 -24.37
C GLY F 262 1.93 14.19 -25.40
N ILE F 263 2.98 13.41 -25.65
CA ILE F 263 2.93 12.34 -26.62
C ILE F 263 2.53 11.04 -25.93
N HIS F 264 1.59 10.33 -26.53
CA HIS F 264 1.11 9.05 -26.00
C HIS F 264 2.11 7.92 -26.19
N THR F 265 2.33 7.13 -25.14
CA THR F 265 3.25 5.99 -25.22
C THR F 265 2.53 4.74 -24.72
N GLY F 266 1.53 4.95 -23.86
CA GLY F 266 0.76 3.86 -23.32
C GLY F 266 1.45 3.06 -22.24
N VAL F 267 2.62 3.52 -21.81
CA VAL F 267 3.39 2.84 -20.78
C VAL F 267 3.18 3.45 -19.39
N ASN F 268 3.29 2.62 -18.36
CA ASN F 268 3.15 3.11 -17.00
C ASN F 268 4.55 3.30 -16.44
N LEU F 269 4.96 4.55 -16.31
CA LEU F 269 6.29 4.87 -15.81
C LEU F 269 6.57 4.20 -14.46
N GLN F 270 5.61 4.29 -13.56
CA GLN F 270 5.79 3.70 -12.24
C GLN F 270 6.08 2.19 -12.35
N LYS F 271 5.29 1.48 -13.15
CA LYS F 271 5.50 0.05 -13.33
C LYS F 271 6.82 -0.22 -14.05
N LEU F 272 7.18 0.65 -14.99
CA LEU F 272 8.42 0.48 -15.72
C LEU F 272 9.57 0.58 -14.74
N LEU F 273 9.48 1.55 -13.82
CA LEU F 273 10.52 1.75 -12.82
C LEU F 273 10.70 0.53 -11.90
N GLU F 274 9.59 -0.12 -11.54
CA GLU F 274 9.66 -1.29 -10.69
C GLU F 274 10.39 -2.40 -11.44
N ALA F 275 10.12 -2.49 -12.74
CA ALA F 275 10.76 -3.46 -13.60
C ALA F 275 12.26 -3.17 -13.62
N GLY F 276 12.59 -1.89 -13.67
CA GLY F 276 13.99 -1.48 -13.67
C GLY F 276 14.70 -1.75 -12.36
N ASN F 277 14.03 -1.49 -11.24
CA ASN F 277 14.63 -1.75 -9.95
C ASN F 277 14.83 -3.26 -9.77
N PHE F 278 13.87 -4.03 -10.27
CA PHE F 278 13.96 -5.48 -10.15
C PHE F 278 15.26 -6.02 -10.74
N ILE F 279 15.45 -5.84 -12.04
CA ILE F 279 16.63 -6.33 -12.73
C ILE F 279 17.96 -5.73 -12.24
N CYS F 280 17.90 -4.51 -11.71
CA CYS F 280 19.11 -3.87 -11.22
C CYS F 280 19.59 -4.47 -9.91
N GLN F 281 18.68 -5.12 -9.18
CA GLN F 281 19.05 -5.75 -7.91
C GLN F 281 19.64 -7.13 -8.21
N ALA F 282 18.97 -7.87 -9.09
CA ALA F 282 19.42 -9.21 -9.49
C ALA F 282 20.80 -9.10 -10.09
N LEU F 283 20.93 -8.20 -11.05
CA LEU F 283 22.19 -7.96 -11.73
C LEU F 283 23.14 -7.19 -10.81
N ASN F 284 22.67 -6.93 -9.59
CA ASN F 284 23.42 -6.21 -8.55
C ASN F 284 24.15 -4.95 -9.03
N ARG F 285 23.51 -4.20 -9.91
CA ARG F 285 24.07 -2.96 -10.44
C ARG F 285 23.06 -1.83 -10.27
N LYS F 286 23.56 -0.61 -10.16
CA LYS F 286 22.68 0.54 -9.99
C LYS F 286 22.13 1.02 -11.34
N THR F 287 20.90 1.54 -11.32
CA THR F 287 20.28 2.03 -12.53
C THR F 287 20.97 3.26 -13.10
N SER F 288 20.95 3.37 -14.43
CA SER F 288 21.56 4.49 -15.12
C SER F 288 20.45 5.45 -15.54
N SER F 289 19.23 5.16 -15.10
CA SER F 289 18.10 6.01 -15.39
C SER F 289 18.16 7.20 -14.46
N LYS F 290 18.04 8.40 -15.00
CA LYS F 290 18.09 9.58 -14.16
C LYS F 290 16.78 9.69 -13.39
N VAL F 291 15.69 9.30 -14.03
CA VAL F 291 14.38 9.35 -13.41
C VAL F 291 14.36 8.48 -12.16
N ALA F 292 14.84 7.26 -12.30
CA ALA F 292 14.86 6.31 -11.19
C ALA F 292 15.58 6.91 -9.97
N GLN F 293 16.75 7.50 -10.21
CA GLN F 293 17.54 8.11 -9.15
C GLN F 293 16.80 9.25 -8.48
N ALA F 294 16.07 10.04 -9.27
CA ALA F 294 15.33 11.17 -8.74
C ALA F 294 14.03 10.76 -8.05
N THR F 295 13.58 9.54 -8.30
CA THR F 295 12.33 9.05 -7.72
C THR F 295 12.57 8.35 -6.37
N CYS F 296 13.78 7.85 -6.19
CA CYS F 296 14.19 7.15 -4.96
C CYS F 296 15.23 6.08 -5.29
#